data_4OGK
#
_entry.id   4OGK
#
_cell.length_a   89.970
_cell.length_b   89.970
_cell.length_c   256.560
_cell.angle_alpha   90.000
_cell.angle_beta   90.000
_cell.angle_gamma   120.000
#
_symmetry.space_group_name_H-M   'P 61'
#
loop_
_entity.id
_entity.type
_entity.pdbx_description
1 polymer 'Uridine phosphorylase'
2 non-polymer THYMIDINE
3 non-polymer 'ISOPROPYL ALCOHOL'
4 non-polymer 1,2-ETHANEDIOL
5 non-polymer DI(HYDROXYETHYL)ETHER
6 non-polymer 'TETRAETHYLENE GLYCOL'
7 non-polymer 'POTASSIUM ION'
8 water water
#
_entity_poly.entity_id   1
_entity_poly.type   'polypeptide(L)'
_entity_poly.pdbx_seq_one_letter_code
;MSKSDVFHLGLTKNDLQGAQLAIVPGDPERVEKIAALMDKPVKLASHREFTSWRAELDGKAVIVCSTGIGGPSTSIAVEE
LAQLGIRTFLRIGTTGAIQPHINVGDVLVTTASVRLDGASLHFAPMEFPAVADFACTTALVEAAKSIGATTHVGVTASSD
TFYPGQERYDTYSGRVVRRFKGSMEEWQAMGVMNYEMESATLLTMCASQGLRAGMVAGVIVNRTQQEIPNAETMKQTESH
AVKIVVEAARRLL
;
_entity_poly.pdbx_strand_id   A,B,C,D,E,F
#
loop_
_chem_comp.id
_chem_comp.type
_chem_comp.name
_chem_comp.formula
EDO non-polymer 1,2-ETHANEDIOL 'C2 H6 O2'
IPA non-polymer 'ISOPROPYL ALCOHOL' 'C3 H8 O'
K non-polymer 'POTASSIUM ION' 'K 1'
PEG non-polymer DI(HYDROXYETHYL)ETHER 'C4 H10 O3'
PG4 non-polymer 'TETRAETHYLENE GLYCOL' 'C8 H18 O5'
THM DNA OH 5 prime terminus THYMIDINE 'C10 H14 N2 O5'
#
# COMPACT_ATOMS: atom_id res chain seq x y z
N SER A 4 30.48 -6.88 -29.24
CA SER A 4 29.50 -6.31 -28.32
C SER A 4 30.08 -6.04 -26.94
N ASP A 5 29.55 -5.02 -26.28
CA ASP A 5 29.90 -4.72 -24.89
C ASP A 5 28.74 -5.12 -24.00
N VAL A 6 27.55 -5.15 -24.58
CA VAL A 6 26.31 -5.28 -23.83
C VAL A 6 25.52 -6.55 -24.21
N PHE A 7 24.93 -7.18 -23.19
CA PHE A 7 24.24 -8.46 -23.25
C PHE A 7 23.03 -8.58 -24.10
N HIS A 8 22.14 -7.65 -23.98
CA HIS A 8 20.84 -7.72 -24.66
C HIS A 8 20.82 -7.01 -26.01
N LEU A 9 21.52 -5.90 -26.12
CA LEU A 9 21.52 -5.13 -27.36
C LEU A 9 22.55 -5.65 -28.36
N GLY A 10 23.67 -6.15 -27.87
CA GLY A 10 24.69 -6.71 -28.72
C GLY A 10 25.38 -5.68 -29.59
N LEU A 11 25.68 -4.53 -29.01
CA LEU A 11 26.33 -3.44 -29.72
C LEU A 11 27.62 -3.02 -29.04
N THR A 12 28.46 -2.26 -29.74
CA THR A 12 29.69 -1.74 -29.16
C THR A 12 29.65 -0.22 -29.04
N LYS A 13 30.61 0.33 -28.29
CA LYS A 13 30.73 1.77 -28.15
C LYS A 13 31.06 2.43 -29.49
N ASN A 14 31.68 1.66 -30.38
CA ASN A 14 32.01 2.15 -31.70
C ASN A 14 30.80 2.17 -32.61
N ASP A 15 29.82 1.32 -32.28
CA ASP A 15 28.58 1.25 -33.03
C ASP A 15 27.72 2.49 -32.80
N LEU A 16 28.00 3.18 -31.70
CA LEU A 16 27.34 4.44 -31.37
C LEU A 16 27.55 5.44 -32.49
N GLN A 17 28.75 5.42 -33.06
CA GLN A 17 29.12 6.32 -34.12
C GLN A 17 29.18 7.78 -33.66
N GLY A 18 29.39 7.98 -32.37
CA GLY A 18 29.47 9.30 -31.79
C GLY A 18 28.11 9.81 -31.35
N ALA A 19 27.06 9.06 -31.68
CA ALA A 19 25.69 9.47 -31.35
C ALA A 19 25.45 9.55 -29.86
N GLN A 20 24.52 10.42 -29.47
CA GLN A 20 24.12 10.57 -28.08
C GLN A 20 22.60 10.46 -27.93
N LEU A 21 21.90 10.36 -29.05
CA LEU A 21 20.45 10.30 -29.04
C LEU A 21 19.92 9.02 -29.69
N ALA A 22 18.81 8.53 -29.17
CA ALA A 22 18.19 7.31 -29.71
C ALA A 22 16.67 7.46 -29.84
N ILE A 23 16.14 7.01 -30.97
CA ILE A 23 14.69 6.97 -31.17
C ILE A 23 14.23 5.55 -30.88
N VAL A 24 13.25 5.40 -30.00
CA VAL A 24 12.83 4.07 -29.58
C VAL A 24 11.33 3.77 -29.79
N PRO A 25 11.00 3.24 -30.99
CA PRO A 25 9.64 2.76 -31.31
C PRO A 25 9.41 1.36 -30.74
N GLY A 26 8.15 0.94 -30.68
CA GLY A 26 7.80 -0.34 -30.12
C GLY A 26 7.85 -1.48 -31.14
N ASP A 27 7.44 -1.19 -32.36
CA ASP A 27 7.46 -2.17 -33.43
C ASP A 27 8.83 -2.18 -34.10
N PRO A 28 9.45 -3.37 -34.20
CA PRO A 28 10.75 -3.52 -34.86
C PRO A 28 10.71 -3.15 -36.34
N GLU A 29 9.59 -3.45 -37.01
CA GLU A 29 9.48 -3.22 -38.45
C GLU A 29 9.12 -1.79 -38.80
N ARG A 30 9.10 -0.92 -37.82
CA ARG A 30 8.88 0.49 -38.07
C ARG A 30 10.12 1.31 -37.74
N VAL A 31 11.16 0.66 -37.25
CA VAL A 31 12.48 1.25 -37.06
C VAL A 31 13.06 1.64 -38.42
N GLU A 32 12.86 0.78 -39.41
CA GLU A 32 13.33 1.05 -40.76
C GLU A 32 12.59 2.23 -41.37
N LYS A 33 11.29 2.29 -41.12
CA LYS A 33 10.45 3.38 -41.64
C LYS A 33 10.98 4.74 -41.21
N ILE A 34 11.63 4.78 -40.06
CA ILE A 34 12.26 5.99 -39.57
C ILE A 34 13.59 6.22 -40.30
N ALA A 35 14.28 5.11 -40.57
CA ALA A 35 15.61 5.17 -41.18
C ALA A 35 15.58 5.61 -42.64
N ALA A 36 14.40 5.59 -43.25
CA ALA A 36 14.26 6.01 -44.65
C ALA A 36 14.30 7.52 -44.77
N LEU A 37 14.07 8.20 -43.65
CA LEU A 37 14.05 9.65 -43.62
C LEU A 37 15.39 10.22 -43.16
N MET A 38 16.36 9.33 -42.97
CA MET A 38 17.68 9.74 -42.53
C MET A 38 18.77 9.37 -43.53
N ASP A 39 20.00 9.78 -43.24
CA ASP A 39 21.10 9.61 -44.18
C ASP A 39 22.00 8.43 -43.80
N LYS A 40 22.44 7.69 -44.82
CA LYS A 40 23.32 6.53 -44.64
C LYS A 40 22.76 5.47 -43.68
N PRO A 41 21.58 4.90 -43.99
CA PRO A 41 20.95 3.94 -43.08
C PRO A 41 21.74 2.64 -42.96
N VAL A 42 22.21 2.35 -41.75
CA VAL A 42 23.00 1.15 -41.49
C VAL A 42 22.42 0.34 -40.34
N LYS A 43 22.10 -0.93 -40.60
CA LYS A 43 21.52 -1.80 -39.59
C LYS A 43 22.58 -2.31 -38.59
N LEU A 44 22.17 -2.53 -37.34
CA LEU A 44 23.10 -3.04 -36.31
C LEU A 44 22.83 -4.47 -35.90
N ALA A 45 21.60 -4.75 -35.45
CA ALA A 45 21.18 -6.10 -35.10
C ALA A 45 19.67 -6.16 -34.84
N SER A 46 19.11 -7.34 -35.03
CA SER A 46 17.70 -7.58 -34.74
C SER A 46 17.53 -8.92 -34.04
N HIS A 47 17.57 -8.88 -32.71
CA HIS A 47 17.41 -10.09 -31.91
C HIS A 47 16.27 -9.96 -30.93
N ARG A 48 15.55 -11.06 -30.74
CA ARG A 48 14.34 -11.06 -29.94
C ARG A 48 13.40 -9.95 -30.40
N GLU A 49 13.01 -9.08 -29.49
CA GLU A 49 12.14 -7.97 -29.81
C GLU A 49 12.96 -6.75 -30.24
N PHE A 50 14.25 -6.80 -29.97
CA PHE A 50 15.10 -5.62 -30.12
C PHE A 50 15.76 -5.53 -31.49
N THR A 51 15.40 -4.50 -32.24
CA THR A 51 16.02 -4.25 -33.54
C THR A 51 16.61 -2.84 -33.57
N SER A 52 17.93 -2.75 -33.78
CA SER A 52 18.62 -1.46 -33.77
C SER A 52 19.17 -1.05 -35.13
N TRP A 53 19.17 0.26 -35.39
CA TRP A 53 19.61 0.81 -36.67
C TRP A 53 20.47 2.05 -36.49
N ARG A 54 21.35 2.30 -37.47
CA ARG A 54 22.21 3.49 -37.45
C ARG A 54 21.93 4.38 -38.67
N ALA A 55 21.85 5.68 -38.43
CA ALA A 55 21.60 6.63 -39.51
C ALA A 55 22.10 8.03 -39.16
N GLU A 56 22.15 8.90 -40.15
CA GLU A 56 22.62 10.26 -39.96
C GLU A 56 21.45 11.25 -40.02
N LEU A 57 21.42 12.20 -39.10
CA LEU A 57 20.43 13.28 -39.16
C LEU A 57 21.12 14.62 -39.22
N ASP A 58 20.87 15.36 -40.30
CA ASP A 58 21.70 16.51 -40.69
C ASP A 58 23.14 16.02 -40.78
N GLY A 59 23.27 14.73 -41.07
CA GLY A 59 24.56 14.06 -41.06
C GLY A 59 25.11 13.73 -39.68
N LYS A 60 24.41 14.15 -38.64
CA LYS A 60 24.82 13.84 -37.27
C LYS A 60 24.29 12.47 -36.87
N ALA A 61 25.11 11.71 -36.17
CA ALA A 61 24.78 10.33 -35.84
C ALA A 61 23.59 10.19 -34.89
N VAL A 62 22.70 9.25 -35.21
CA VAL A 62 21.54 8.96 -34.39
C VAL A 62 21.13 7.49 -34.55
N ILE A 63 20.80 6.84 -33.43
CA ILE A 63 20.43 5.44 -33.43
C ILE A 63 18.93 5.27 -33.27
N VAL A 64 18.36 4.28 -33.96
CA VAL A 64 16.95 3.95 -33.79
C VAL A 64 16.81 2.47 -33.42
N CYS A 65 16.24 2.21 -32.25
CA CYS A 65 16.11 0.84 -31.76
C CYS A 65 14.70 0.53 -31.29
N SER A 66 14.26 -0.71 -31.51
CA SER A 66 12.93 -1.13 -31.10
C SER A 66 12.91 -1.55 -29.63
N THR A 67 11.86 -1.17 -28.92
CA THR A 67 11.73 -1.50 -27.51
C THR A 67 11.04 -2.83 -27.31
N GLY A 68 10.06 -3.12 -28.16
CA GLY A 68 9.24 -4.31 -28.01
C GLY A 68 7.92 -3.93 -27.36
N ILE A 69 7.30 -4.87 -26.66
CA ILE A 69 6.06 -4.58 -25.97
C ILE A 69 6.22 -4.53 -24.45
N GLY A 70 5.81 -3.40 -23.87
CA GLY A 70 5.80 -3.25 -22.42
C GLY A 70 7.04 -2.62 -21.84
N GLY A 71 6.92 -2.17 -20.60
CA GLY A 71 8.02 -1.62 -19.83
C GLY A 71 9.27 -2.50 -19.73
N PRO A 72 9.10 -3.75 -19.25
CA PRO A 72 10.20 -4.72 -19.15
C PRO A 72 11.10 -4.74 -20.38
N SER A 73 10.52 -4.96 -21.55
CA SER A 73 11.27 -4.97 -22.80
C SER A 73 11.88 -3.61 -23.05
N THR A 74 11.13 -2.56 -22.74
CA THR A 74 11.61 -1.20 -22.92
C THR A 74 12.72 -0.88 -21.93
N SER A 75 12.54 -1.31 -20.69
CA SER A 75 13.48 -1.02 -19.61
C SER A 75 14.89 -1.50 -19.93
N ILE A 76 14.99 -2.63 -20.62
CA ILE A 76 16.26 -3.24 -20.93
C ILE A 76 17.06 -2.44 -21.97
N ALA A 77 16.38 -2.07 -23.06
CA ALA A 77 17.04 -1.34 -24.14
C ALA A 77 17.48 0.07 -23.73
N VAL A 78 16.56 0.80 -23.11
CA VAL A 78 16.82 2.18 -22.68
C VAL A 78 18.00 2.23 -21.71
N GLU A 79 18.14 1.21 -20.90
CA GLU A 79 19.26 1.12 -19.97
C GLU A 79 20.57 0.94 -20.72
N GLU A 80 20.58 -0.01 -21.66
CA GLU A 80 21.80 -0.39 -22.35
C GLU A 80 22.23 0.59 -23.42
N LEU A 81 21.27 1.31 -24.00
CA LEU A 81 21.57 2.41 -24.89
C LEU A 81 22.29 3.47 -24.08
N ALA A 82 21.81 3.73 -22.88
CA ALA A 82 22.43 4.65 -21.96
C ALA A 82 23.77 4.11 -21.46
N GLN A 83 23.92 2.80 -21.46
CA GLN A 83 25.20 2.23 -21.09
C GLN A 83 26.23 2.70 -22.10
N LEU A 84 25.80 2.90 -23.34
CA LEU A 84 26.72 3.14 -24.45
C LEU A 84 27.61 4.37 -24.46
N GLY A 85 27.08 5.57 -24.26
CA GLY A 85 25.67 5.77 -24.00
C GLY A 85 25.01 7.04 -24.53
N ILE A 86 23.73 6.87 -24.82
CA ILE A 86 22.73 7.87 -25.07
C ILE A 86 22.38 8.74 -23.85
N ARG A 87 21.86 9.93 -24.12
CA ARG A 87 21.30 10.80 -23.13
C ARG A 87 19.89 11.17 -23.47
N THR A 88 19.36 10.71 -24.58
CA THR A 88 18.02 11.10 -25.00
C THR A 88 17.25 9.96 -25.68
N PHE A 89 15.93 9.90 -25.45
CA PHE A 89 15.11 8.82 -26.01
C PHE A 89 13.78 9.35 -26.57
N LEU A 90 13.29 8.71 -27.64
CA LEU A 90 12.04 9.13 -28.30
C LEU A 90 11.12 7.93 -28.51
N ARG A 91 9.87 8.04 -28.03
CA ARG A 91 9.00 6.85 -27.91
C ARG A 91 8.16 6.43 -29.14
N ILE A 92 7.39 7.36 -29.70
CA ILE A 92 6.65 7.12 -30.95
C ILE A 92 5.71 5.89 -30.99
N GLY A 93 4.91 5.68 -29.95
CA GLY A 93 4.06 4.50 -29.88
C GLY A 93 2.68 4.60 -30.53
N THR A 94 2.15 3.45 -30.96
CA THR A 94 0.78 3.37 -31.46
C THR A 94 -0.20 3.19 -30.29
N THR A 95 -1.29 3.93 -30.31
CA THR A 95 -2.20 3.97 -29.16
C THR A 95 -3.68 4.07 -29.51
N GLY A 96 -4.52 3.79 -28.53
CA GLY A 96 -5.95 3.98 -28.65
C GLY A 96 -6.43 5.03 -27.66
N ALA A 97 -7.19 6.00 -28.15
CA ALA A 97 -7.65 7.12 -27.32
C ALA A 97 -8.94 6.79 -26.59
N ILE A 98 -9.16 7.45 -25.46
CA ILE A 98 -10.33 7.20 -24.63
C ILE A 98 -11.21 8.44 -24.48
N GLN A 99 -10.80 9.54 -25.10
CA GLN A 99 -11.58 10.77 -25.06
C GLN A 99 -12.47 10.89 -26.29
N PRO A 100 -13.74 11.23 -26.10
CA PRO A 100 -14.71 11.31 -27.20
C PRO A 100 -14.44 12.47 -28.14
N HIS A 101 -13.95 13.59 -27.63
CA HIS A 101 -13.74 14.78 -28.45
C HIS A 101 -12.56 14.63 -29.40
N ILE A 102 -11.69 13.65 -29.14
CA ILE A 102 -10.55 13.38 -30.01
C ILE A 102 -10.96 12.44 -31.14
N ASN A 103 -10.52 12.75 -32.36
CA ASN A 103 -10.82 11.91 -33.52
C ASN A 103 -9.80 10.82 -33.75
N VAL A 104 -10.17 9.85 -34.58
CA VAL A 104 -9.28 8.75 -34.92
C VAL A 104 -8.21 9.21 -35.89
N GLY A 105 -6.94 8.93 -35.58
CA GLY A 105 -5.85 9.26 -36.46
C GLY A 105 -5.14 10.56 -36.10
N ASP A 106 -5.22 10.89 -34.82
CA ASP A 106 -4.62 12.13 -34.33
C ASP A 106 -3.28 11.86 -33.63
N VAL A 107 -2.47 12.90 -33.49
CA VAL A 107 -1.15 12.76 -32.86
C VAL A 107 -1.12 13.38 -31.47
N LEU A 108 -0.64 12.62 -30.48
CA LEU A 108 -0.70 13.10 -29.11
C LEU A 108 0.66 13.23 -28.43
N VAL A 109 0.92 14.42 -27.89
CA VAL A 109 2.11 14.67 -27.10
C VAL A 109 1.77 14.46 -25.62
N THR A 110 2.59 13.68 -24.93
CA THR A 110 2.35 13.38 -23.53
C THR A 110 3.34 14.09 -22.61
N THR A 111 2.79 14.81 -21.63
CA THR A 111 3.61 15.47 -20.62
C THR A 111 4.06 14.48 -19.56
N ALA A 112 3.11 13.73 -19.00
CA ALA A 112 3.41 12.73 -17.98
C ALA A 112 2.50 11.51 -18.13
N SER A 113 2.91 10.39 -17.55
CA SER A 113 2.18 9.14 -17.73
C SER A 113 1.65 8.53 -16.43
N VAL A 114 0.39 8.11 -16.45
CA VAL A 114 -0.22 7.43 -15.31
C VAL A 114 0.46 6.08 -15.10
N ARG A 115 0.98 5.86 -13.90
CA ARG A 115 1.75 4.68 -13.61
C ARG A 115 0.85 3.50 -13.35
N LEU A 116 0.27 2.97 -14.40
CA LEU A 116 -0.59 1.79 -14.30
C LEU A 116 0.23 0.54 -14.60
N ASP A 117 1.54 0.73 -14.73
CA ASP A 117 2.44 -0.38 -14.97
C ASP A 117 3.12 -0.77 -13.66
N GLY A 118 3.97 -1.77 -13.70
CA GLY A 118 4.72 -2.14 -12.51
C GLY A 118 6.21 -1.98 -12.72
N ALA A 119 6.59 -1.67 -13.97
CA ALA A 119 8.00 -1.56 -14.34
C ALA A 119 8.58 -0.25 -13.85
N SER A 120 7.72 0.71 -13.58
CA SER A 120 8.15 2.02 -13.12
C SER A 120 8.66 1.97 -11.69
N LEU A 121 8.09 1.07 -10.89
CA LEU A 121 8.44 0.97 -9.48
C LEU A 121 9.88 0.52 -9.26
N HIS A 122 10.50 -0.05 -10.30
CA HIS A 122 11.87 -0.52 -10.20
C HIS A 122 12.88 0.62 -10.20
N PHE A 123 12.47 1.77 -10.73
CA PHE A 123 13.37 2.90 -10.86
C PHE A 123 13.02 4.03 -9.90
N ALA A 124 11.74 4.12 -9.55
CA ALA A 124 11.28 5.16 -8.65
C ALA A 124 9.98 4.75 -7.97
N PRO A 125 9.80 5.18 -6.71
CA PRO A 125 8.57 4.88 -5.96
C PRO A 125 7.34 5.46 -6.66
N MET A 126 6.18 4.92 -6.32
CA MET A 126 4.92 5.29 -6.99
C MET A 126 4.63 6.78 -6.91
N GLU A 127 5.19 7.45 -5.90
CA GLU A 127 4.98 8.88 -5.73
C GLU A 127 5.66 9.71 -6.83
N PHE A 128 6.81 9.23 -7.29
CA PHE A 128 7.56 9.91 -8.34
C PHE A 128 6.75 9.91 -9.64
N PRO A 129 6.55 11.09 -10.23
CA PRO A 129 5.76 11.23 -11.46
C PRO A 129 6.49 10.69 -12.68
N ALA A 130 5.77 10.00 -13.55
CA ALA A 130 6.34 9.54 -14.81
C ALA A 130 6.29 10.65 -15.85
N VAL A 131 7.16 11.64 -15.70
CA VAL A 131 7.10 12.86 -16.50
C VAL A 131 8.18 12.93 -17.56
N ALA A 132 7.79 13.37 -18.76
CA ALA A 132 8.73 13.51 -19.88
C ALA A 132 9.53 14.79 -19.76
N ASP A 133 10.76 14.74 -20.26
CA ASP A 133 11.68 15.87 -20.24
C ASP A 133 11.12 17.07 -20.99
N PHE A 134 11.28 18.24 -20.40
CA PHE A 134 10.74 19.46 -20.98
C PHE A 134 11.34 19.79 -22.36
N ALA A 135 12.64 19.58 -22.50
CA ALA A 135 13.33 19.83 -23.75
C ALA A 135 12.78 18.91 -24.83
N CYS A 136 12.63 17.63 -24.51
CA CYS A 136 12.07 16.67 -25.46
C CYS A 136 10.60 16.92 -25.72
N THR A 137 9.87 17.34 -24.68
CA THR A 137 8.45 17.62 -24.79
C THR A 137 8.21 18.79 -25.73
N THR A 138 8.99 19.85 -25.54
CA THR A 138 8.90 21.04 -26.37
C THR A 138 9.12 20.67 -27.82
N ALA A 139 10.13 19.82 -28.06
CA ALA A 139 10.50 19.44 -29.41
C ALA A 139 9.34 18.82 -30.19
N LEU A 140 8.54 18.02 -29.52
CA LEU A 140 7.43 17.33 -30.17
C LEU A 140 6.39 18.29 -30.72
N VAL A 141 5.91 19.18 -29.87
CA VAL A 141 4.95 20.20 -30.29
C VAL A 141 5.62 21.15 -31.27
N GLU A 142 6.90 21.42 -31.05
CA GLU A 142 7.66 22.30 -31.92
C GLU A 142 7.88 21.64 -33.28
N ALA A 143 7.84 20.30 -33.30
CA ALA A 143 7.89 19.56 -34.56
C ALA A 143 6.50 19.50 -35.16
N ALA A 144 5.49 19.54 -34.29
CA ALA A 144 4.10 19.57 -34.73
C ALA A 144 3.72 21.00 -35.11
N LYS A 145 4.52 21.96 -34.65
CA LYS A 145 4.32 23.35 -35.01
C LYS A 145 4.54 23.54 -36.51
N SER A 146 5.49 22.78 -37.05
CA SER A 146 5.81 22.86 -38.46
C SER A 146 4.77 22.13 -39.29
N ILE A 147 4.31 20.99 -38.78
CA ILE A 147 3.37 20.15 -39.51
C ILE A 147 1.93 20.63 -39.34
N GLY A 148 1.55 20.94 -38.11
CA GLY A 148 0.19 21.33 -37.81
C GLY A 148 -0.69 20.11 -37.58
N ALA A 149 -0.07 19.07 -37.04
CA ALA A 149 -0.79 17.84 -36.73
C ALA A 149 -1.78 18.11 -35.60
N THR A 150 -2.92 17.41 -35.65
CA THR A 150 -3.84 17.39 -34.52
C THR A 150 -3.07 17.01 -33.28
N THR A 151 -3.02 17.92 -32.32
CA THR A 151 -2.29 17.63 -31.10
C THR A 151 -2.95 18.31 -29.91
N HIS A 152 -2.99 17.60 -28.79
CA HIS A 152 -3.55 18.14 -27.57
C HIS A 152 -2.55 18.00 -26.42
N VAL A 153 -2.75 18.79 -25.37
CA VAL A 153 -1.93 18.69 -24.17
C VAL A 153 -2.64 17.88 -23.10
N GLY A 154 -1.99 16.85 -22.58
CA GLY A 154 -2.61 16.01 -21.58
C GLY A 154 -1.79 14.82 -21.10
N VAL A 155 -2.38 14.08 -20.18
CA VAL A 155 -1.73 12.94 -19.55
C VAL A 155 -2.09 11.64 -20.28
N THR A 156 -1.20 10.65 -20.22
CA THR A 156 -1.42 9.37 -20.89
C THR A 156 -1.34 8.22 -19.90
N ALA A 157 -2.31 7.30 -19.97
CA ALA A 157 -2.28 6.10 -19.13
C ALA A 157 -1.31 5.07 -19.69
N SER A 158 -0.57 4.41 -18.80
CA SER A 158 0.39 3.40 -19.22
C SER A 158 0.23 2.10 -18.43
N SER A 159 -0.62 1.22 -18.96
CA SER A 159 -0.93 -0.05 -18.30
C SER A 159 0.05 -1.16 -18.69
N ASP A 160 0.17 -2.16 -17.82
CA ASP A 160 0.99 -3.33 -18.12
C ASP A 160 0.27 -4.24 -19.10
N THR A 161 -1.01 -4.45 -18.86
CA THR A 161 -1.78 -5.42 -19.63
C THR A 161 -2.63 -4.79 -20.73
N PHE A 162 -2.77 -5.53 -21.83
CA PHE A 162 -3.53 -5.05 -22.99
C PHE A 162 -5.03 -5.06 -22.71
N TYR A 163 -5.50 -6.11 -22.07
CA TYR A 163 -6.93 -6.30 -21.99
C TYR A 163 -7.65 -5.91 -20.71
N PRO A 164 -7.19 -6.38 -19.58
CA PRO A 164 -7.75 -5.99 -18.32
C PRO A 164 -7.48 -4.55 -17.93
N GLY A 165 -6.25 -4.10 -18.08
CA GLY A 165 -5.80 -2.77 -17.75
C GLY A 165 -6.40 -1.62 -18.51
N GLN A 166 -6.68 -1.85 -19.79
CA GLN A 166 -7.27 -0.83 -20.64
C GLN A 166 -8.77 -1.03 -20.61
N GLU A 167 -9.19 -2.04 -19.86
CA GLU A 167 -10.58 -2.45 -19.85
C GLU A 167 -11.13 -3.01 -21.14
N ARG A 168 -10.46 -4.01 -21.70
CA ARG A 168 -10.98 -4.70 -22.88
C ARG A 168 -11.65 -6.01 -22.50
N TYR A 169 -12.92 -6.15 -22.86
CA TYR A 169 -13.74 -7.23 -22.30
C TYR A 169 -13.96 -8.43 -23.22
N ASP A 170 -13.77 -8.27 -24.53
CA ASP A 170 -14.03 -9.38 -25.43
C ASP A 170 -12.80 -10.21 -25.28
N THR A 171 -12.77 -10.97 -24.21
CA THR A 171 -11.66 -11.86 -23.86
C THR A 171 -12.15 -13.15 -23.27
N TYR A 172 -11.22 -14.06 -23.06
CA TYR A 172 -11.53 -15.38 -22.55
C TYR A 172 -12.24 -15.34 -21.20
N SER A 173 -11.64 -14.64 -20.25
CA SER A 173 -12.21 -14.52 -18.91
C SER A 173 -13.46 -13.65 -18.94
N GLY A 174 -13.39 -12.53 -19.64
CA GLY A 174 -14.47 -11.56 -19.66
C GLY A 174 -14.58 -10.86 -18.33
N ARG A 175 -13.54 -11.01 -17.51
CA ARG A 175 -13.54 -10.49 -16.15
C ARG A 175 -12.45 -9.46 -15.97
N VAL A 176 -12.67 -8.51 -15.05
CA VAL A 176 -11.69 -7.48 -14.73
C VAL A 176 -11.66 -7.24 -13.21
N VAL A 177 -10.44 -7.22 -12.65
CA VAL A 177 -10.24 -7.02 -11.21
C VAL A 177 -10.85 -5.71 -10.72
N ARG A 178 -11.06 -5.60 -9.41
CA ARG A 178 -11.67 -4.43 -8.80
C ARG A 178 -10.90 -3.14 -9.10
N ARG A 179 -9.59 -3.25 -9.20
CA ARG A 179 -8.72 -2.09 -9.45
C ARG A 179 -9.06 -1.40 -10.77
N PHE A 180 -9.30 -2.21 -11.80
CA PHE A 180 -9.61 -1.66 -13.12
C PHE A 180 -11.11 -1.68 -13.41
N LYS A 181 -11.93 -1.90 -12.38
CA LYS A 181 -13.38 -1.88 -12.53
C LYS A 181 -13.89 -0.45 -12.59
N GLY A 182 -14.30 -0.01 -13.77
CA GLY A 182 -14.74 1.36 -13.97
C GLY A 182 -13.55 2.27 -14.18
N SER A 183 -12.42 1.69 -14.55
CA SER A 183 -11.19 2.43 -14.76
C SER A 183 -11.27 3.28 -16.02
N MET A 184 -12.13 2.87 -16.94
CA MET A 184 -12.26 3.51 -18.25
C MET A 184 -12.67 4.97 -18.18
N GLU A 185 -13.80 5.24 -17.51
CA GLU A 185 -14.29 6.60 -17.38
C GLU A 185 -13.62 7.30 -16.22
N GLU A 186 -12.95 6.52 -15.37
CA GLU A 186 -12.18 7.07 -14.27
C GLU A 186 -11.10 7.99 -14.81
N TRP A 187 -10.49 7.58 -15.92
CA TRP A 187 -9.45 8.38 -16.55
C TRP A 187 -10.06 9.43 -17.48
N GLN A 188 -11.28 9.17 -17.96
CA GLN A 188 -11.95 10.06 -18.89
C GLN A 188 -12.30 11.40 -18.26
N ALA A 189 -12.95 11.35 -17.10
CA ALA A 189 -13.32 12.55 -16.37
C ALA A 189 -12.08 13.19 -15.75
N MET A 190 -10.98 12.45 -15.77
CA MET A 190 -9.72 12.93 -15.25
C MET A 190 -9.00 13.76 -16.31
N GLY A 191 -9.32 13.49 -17.57
CA GLY A 191 -8.73 14.21 -18.68
C GLY A 191 -7.66 13.40 -19.39
N VAL A 192 -7.55 12.13 -19.03
CA VAL A 192 -6.58 11.23 -19.65
C VAL A 192 -6.97 10.96 -21.10
N MET A 193 -6.01 11.06 -22.00
CA MET A 193 -6.28 10.99 -23.43
C MET A 193 -6.33 9.57 -23.98
N ASN A 194 -5.39 8.72 -23.58
CA ASN A 194 -5.26 7.42 -24.23
C ASN A 194 -4.67 6.32 -23.35
N TYR A 195 -4.64 5.10 -23.88
CA TYR A 195 -4.03 3.99 -23.18
C TYR A 195 -2.80 3.55 -23.98
N GLU A 196 -1.66 3.50 -23.33
CA GLU A 196 -0.42 3.07 -23.92
C GLU A 196 0.23 2.10 -22.91
N MET A 197 1.28 1.39 -23.30
CA MET A 197 1.93 0.45 -22.42
C MET A 197 3.43 0.71 -22.18
N GLU A 198 4.05 1.69 -22.85
CA GLU A 198 5.49 1.80 -22.70
C GLU A 198 6.01 3.05 -22.05
N SER A 199 5.18 4.05 -21.94
CA SER A 199 5.56 5.40 -21.56
C SER A 199 6.05 5.52 -20.12
N ALA A 200 5.19 5.19 -19.17
CA ALA A 200 5.46 5.41 -17.75
C ALA A 200 6.80 4.84 -17.30
N THR A 201 7.14 3.65 -17.80
CA THR A 201 8.40 3.02 -17.47
C THR A 201 9.56 3.89 -17.96
N LEU A 202 9.50 4.26 -19.23
CA LEU A 202 10.53 5.06 -19.86
C LEU A 202 10.73 6.39 -19.13
N LEU A 203 9.62 7.09 -18.90
CA LEU A 203 9.66 8.43 -18.33
C LEU A 203 10.17 8.42 -16.89
N THR A 204 9.78 7.42 -16.13
CA THR A 204 10.27 7.25 -14.76
C THR A 204 11.74 6.87 -14.80
N MET A 205 12.10 6.05 -15.78
CA MET A 205 13.48 5.59 -15.93
C MET A 205 14.42 6.71 -16.31
N CYS A 206 13.89 7.70 -17.03
CA CYS A 206 14.72 8.79 -17.52
C CYS A 206 14.87 9.93 -16.52
N ALA A 207 13.74 10.45 -16.04
CA ALA A 207 13.75 11.59 -15.13
C ALA A 207 14.54 11.31 -13.85
N SER A 208 14.48 10.07 -13.37
CA SER A 208 15.11 9.70 -12.11
C SER A 208 16.55 9.22 -12.28
N GLN A 209 16.98 9.01 -13.52
CA GLN A 209 18.36 8.60 -13.78
C GLN A 209 19.13 9.71 -14.50
N GLY A 210 18.54 10.89 -14.55
CA GLY A 210 19.16 12.04 -15.18
C GLY A 210 19.19 11.92 -16.69
N LEU A 211 18.10 11.42 -17.26
CA LEU A 211 18.01 11.24 -18.70
C LEU A 211 16.84 12.02 -19.30
N ARG A 212 16.85 12.18 -20.61
CA ARG A 212 15.87 13.02 -21.30
C ARG A 212 15.03 12.19 -22.27
N ALA A 213 13.71 12.42 -22.26
CA ALA A 213 12.80 11.64 -23.09
C ALA A 213 11.51 12.37 -23.43
N GLY A 214 10.99 12.11 -24.62
CA GLY A 214 9.72 12.67 -25.06
C GLY A 214 8.75 11.56 -25.46
N MET A 215 7.49 11.92 -25.64
CA MET A 215 6.46 10.92 -25.93
C MET A 215 5.43 11.39 -26.95
N VAL A 216 5.40 10.71 -28.09
CA VAL A 216 4.47 11.04 -29.18
C VAL A 216 3.70 9.79 -29.57
N ALA A 217 2.41 9.93 -29.87
CA ALA A 217 1.59 8.77 -30.21
C ALA A 217 0.60 9.04 -31.34
N GLY A 218 0.36 8.02 -32.15
CA GLY A 218 -0.60 8.10 -33.23
C GLY A 218 -1.84 7.26 -32.94
N VAL A 219 -3.01 7.90 -33.04
CA VAL A 219 -4.26 7.23 -32.71
C VAL A 219 -4.68 6.23 -33.78
N ILE A 220 -4.90 4.99 -33.37
CA ILE A 220 -5.44 3.99 -34.29
C ILE A 220 -6.96 3.98 -34.22
N VAL A 221 -7.51 4.23 -33.03
CA VAL A 221 -8.95 4.18 -32.84
C VAL A 221 -9.35 4.89 -31.54
N ASN A 222 -10.52 5.51 -31.54
CA ASN A 222 -11.11 6.03 -30.30
C ASN A 222 -11.93 4.95 -29.64
N ARG A 223 -11.61 4.66 -28.39
CA ARG A 223 -12.23 3.56 -27.65
C ARG A 223 -13.73 3.76 -27.44
N THR A 224 -14.18 5.01 -27.51
CA THR A 224 -15.60 5.32 -27.39
C THR A 224 -16.32 5.10 -28.72
N GLN A 225 -15.66 5.45 -29.82
CA GLN A 225 -16.26 5.33 -31.15
C GLN A 225 -16.37 3.86 -31.56
N GLN A 226 -17.17 3.60 -32.59
CA GLN A 226 -17.53 2.24 -32.96
C GLN A 226 -16.85 1.71 -34.23
N GLU A 227 -16.62 2.59 -35.19
CA GLU A 227 -16.10 2.15 -36.48
C GLU A 227 -14.65 1.76 -36.48
N ILE A 228 -14.36 0.60 -37.06
CA ILE A 228 -12.99 0.13 -37.18
C ILE A 228 -12.16 1.17 -37.93
N PRO A 229 -10.89 1.27 -37.59
CA PRO A 229 -10.03 2.28 -38.20
C PRO A 229 -9.98 2.07 -39.68
N ASN A 230 -9.79 3.15 -40.41
CA ASN A 230 -9.78 3.05 -41.82
C ASN A 230 -8.42 2.55 -42.25
N ALA A 231 -8.28 1.23 -42.21
CA ALA A 231 -7.06 0.55 -42.63
C ALA A 231 -7.27 0.01 -44.04
N GLU A 232 -6.20 -0.10 -44.83
CA GLU A 232 -4.85 0.31 -44.42
C GLU A 232 -4.50 1.64 -45.05
N THR A 233 -5.52 2.43 -45.39
CA THR A 233 -5.32 3.74 -46.00
C THR A 233 -4.77 4.78 -45.02
N MET A 234 -5.32 4.81 -43.81
CA MET A 234 -4.89 5.78 -42.80
C MET A 234 -3.47 5.56 -42.30
N LYS A 235 -2.83 4.50 -42.74
CA LYS A 235 -1.48 4.18 -42.30
C LYS A 235 -0.45 5.21 -42.75
N GLN A 236 -0.84 6.07 -43.70
CA GLN A 236 0.04 7.15 -44.14
C GLN A 236 0.17 8.21 -43.05
N THR A 237 -0.81 8.21 -42.15
CA THR A 237 -0.83 9.08 -40.97
C THR A 237 0.09 8.54 -39.87
N GLU A 238 0.37 7.24 -39.92
CA GLU A 238 1.36 6.65 -39.02
C GLU A 238 2.73 7.25 -39.33
N SER A 239 2.96 7.56 -40.60
CA SER A 239 4.15 8.27 -41.02
C SER A 239 4.05 9.74 -40.63
N HIS A 240 2.82 10.23 -40.50
CA HIS A 240 2.57 11.61 -40.12
C HIS A 240 3.00 11.86 -38.67
N ALA A 241 3.04 10.79 -37.87
CA ALA A 241 3.61 10.88 -36.54
C ALA A 241 5.11 10.60 -36.64
N VAL A 242 5.47 9.79 -37.62
CA VAL A 242 6.87 9.46 -37.87
C VAL A 242 7.62 10.68 -38.36
N LYS A 243 7.00 11.44 -39.26
CA LYS A 243 7.64 12.63 -39.80
C LYS A 243 7.84 13.69 -38.72
N ILE A 244 7.01 13.63 -37.68
CA ILE A 244 7.10 14.57 -36.57
C ILE A 244 8.25 14.21 -35.62
N VAL A 245 8.26 12.96 -35.17
CA VAL A 245 9.26 12.48 -34.22
C VAL A 245 10.66 12.60 -34.81
N VAL A 246 10.76 12.46 -36.13
CA VAL A 246 12.02 12.65 -36.84
C VAL A 246 12.42 14.12 -36.79
N GLU A 247 11.46 14.98 -37.06
CA GLU A 247 11.72 16.41 -37.10
C GLU A 247 12.11 16.94 -35.72
N ALA A 248 11.63 16.28 -34.68
CA ALA A 248 11.92 16.68 -33.31
C ALA A 248 13.38 16.46 -32.94
N ALA A 249 14.08 15.63 -33.70
CA ALA A 249 15.46 15.32 -33.41
C ALA A 249 16.40 16.42 -33.88
N ARG A 250 15.98 17.15 -34.90
CA ARG A 250 16.54 18.46 -35.22
C ARG A 250 15.99 19.42 -34.17
N ARG A 251 16.76 20.45 -33.83
CA ARG A 251 16.31 21.37 -32.79
C ARG A 251 16.71 20.81 -31.44
N LEU A 252 17.42 19.69 -31.47
CA LEU A 252 18.02 19.08 -30.28
C LEU A 252 19.52 19.16 -30.40
N LEU A 253 20.00 19.57 -31.58
CA LEU A 253 21.43 19.70 -31.82
C LEU A 253 21.90 21.12 -31.53
N SER B 4 -7.72 -11.75 -39.69
CA SER B 4 -7.41 -12.51 -38.49
C SER B 4 -8.46 -12.30 -37.40
N ASP B 5 -8.47 -13.18 -36.41
CA ASP B 5 -9.37 -13.06 -35.27
C ASP B 5 -8.71 -12.26 -34.16
N VAL B 6 -7.52 -12.68 -33.77
CA VAL B 6 -6.75 -11.96 -32.76
C VAL B 6 -6.04 -10.77 -33.41
N PHE B 7 -5.30 -10.00 -32.62
CA PHE B 7 -4.71 -8.77 -33.12
C PHE B 7 -3.19 -8.85 -33.28
N HIS B 8 -2.50 -9.19 -32.21
CA HIS B 8 -1.03 -9.19 -32.21
C HIS B 8 -0.44 -10.39 -32.91
N LEU B 9 -0.96 -11.58 -32.60
CA LEU B 9 -0.42 -12.82 -33.14
C LEU B 9 -0.86 -13.03 -34.59
N GLY B 10 -2.08 -12.62 -34.91
CA GLY B 10 -2.63 -12.81 -36.25
C GLY B 10 -2.86 -14.28 -36.55
N LEU B 11 -3.34 -15.02 -35.55
CA LEU B 11 -3.55 -16.46 -35.68
C LEU B 11 -5.01 -16.82 -35.89
N THR B 12 -5.24 -18.06 -36.30
CA THR B 12 -6.58 -18.61 -36.47
C THR B 12 -6.64 -20.00 -35.86
N LYS B 13 -7.80 -20.35 -35.30
CA LYS B 13 -7.96 -21.63 -34.61
C LYS B 13 -7.67 -22.86 -35.47
N ASN B 14 -7.65 -22.66 -36.79
CA ASN B 14 -7.32 -23.73 -37.72
C ASN B 14 -5.83 -24.00 -37.73
N ASP B 15 -5.04 -22.94 -37.53
CA ASP B 15 -3.59 -23.07 -37.45
C ASP B 15 -3.23 -23.94 -36.25
N LEU B 16 -4.10 -23.94 -35.24
CA LEU B 16 -3.92 -24.80 -34.08
C LEU B 16 -4.11 -26.24 -34.50
N GLN B 17 -5.10 -26.44 -35.35
CA GLN B 17 -5.59 -27.77 -35.72
C GLN B 17 -6.11 -28.58 -34.53
N GLY B 18 -6.83 -27.92 -33.62
CA GLY B 18 -7.29 -28.53 -32.41
C GLY B 18 -6.32 -28.70 -31.27
N ALA B 19 -5.22 -27.94 -31.28
CA ALA B 19 -4.27 -27.91 -30.18
C ALA B 19 -4.84 -27.12 -29.00
N GLN B 20 -4.64 -27.65 -27.81
CA GLN B 20 -5.09 -26.99 -26.59
C GLN B 20 -3.94 -26.80 -25.61
N LEU B 21 -2.77 -27.32 -26.00
CA LEU B 21 -1.56 -27.21 -25.18
C LEU B 21 -0.52 -26.37 -25.92
N ALA B 22 0.23 -25.57 -25.19
CA ALA B 22 1.21 -24.68 -25.80
C ALA B 22 2.49 -24.50 -24.97
N ILE B 23 3.63 -24.70 -25.64
CA ILE B 23 4.92 -24.36 -25.06
C ILE B 23 5.24 -22.94 -25.46
N VAL B 24 5.42 -22.07 -24.47
CA VAL B 24 5.59 -20.65 -24.76
C VAL B 24 6.86 -20.03 -24.19
N PRO B 25 7.99 -20.23 -24.90
CA PRO B 25 9.21 -19.51 -24.54
C PRO B 25 9.13 -18.09 -25.06
N GLY B 26 10.00 -17.20 -24.58
CA GLY B 26 9.93 -15.80 -24.96
C GLY B 26 10.56 -15.48 -26.31
N ASP B 27 11.67 -16.14 -26.61
CA ASP B 27 12.43 -15.86 -27.83
C ASP B 27 11.77 -16.45 -29.07
N PRO B 28 11.60 -15.62 -30.11
CA PRO B 28 11.05 -16.02 -31.41
C PRO B 28 11.95 -17.01 -32.16
N GLU B 29 13.25 -16.77 -32.12
CA GLU B 29 14.23 -17.60 -32.80
C GLU B 29 14.30 -19.02 -32.34
N ARG B 30 14.26 -19.24 -31.04
CA ARG B 30 14.37 -20.58 -30.49
C ARG B 30 13.23 -21.48 -30.89
N VAL B 31 12.04 -20.92 -31.07
CA VAL B 31 10.85 -21.73 -31.27
C VAL B 31 11.04 -22.85 -32.26
N GLU B 32 11.82 -22.61 -33.29
CA GLU B 32 12.09 -23.58 -34.29
C GLU B 32 12.62 -24.85 -33.71
N LYS B 33 13.61 -24.76 -32.87
CA LYS B 33 14.29 -25.93 -32.31
C LYS B 33 13.37 -26.77 -31.43
N ILE B 34 12.46 -26.10 -30.74
CA ILE B 34 11.50 -26.78 -29.88
C ILE B 34 10.59 -27.69 -30.70
N ALA B 35 10.21 -27.23 -31.89
CA ALA B 35 9.39 -28.01 -32.79
C ALA B 35 10.22 -28.99 -33.62
N ALA B 36 11.51 -28.72 -33.74
CA ALA B 36 12.42 -29.59 -34.48
C ALA B 36 12.64 -30.91 -33.75
N LEU B 37 12.32 -30.93 -32.47
CA LEU B 37 12.38 -32.16 -31.68
C LEU B 37 11.00 -32.77 -31.57
N MET B 38 10.04 -32.13 -32.22
CA MET B 38 8.68 -32.64 -32.27
C MET B 38 8.37 -33.15 -33.66
N ASP B 39 7.21 -33.73 -33.85
CA ASP B 39 6.93 -34.36 -35.10
C ASP B 39 5.99 -33.49 -35.91
N LYS B 40 6.22 -33.47 -37.22
CA LYS B 40 5.56 -32.57 -38.13
C LYS B 40 5.74 -31.08 -37.89
N PRO B 41 6.97 -30.61 -37.86
CA PRO B 41 7.20 -29.22 -37.53
C PRO B 41 6.66 -28.27 -38.57
N VAL B 42 5.66 -27.49 -38.21
CA VAL B 42 5.06 -26.54 -39.09
C VAL B 42 5.05 -25.14 -38.48
N LYS B 43 5.74 -24.19 -39.11
CA LYS B 43 5.69 -22.79 -38.75
C LYS B 43 4.33 -22.27 -39.03
N LEU B 44 3.78 -21.43 -38.16
CA LEU B 44 2.42 -20.95 -38.30
C LEU B 44 2.26 -19.51 -38.72
N ALA B 45 2.86 -18.58 -37.98
CA ALA B 45 2.82 -17.17 -38.29
C ALA B 45 3.94 -16.42 -37.58
N SER B 46 4.43 -15.31 -38.10
CA SER B 46 5.55 -14.69 -37.42
C SER B 46 5.48 -13.20 -37.35
N HIS B 47 4.63 -12.67 -36.50
CA HIS B 47 4.43 -11.24 -36.41
C HIS B 47 4.94 -10.67 -35.09
N ARG B 48 5.53 -9.49 -35.16
CA ARG B 48 6.11 -8.83 -33.99
C ARG B 48 7.10 -9.71 -33.25
N GLU B 49 6.88 -9.85 -31.95
CA GLU B 49 7.73 -10.67 -31.09
C GLU B 49 7.14 -12.06 -30.99
N PHE B 50 6.00 -12.26 -31.64
CA PHE B 50 5.22 -13.47 -31.46
C PHE B 50 5.28 -14.38 -32.68
N THR B 51 6.11 -15.39 -32.60
CA THR B 51 6.21 -16.40 -33.65
C THR B 51 5.58 -17.70 -33.18
N SER B 52 4.50 -18.10 -33.86
CA SER B 52 3.77 -19.30 -33.47
C SER B 52 4.05 -20.48 -34.40
N TRP B 53 4.07 -21.67 -33.84
CA TRP B 53 4.30 -22.90 -34.61
C TRP B 53 3.29 -23.97 -34.22
N ARG B 54 3.09 -24.93 -35.11
CA ARG B 54 2.21 -26.07 -34.83
C ARG B 54 2.95 -27.39 -34.98
N ALA B 55 2.87 -28.23 -33.97
CA ALA B 55 3.52 -29.54 -33.99
C ALA B 55 2.56 -30.61 -33.51
N GLU B 56 3.01 -31.86 -33.60
CA GLU B 56 2.24 -32.98 -33.10
C GLU B 56 3.11 -33.91 -32.28
N LEU B 57 2.65 -34.25 -31.08
CA LEU B 57 3.36 -35.20 -30.23
C LEU B 57 2.35 -36.19 -29.66
N ASP B 58 2.70 -37.47 -29.70
CA ASP B 58 1.80 -38.55 -29.28
C ASP B 58 0.49 -38.59 -30.07
N GLY B 59 0.49 -37.98 -31.25
CA GLY B 59 -0.68 -37.98 -32.12
C GLY B 59 -1.58 -36.78 -31.93
N LYS B 60 -1.28 -36.00 -30.91
CA LYS B 60 -2.08 -34.85 -30.54
C LYS B 60 -1.48 -33.50 -30.93
N ALA B 61 -2.33 -32.55 -31.27
CA ALA B 61 -1.82 -31.27 -31.76
C ALA B 61 -1.20 -30.42 -30.64
N VAL B 62 0.03 -29.97 -30.88
CA VAL B 62 0.76 -29.15 -29.92
C VAL B 62 1.20 -27.84 -30.59
N ILE B 63 1.53 -26.84 -29.79
CA ILE B 63 1.87 -25.51 -30.31
C ILE B 63 3.02 -24.85 -29.55
N VAL B 64 3.93 -24.22 -30.28
CA VAL B 64 5.00 -23.44 -29.66
C VAL B 64 5.01 -21.99 -30.17
N CYS B 65 4.58 -21.07 -29.32
CA CYS B 65 4.53 -19.65 -29.68
C CYS B 65 5.40 -18.81 -28.76
N SER B 66 6.02 -17.76 -29.32
CA SER B 66 6.88 -16.89 -28.54
C SER B 66 6.10 -15.77 -27.85
N THR B 67 6.45 -15.48 -26.60
CA THR B 67 5.74 -14.49 -25.80
C THR B 67 6.51 -13.17 -25.70
N GLY B 68 7.83 -13.25 -25.80
CA GLY B 68 8.68 -12.09 -25.70
C GLY B 68 9.23 -11.92 -24.30
N ILE B 69 9.78 -10.74 -24.02
CA ILE B 69 10.32 -10.45 -22.70
C ILE B 69 9.35 -9.63 -21.86
N GLY B 70 9.16 -10.06 -20.61
CA GLY B 70 8.42 -9.35 -19.61
C GLY B 70 6.95 -9.65 -19.57
N GLY B 71 6.29 -9.15 -18.55
CA GLY B 71 4.91 -9.46 -18.34
C GLY B 71 3.90 -9.04 -19.35
N PRO B 72 3.99 -7.83 -19.85
CA PRO B 72 2.92 -7.32 -20.69
C PRO B 72 2.69 -8.08 -21.98
N SER B 73 3.76 -8.38 -22.69
CA SER B 73 3.67 -9.13 -23.91
C SER B 73 3.22 -10.51 -23.62
N THR B 74 3.72 -11.04 -22.52
CA THR B 74 3.39 -12.37 -22.05
C THR B 74 1.91 -12.47 -21.72
N SER B 75 1.38 -11.42 -21.18
CA SER B 75 -0.02 -11.38 -20.92
C SER B 75 -0.85 -11.42 -22.15
N ILE B 76 -0.38 -10.70 -23.18
CA ILE B 76 -1.15 -10.60 -24.42
C ILE B 76 -1.16 -11.92 -25.18
N ALA B 77 0.02 -12.54 -25.29
CA ALA B 77 0.17 -13.80 -25.99
C ALA B 77 -0.71 -14.88 -25.38
N VAL B 78 -0.55 -15.08 -24.07
CA VAL B 78 -1.33 -16.07 -23.34
C VAL B 78 -2.82 -15.80 -23.48
N GLU B 79 -3.20 -14.53 -23.43
CA GLU B 79 -4.59 -14.15 -23.62
C GLU B 79 -5.10 -14.57 -24.99
N GLU B 80 -4.39 -14.16 -26.03
CA GLU B 80 -4.78 -14.46 -27.40
C GLU B 80 -4.77 -15.96 -27.67
N LEU B 81 -3.70 -16.63 -27.22
CA LEU B 81 -3.58 -18.07 -27.38
C LEU B 81 -4.72 -18.80 -26.70
N ALA B 82 -5.10 -18.33 -25.52
CA ALA B 82 -6.19 -18.96 -24.77
C ALA B 82 -7.53 -18.73 -25.45
N GLN B 83 -7.67 -17.62 -26.14
CA GLN B 83 -8.83 -17.34 -26.98
C GLN B 83 -8.94 -18.26 -28.21
N LEU B 84 -7.83 -18.88 -28.57
CA LEU B 84 -7.77 -19.79 -29.69
C LEU B 84 -8.55 -21.09 -29.69
N GLY B 85 -8.62 -21.85 -28.60
CA GLY B 85 -8.03 -21.51 -27.33
C GLY B 85 -7.23 -22.61 -26.68
N ILE B 86 -6.00 -22.26 -26.34
CA ILE B 86 -5.20 -23.12 -25.53
C ILE B 86 -5.66 -23.08 -24.09
N ARG B 87 -5.49 -24.18 -23.39
CA ARG B 87 -5.85 -24.23 -21.98
C ARG B 87 -4.68 -24.65 -21.10
N THR B 88 -3.57 -25.04 -21.72
CA THR B 88 -2.37 -25.45 -20.99
C THR B 88 -1.14 -24.70 -21.51
N PHE B 89 -0.38 -24.11 -20.60
CA PHE B 89 0.78 -23.30 -20.99
C PHE B 89 2.05 -23.74 -20.29
N LEU B 90 2.99 -24.27 -21.06
CA LEU B 90 4.28 -24.67 -20.52
C LEU B 90 5.33 -23.62 -20.83
N ARG B 91 5.69 -22.82 -19.82
CA ARG B 91 6.66 -21.75 -20.02
C ARG B 91 8.09 -22.25 -19.80
N ILE B 92 8.92 -22.03 -20.81
CA ILE B 92 10.34 -22.37 -20.72
C ILE B 92 11.20 -21.16 -21.08
N GLY B 93 12.22 -20.90 -20.28
CA GLY B 93 13.09 -19.76 -20.52
C GLY B 93 14.45 -19.92 -19.86
N THR B 94 15.21 -18.83 -19.86
CA THR B 94 16.50 -18.81 -19.20
C THR B 94 16.39 -17.99 -17.92
N THR B 95 17.33 -18.18 -17.00
CA THR B 95 17.25 -17.50 -15.72
C THR B 95 18.60 -17.37 -15.01
N GLY B 96 18.56 -16.69 -13.86
CA GLY B 96 19.73 -16.49 -13.03
C GLY B 96 19.61 -17.16 -11.68
N ALA B 97 20.59 -17.98 -11.33
CA ALA B 97 20.59 -18.68 -10.06
C ALA B 97 20.97 -17.75 -8.93
N ILE B 98 20.17 -17.77 -7.86
CA ILE B 98 20.47 -16.99 -6.68
C ILE B 98 20.89 -17.89 -5.52
N GLN B 99 20.91 -19.19 -5.78
CA GLN B 99 21.34 -20.16 -4.78
C GLN B 99 22.62 -20.86 -5.21
N PRO B 100 23.65 -20.79 -4.36
CA PRO B 100 24.97 -21.36 -4.65
C PRO B 100 24.93 -22.86 -4.94
N HIS B 101 24.03 -23.56 -4.28
CA HIS B 101 23.92 -25.00 -4.47
C HIS B 101 23.33 -25.32 -5.84
N ILE B 102 22.45 -24.46 -6.32
CA ILE B 102 21.92 -24.60 -7.68
C ILE B 102 23.04 -24.27 -8.66
N ASN B 103 23.56 -25.31 -9.31
CA ASN B 103 24.77 -25.18 -10.12
C ASN B 103 24.51 -24.81 -11.58
N VAL B 104 25.58 -24.53 -12.32
CA VAL B 104 25.47 -24.24 -13.74
C VAL B 104 25.12 -25.50 -14.52
N GLY B 105 24.02 -25.45 -15.26
CA GLY B 105 23.56 -26.60 -16.00
C GLY B 105 22.43 -27.32 -15.29
N ASP B 106 21.74 -26.60 -14.41
CA ASP B 106 20.65 -27.18 -13.64
C ASP B 106 19.28 -26.76 -14.16
N VAL B 107 18.33 -27.67 -14.06
CA VAL B 107 16.96 -27.41 -14.50
C VAL B 107 16.10 -26.95 -13.32
N LEU B 108 15.32 -25.91 -13.53
CA LEU B 108 14.51 -25.33 -12.46
C LEU B 108 13.01 -25.49 -12.70
N VAL B 109 12.34 -26.16 -11.76
CA VAL B 109 10.89 -26.26 -11.80
C VAL B 109 10.29 -25.36 -10.74
N THR B 110 9.31 -24.56 -11.13
CA THR B 110 8.72 -23.56 -10.23
C THR B 110 7.29 -23.91 -9.82
N THR B 111 7.08 -24.02 -8.51
CA THR B 111 5.74 -24.27 -7.99
C THR B 111 4.96 -22.96 -7.88
N ALA B 112 5.63 -21.93 -7.37
CA ALA B 112 5.01 -20.62 -7.25
C ALA B 112 6.06 -19.52 -7.41
N SER B 113 5.60 -18.32 -7.77
CA SER B 113 6.53 -17.24 -8.07
C SER B 113 6.29 -15.96 -7.26
N VAL B 114 7.39 -15.27 -6.94
CA VAL B 114 7.32 -14.00 -6.24
C VAL B 114 6.93 -12.89 -7.23
N ARG B 115 5.87 -12.16 -6.89
CA ARG B 115 5.29 -11.20 -7.81
C ARG B 115 5.90 -9.80 -7.72
N LEU B 116 7.11 -9.64 -8.27
CA LEU B 116 7.76 -8.34 -8.33
C LEU B 116 7.36 -7.65 -9.62
N ASP B 117 6.40 -8.24 -10.32
CA ASP B 117 5.88 -7.67 -11.55
C ASP B 117 4.60 -6.88 -11.29
N GLY B 118 4.14 -6.15 -12.29
CA GLY B 118 2.95 -5.33 -12.13
C GLY B 118 1.75 -5.80 -12.94
N ALA B 119 2.01 -6.62 -13.96
CA ALA B 119 0.94 -7.11 -14.83
C ALA B 119 0.06 -8.14 -14.12
N SER B 120 0.61 -8.80 -13.11
CA SER B 120 -0.13 -9.80 -12.36
C SER B 120 -1.19 -9.16 -11.45
N LEU B 121 -1.00 -7.88 -11.13
CA LEU B 121 -1.98 -7.14 -10.35
C LEU B 121 -3.23 -6.84 -11.17
N HIS B 122 -3.12 -7.02 -12.48
CA HIS B 122 -4.22 -6.70 -13.39
C HIS B 122 -5.23 -7.85 -13.49
N PHE B 123 -4.86 -9.01 -12.96
CA PHE B 123 -5.74 -10.17 -13.03
C PHE B 123 -6.18 -10.61 -11.65
N ALA B 124 -5.33 -10.38 -10.66
CA ALA B 124 -5.63 -10.75 -9.29
C ALA B 124 -4.83 -9.87 -8.33
N PRO B 125 -5.47 -9.47 -7.22
CA PRO B 125 -4.81 -8.69 -6.17
C PRO B 125 -3.58 -9.43 -5.65
N MET B 126 -2.63 -8.69 -5.09
CA MET B 126 -1.36 -9.26 -4.66
C MET B 126 -1.50 -10.36 -3.62
N GLU B 127 -2.66 -10.41 -2.97
CA GLU B 127 -2.97 -11.47 -2.01
C GLU B 127 -2.98 -12.83 -2.69
N PHE B 128 -3.44 -12.86 -3.95
CA PHE B 128 -3.52 -14.11 -4.71
C PHE B 128 -2.12 -14.60 -5.06
N PRO B 129 -1.86 -15.89 -4.82
CA PRO B 129 -0.55 -16.49 -5.08
C PRO B 129 -0.31 -16.80 -6.55
N ALA B 130 0.88 -16.50 -7.03
CA ALA B 130 1.28 -16.86 -8.38
C ALA B 130 1.75 -18.30 -8.38
N VAL B 131 0.80 -19.23 -8.29
CA VAL B 131 1.12 -20.64 -8.13
C VAL B 131 0.90 -21.43 -9.43
N ALA B 132 1.81 -22.36 -9.71
CA ALA B 132 1.68 -23.22 -10.88
C ALA B 132 0.68 -24.34 -10.63
N ASP B 133 -0.03 -24.73 -11.69
CA ASP B 133 -0.98 -25.83 -11.60
C ASP B 133 -0.26 -27.12 -11.30
N PHE B 134 -0.79 -27.88 -10.36
CA PHE B 134 -0.12 -29.09 -9.88
C PHE B 134 0.04 -30.15 -10.96
N ALA B 135 -0.99 -30.33 -11.78
CA ALA B 135 -0.95 -31.31 -12.85
C ALA B 135 0.20 -31.03 -13.81
N CYS B 136 0.33 -29.76 -14.19
CA CYS B 136 1.42 -29.34 -15.07
C CYS B 136 2.75 -29.50 -14.34
N THR B 137 2.79 -29.06 -13.09
CA THR B 137 3.99 -29.15 -12.27
C THR B 137 4.47 -30.59 -12.16
N THR B 138 3.59 -31.46 -11.68
CA THR B 138 3.89 -32.86 -11.50
C THR B 138 4.43 -33.46 -12.79
N ALA B 139 3.71 -33.22 -13.88
CA ALA B 139 4.13 -33.69 -15.20
C ALA B 139 5.52 -33.16 -15.54
N LEU B 140 5.76 -31.89 -15.22
CA LEU B 140 7.05 -31.27 -15.44
C LEU B 140 8.11 -31.88 -14.54
N VAL B 141 7.78 -32.02 -13.26
CA VAL B 141 8.73 -32.59 -12.29
C VAL B 141 9.05 -34.04 -12.64
N GLU B 142 8.02 -34.83 -12.91
CA GLU B 142 8.21 -36.24 -13.22
C GLU B 142 8.92 -36.42 -14.55
N ALA B 143 8.83 -35.41 -15.41
CA ALA B 143 9.56 -35.41 -16.67
C ALA B 143 11.05 -35.29 -16.39
N ALA B 144 11.37 -34.41 -15.48
CA ALA B 144 12.74 -34.22 -15.07
C ALA B 144 13.20 -35.48 -14.41
N LYS B 145 12.28 -36.16 -13.75
CA LYS B 145 12.54 -37.46 -13.19
C LYS B 145 12.84 -38.52 -14.26
N SER B 146 12.05 -38.52 -15.32
CA SER B 146 12.25 -39.46 -16.40
C SER B 146 13.59 -39.27 -17.10
N ILE B 147 14.00 -38.05 -17.34
CA ILE B 147 15.30 -37.80 -17.89
C ILE B 147 16.51 -38.03 -16.99
N GLY B 148 16.52 -37.67 -15.75
CA GLY B 148 17.80 -37.84 -15.12
C GLY B 148 18.71 -36.68 -15.24
N ALA B 149 18.13 -35.50 -15.13
CA ALA B 149 18.86 -34.23 -15.09
C ALA B 149 18.70 -33.47 -13.81
N THR B 150 19.77 -32.80 -13.43
CA THR B 150 19.82 -32.10 -12.19
C THR B 150 18.63 -31.18 -12.13
N THR B 151 17.86 -31.24 -11.07
CA THR B 151 16.62 -30.51 -10.99
C THR B 151 16.39 -29.94 -9.64
N HIS B 152 15.70 -28.82 -9.57
CA HIS B 152 15.36 -28.22 -8.28
C HIS B 152 13.91 -27.74 -8.27
N VAL B 153 13.28 -27.91 -7.13
CA VAL B 153 11.89 -27.56 -6.93
C VAL B 153 11.77 -26.50 -5.85
N GLY B 154 10.92 -25.52 -6.07
CA GLY B 154 10.96 -24.31 -5.28
C GLY B 154 10.15 -23.14 -5.75
N VAL B 155 10.59 -21.97 -5.33
CA VAL B 155 9.97 -20.68 -5.64
C VAL B 155 10.86 -19.82 -6.56
N THR B 156 10.25 -18.99 -7.40
CA THR B 156 10.98 -18.16 -8.35
C THR B 156 10.59 -16.68 -8.22
N ALA B 157 11.55 -15.79 -8.38
CA ALA B 157 11.26 -14.35 -8.37
C ALA B 157 10.95 -13.86 -9.78
N SER B 158 10.01 -12.92 -9.90
CA SER B 158 9.61 -12.39 -11.19
C SER B 158 9.57 -10.86 -11.19
N SER B 159 10.65 -10.25 -11.67
CA SER B 159 10.73 -8.79 -11.72
C SER B 159 10.17 -8.23 -13.01
N ASP B 160 9.69 -6.99 -12.96
CA ASP B 160 9.29 -6.29 -14.16
C ASP B 160 10.52 -5.91 -14.95
N THR B 161 11.58 -5.56 -14.24
CA THR B 161 12.77 -5.00 -14.88
C THR B 161 13.98 -5.89 -14.70
N PHE B 162 14.83 -5.95 -15.73
CA PHE B 162 15.97 -6.87 -15.73
C PHE B 162 17.09 -6.49 -14.75
N TYR B 163 17.45 -5.21 -14.71
CA TYR B 163 18.61 -4.81 -13.92
C TYR B 163 18.32 -4.49 -12.43
N PRO B 164 17.42 -3.51 -12.16
CA PRO B 164 17.07 -3.24 -10.75
C PRO B 164 16.52 -4.46 -10.00
N GLY B 165 15.41 -5.02 -10.48
CA GLY B 165 14.72 -6.10 -9.78
C GLY B 165 15.59 -7.28 -9.39
N GLN B 166 16.72 -7.43 -10.06
CA GLN B 166 17.63 -8.54 -9.79
C GLN B 166 18.96 -8.03 -9.24
N GLU B 167 18.94 -6.84 -8.66
CA GLU B 167 20.09 -6.26 -7.97
C GLU B 167 21.33 -6.14 -8.84
N ARG B 168 21.22 -5.45 -9.98
CA ARG B 168 22.36 -5.25 -10.86
C ARG B 168 22.88 -3.82 -10.72
N TYR B 169 24.18 -3.68 -10.52
CA TYR B 169 24.76 -2.39 -10.16
C TYR B 169 25.31 -1.61 -11.33
N ASP B 170 25.94 -2.28 -12.27
CA ASP B 170 26.69 -1.59 -13.27
C ASP B 170 25.73 -1.06 -14.31
N THR B 171 25.00 -0.01 -13.98
CA THR B 171 24.16 0.72 -14.91
C THR B 171 24.69 2.15 -14.96
N TYR B 172 24.04 3.02 -15.75
CA TYR B 172 24.52 4.40 -15.89
C TYR B 172 24.63 5.11 -14.55
N SER B 173 23.51 5.22 -13.85
CA SER B 173 23.51 5.81 -12.52
C SER B 173 24.19 4.85 -11.56
N GLY B 174 23.94 3.57 -11.75
CA GLY B 174 24.45 2.55 -10.86
C GLY B 174 23.58 2.44 -9.63
N ARG B 175 22.36 2.95 -9.71
CA ARG B 175 21.47 2.98 -8.56
C ARG B 175 20.13 2.30 -8.84
N VAL B 176 19.58 1.79 -7.77
CA VAL B 176 18.28 1.18 -7.76
C VAL B 176 17.48 1.65 -6.57
N VAL B 177 16.18 1.66 -6.71
CA VAL B 177 15.34 2.19 -5.70
C VAL B 177 15.40 1.36 -4.44
N ARG B 178 15.07 1.97 -3.31
CA ARG B 178 15.29 1.41 -2.02
C ARG B 178 14.58 0.09 -1.90
N ARG B 179 13.49 -0.03 -2.60
CA ARG B 179 12.64 -1.18 -2.53
C ARG B 179 13.41 -2.44 -2.86
N PHE B 180 14.39 -2.34 -3.73
CA PHE B 180 15.18 -3.47 -4.20
C PHE B 180 16.56 -3.51 -3.63
N LYS B 181 16.68 -2.99 -2.42
CA LYS B 181 17.97 -2.92 -1.74
C LYS B 181 18.18 -4.20 -0.98
N GLY B 182 19.28 -4.86 -1.30
CA GLY B 182 19.63 -6.13 -0.69
C GLY B 182 18.47 -7.10 -0.73
N SER B 183 17.56 -6.87 -1.68
CA SER B 183 16.35 -7.68 -1.80
C SER B 183 16.70 -9.08 -2.27
N MET B 184 17.83 -9.21 -2.97
CA MET B 184 18.33 -10.51 -3.38
C MET B 184 18.72 -11.31 -2.15
N GLU B 185 19.30 -10.63 -1.17
CA GLU B 185 19.67 -11.27 0.09
C GLU B 185 18.43 -11.73 0.84
N GLU B 186 17.32 -11.02 0.66
CA GLU B 186 16.04 -11.42 1.23
C GLU B 186 15.64 -12.78 0.68
N TRP B 187 15.64 -12.89 -0.65
CA TRP B 187 15.29 -14.15 -1.30
C TRP B 187 16.36 -15.21 -1.01
N GLN B 188 17.60 -14.76 -0.87
CA GLN B 188 18.71 -15.63 -0.51
C GLN B 188 18.42 -16.39 0.78
N ALA B 189 17.84 -15.69 1.74
CA ALA B 189 17.51 -16.29 3.02
C ALA B 189 16.14 -16.95 3.00
N MET B 190 15.23 -16.39 2.21
CA MET B 190 13.86 -16.91 2.14
C MET B 190 13.78 -18.23 1.37
N GLY B 191 14.74 -18.47 0.48
CA GLY B 191 14.83 -19.73 -0.21
C GLY B 191 14.34 -19.75 -1.64
N VAL B 192 14.17 -18.56 -2.23
CA VAL B 192 13.80 -18.47 -3.64
C VAL B 192 14.96 -19.02 -4.48
N MET B 193 14.65 -19.60 -5.62
CA MET B 193 15.65 -20.30 -6.42
C MET B 193 16.33 -19.42 -7.47
N ASN B 194 15.54 -18.71 -8.27
CA ASN B 194 16.07 -18.03 -9.43
C ASN B 194 15.42 -16.69 -9.77
N TYR B 195 15.86 -16.10 -10.87
CA TYR B 195 15.34 -14.82 -11.34
C TYR B 195 14.93 -14.91 -12.81
N GLU B 196 13.65 -14.65 -13.07
CA GLU B 196 13.17 -14.48 -14.44
C GLU B 196 12.16 -13.33 -14.49
N MET B 197 11.59 -13.08 -15.66
CA MET B 197 10.76 -11.89 -15.84
C MET B 197 9.32 -12.16 -16.28
N GLU B 198 8.92 -13.42 -16.33
CA GLU B 198 7.66 -13.75 -17.00
C GLU B 198 6.66 -14.60 -16.20
N SER B 199 7.15 -15.43 -15.28
CA SER B 199 6.32 -16.46 -14.64
C SER B 199 5.11 -15.95 -13.89
N ALA B 200 5.33 -15.04 -12.94
CA ALA B 200 4.27 -14.55 -12.07
C ALA B 200 3.05 -14.07 -12.83
N THR B 201 3.27 -13.53 -14.02
CA THR B 201 2.17 -13.13 -14.89
C THR B 201 1.40 -14.36 -15.34
N LEU B 202 2.11 -15.30 -15.96
CA LEU B 202 1.51 -16.53 -16.44
C LEU B 202 0.78 -17.26 -15.33
N LEU B 203 1.49 -17.51 -14.24
CA LEU B 203 0.96 -18.27 -13.12
C LEU B 203 -0.31 -17.62 -12.55
N THR B 204 -0.25 -16.33 -12.32
CA THR B 204 -1.39 -15.63 -11.84
C THR B 204 -2.48 -15.59 -12.87
N MET B 205 -2.11 -15.41 -14.14
CA MET B 205 -3.06 -15.24 -15.22
C MET B 205 -3.89 -16.48 -15.35
N CYS B 206 -3.22 -17.60 -15.34
CA CYS B 206 -3.95 -18.84 -15.47
C CYS B 206 -4.80 -19.26 -14.27
N ALA B 207 -4.23 -19.13 -13.08
CA ALA B 207 -4.89 -19.50 -11.86
C ALA B 207 -6.11 -18.67 -11.58
N SER B 208 -6.00 -17.40 -11.88
CA SER B 208 -7.11 -16.47 -11.87
C SER B 208 -8.13 -16.67 -12.95
N GLN B 209 -7.64 -17.12 -14.11
CA GLN B 209 -8.43 -17.17 -15.35
C GLN B 209 -9.67 -18.07 -15.37
N GLY B 210 -9.58 -19.31 -14.89
CA GLY B 210 -8.35 -19.96 -14.51
C GLY B 210 -8.14 -21.21 -15.32
N LEU B 211 -6.86 -21.49 -15.49
CA LEU B 211 -6.37 -22.48 -16.43
C LEU B 211 -5.03 -23.04 -15.98
N ARG B 212 -4.69 -24.20 -16.50
CA ARG B 212 -3.43 -24.83 -16.21
C ARG B 212 -2.23 -24.18 -16.88
N ALA B 213 -1.11 -24.15 -16.17
CA ALA B 213 0.12 -23.58 -16.69
C ALA B 213 1.29 -24.25 -16.01
N GLY B 214 2.46 -24.23 -16.65
CA GLY B 214 3.63 -24.81 -16.00
C GLY B 214 4.88 -23.98 -16.26
N MET B 215 5.81 -24.01 -15.37
CA MET B 215 7.03 -23.34 -15.64
C MET B 215 8.23 -24.17 -15.36
N VAL B 216 9.08 -24.27 -16.38
CA VAL B 216 10.38 -24.91 -16.29
C VAL B 216 11.40 -23.97 -16.92
N ALA B 217 12.64 -24.01 -16.42
CA ALA B 217 13.65 -23.09 -16.85
C ALA B 217 15.02 -23.65 -16.77
N GLY B 218 16.01 -22.87 -17.18
CA GLY B 218 17.38 -23.35 -17.20
C GLY B 218 18.40 -22.35 -16.69
N VAL B 219 19.40 -22.86 -15.97
CA VAL B 219 20.47 -22.01 -15.46
C VAL B 219 21.42 -21.61 -16.58
N ILE B 220 21.46 -20.31 -16.87
CA ILE B 220 22.44 -19.78 -17.81
C ILE B 220 23.34 -18.78 -17.11
N VAL B 221 23.18 -18.66 -15.79
CA VAL B 221 24.04 -17.80 -14.97
C VAL B 221 23.84 -18.00 -13.46
N ASN B 222 24.91 -17.95 -12.70
CA ASN B 222 24.81 -17.76 -11.28
C ASN B 222 25.56 -16.49 -10.87
N ARG B 223 24.84 -15.48 -10.44
CA ARG B 223 25.49 -14.27 -9.98
C ARG B 223 26.28 -14.48 -8.70
N THR B 224 25.63 -15.18 -7.81
CA THR B 224 26.13 -15.40 -6.48
C THR B 224 27.41 -16.18 -6.34
N GLN B 225 27.49 -17.31 -7.02
CA GLN B 225 28.68 -18.13 -7.00
C GLN B 225 29.72 -17.35 -7.76
N GLN B 226 30.99 -17.61 -7.46
CA GLN B 226 32.06 -16.90 -8.11
C GLN B 226 31.96 -17.17 -9.59
N GLU B 227 31.58 -18.40 -9.94
CA GLU B 227 31.63 -18.82 -11.31
C GLU B 227 30.66 -18.08 -12.22
N ILE B 228 31.17 -17.60 -13.33
CA ILE B 228 30.36 -16.96 -14.32
C ILE B 228 30.17 -17.97 -15.43
N PRO B 229 29.11 -17.86 -16.19
CA PRO B 229 28.87 -18.83 -17.26
C PRO B 229 29.83 -18.61 -18.40
N ASN B 230 30.12 -19.67 -19.16
CA ASN B 230 31.04 -19.56 -20.28
C ASN B 230 30.39 -18.93 -21.50
N ALA B 231 31.23 -18.48 -22.43
CA ALA B 231 30.81 -18.09 -23.76
C ALA B 231 31.03 -19.29 -24.66
N GLU B 232 30.21 -19.48 -25.68
CA GLU B 232 29.18 -18.53 -26.07
C GLU B 232 27.83 -19.16 -26.23
N THR B 233 27.82 -20.45 -26.51
CA THR B 233 26.60 -21.24 -26.58
C THR B 233 26.59 -22.25 -25.43
N MET B 234 27.36 -21.93 -24.39
CA MET B 234 27.56 -22.82 -23.25
C MET B 234 26.29 -23.20 -22.49
N LYS B 235 25.23 -22.40 -22.64
CA LYS B 235 24.08 -22.56 -21.80
C LYS B 235 23.42 -23.84 -22.27
N GLN B 236 23.96 -24.95 -21.75
CA GLN B 236 23.54 -26.30 -22.15
C GLN B 236 22.11 -26.52 -21.81
N THR B 237 21.73 -26.05 -20.63
CA THR B 237 20.43 -26.33 -20.05
C THR B 237 19.27 -25.97 -20.97
N GLU B 238 19.42 -24.88 -21.73
CA GLU B 238 18.32 -24.39 -22.55
C GLU B 238 17.81 -25.49 -23.48
N SER B 239 18.74 -26.27 -24.01
CA SER B 239 18.38 -27.41 -24.84
C SER B 239 18.06 -28.63 -24.00
N HIS B 240 18.70 -28.74 -22.84
CA HIS B 240 18.46 -29.86 -21.93
C HIS B 240 17.13 -29.67 -21.21
N ALA B 241 16.79 -28.42 -20.93
CA ALA B 241 15.56 -28.10 -20.23
C ALA B 241 14.34 -28.22 -21.14
N VAL B 242 14.49 -27.85 -22.41
CA VAL B 242 13.38 -27.99 -23.34
C VAL B 242 13.08 -29.47 -23.58
N LYS B 243 14.11 -30.30 -23.46
CA LYS B 243 13.92 -31.74 -23.54
C LYS B 243 12.97 -32.21 -22.44
N ILE B 244 13.09 -31.58 -21.27
CA ILE B 244 12.22 -31.91 -20.15
C ILE B 244 10.81 -31.36 -20.38
N VAL B 245 10.71 -30.16 -20.94
CA VAL B 245 9.41 -29.55 -21.17
C VAL B 245 8.66 -30.21 -22.33
N VAL B 246 9.39 -30.65 -23.36
CA VAL B 246 8.75 -31.36 -24.45
C VAL B 246 8.38 -32.76 -23.99
N GLU B 247 9.10 -33.26 -22.99
CA GLU B 247 8.76 -34.52 -22.37
C GLU B 247 7.51 -34.32 -21.52
N ALA B 248 7.44 -33.17 -20.85
CA ALA B 248 6.29 -32.80 -20.07
C ALA B 248 5.13 -32.43 -20.99
N ALA B 249 5.46 -31.90 -22.16
CA ALA B 249 4.46 -31.57 -23.16
C ALA B 249 3.76 -32.82 -23.65
N ARG B 250 4.51 -33.91 -23.71
CA ARG B 250 3.98 -35.18 -24.20
C ARG B 250 3.09 -35.86 -23.16
N ARG B 251 3.22 -35.44 -21.90
CA ARG B 251 2.53 -36.12 -20.80
C ARG B 251 1.19 -35.51 -20.39
N LEU B 252 1.05 -34.19 -20.54
CA LEU B 252 -0.17 -33.51 -20.13
C LEU B 252 -1.33 -33.74 -21.08
N LEU B 253 -1.01 -34.35 -22.20
CA LEU B 253 -2.02 -34.60 -23.17
C LEU B 253 -2.92 -35.67 -22.64
N SER C 4 11.85 -25.08 29.46
CA SER C 4 11.49 -26.48 29.27
C SER C 4 10.46 -26.67 28.15
N ASP C 5 10.88 -26.58 26.89
CA ASP C 5 12.21 -26.10 26.52
C ASP C 5 11.95 -24.84 25.71
N VAL C 6 10.68 -24.69 25.32
CA VAL C 6 10.20 -23.51 24.61
C VAL C 6 9.10 -22.83 25.43
N PHE C 7 8.79 -21.59 25.06
CA PHE C 7 7.90 -20.75 25.87
C PHE C 7 6.45 -21.23 25.94
N HIS C 8 5.81 -21.35 24.80
CA HIS C 8 4.36 -21.59 24.75
C HIS C 8 3.95 -23.06 24.88
N LEU C 9 4.54 -23.92 24.06
CA LEU C 9 4.20 -25.34 24.08
C LEU C 9 4.60 -25.99 25.41
N GLY C 10 5.75 -25.58 25.94
CA GLY C 10 6.26 -26.15 27.17
C GLY C 10 6.72 -27.57 26.98
N LEU C 11 7.40 -27.83 25.87
CA LEU C 11 7.90 -29.17 25.55
C LEU C 11 9.41 -29.21 25.50
N THR C 12 10.01 -30.24 26.10
CA THR C 12 11.43 -30.46 25.96
C THR C 12 11.67 -31.47 24.83
N LYS C 13 12.77 -31.29 24.09
CA LYS C 13 12.92 -31.92 22.78
C LYS C 13 12.96 -33.45 22.75
N ASN C 14 13.48 -34.08 23.80
CA ASN C 14 13.50 -35.54 23.84
C ASN C 14 12.07 -36.09 23.85
N ASP C 15 11.14 -35.30 24.38
CA ASP C 15 9.74 -35.70 24.46
C ASP C 15 9.08 -35.99 23.12
N LEU C 16 9.76 -35.66 22.02
CA LEU C 16 9.21 -35.97 20.70
C LEU C 16 9.91 -37.16 20.04
N GLN C 17 10.96 -37.65 20.69
CA GLN C 17 11.66 -38.85 20.23
C GLN C 17 12.30 -38.66 18.86
N GLY C 18 12.90 -37.50 18.64
CA GLY C 18 13.57 -37.21 17.38
C GLY C 18 12.62 -37.06 16.20
N ALA C 19 11.33 -36.99 16.48
CA ALA C 19 10.33 -36.81 15.43
C ALA C 19 10.52 -35.48 14.71
N GLN C 20 10.35 -35.50 13.40
CA GLN C 20 10.60 -34.30 12.59
C GLN C 20 9.42 -33.94 11.68
N LEU C 21 8.27 -34.54 11.97
CA LEU C 21 7.04 -34.20 11.25
C LEU C 21 5.89 -34.10 12.25
N ALA C 22 5.04 -33.09 12.05
CA ALA C 22 3.94 -32.86 12.97
C ALA C 22 2.64 -32.52 12.25
N ILE C 23 1.59 -33.27 12.56
CA ILE C 23 0.26 -32.96 12.08
C ILE C 23 -0.32 -31.88 12.99
N VAL C 24 -0.83 -30.81 12.41
CA VAL C 24 -1.27 -29.68 13.21
C VAL C 24 -2.72 -29.24 12.99
N PRO C 25 -3.67 -30.01 13.51
CA PRO C 25 -5.08 -29.60 13.46
C PRO C 25 -5.34 -28.44 14.41
N GLY C 26 -6.53 -27.84 14.33
CA GLY C 26 -6.84 -26.64 15.10
C GLY C 26 -7.59 -26.87 16.38
N ASP C 27 -8.31 -27.99 16.47
CA ASP C 27 -9.14 -28.28 17.63
C ASP C 27 -8.38 -29.16 18.63
N PRO C 28 -8.03 -28.58 19.79
CA PRO C 28 -7.18 -29.17 20.84
C PRO C 28 -7.69 -30.50 21.37
N GLU C 29 -8.97 -30.60 21.66
CA GLU C 29 -9.54 -31.85 22.16
C GLU C 29 -9.94 -32.78 21.02
N ARG C 30 -9.72 -32.31 19.80
CA ARG C 30 -9.95 -33.11 18.62
C ARG C 30 -8.62 -33.59 18.08
N VAL C 31 -7.54 -33.18 18.74
CA VAL C 31 -6.17 -33.49 18.34
C VAL C 31 -5.88 -34.99 18.50
N GLU C 32 -6.41 -35.57 19.57
CA GLU C 32 -6.03 -36.89 20.00
C GLU C 32 -6.69 -37.99 19.17
N LYS C 33 -7.87 -37.70 18.62
CA LYS C 33 -8.57 -38.67 17.78
C LYS C 33 -7.80 -38.97 16.50
N ILE C 34 -6.91 -38.05 16.14
CA ILE C 34 -6.02 -38.27 15.02
C ILE C 34 -4.88 -39.16 15.49
N ALA C 35 -4.35 -38.85 16.66
CA ALA C 35 -3.20 -39.54 17.21
C ALA C 35 -3.54 -40.93 17.75
N ALA C 36 -4.82 -41.24 17.83
CA ALA C 36 -5.27 -42.54 18.35
C ALA C 36 -5.06 -43.65 17.33
N LEU C 37 -4.87 -43.27 16.06
CA LEU C 37 -4.66 -44.26 15.00
C LEU C 37 -3.21 -44.68 14.89
N MET C 38 -2.34 -44.02 15.66
CA MET C 38 -0.92 -44.31 15.62
C MET C 38 -0.50 -45.12 16.85
N ASP C 39 0.48 -46.01 16.67
CA ASP C 39 0.93 -46.87 17.75
C ASP C 39 1.56 -46.09 18.92
N LYS C 40 1.45 -46.67 20.11
CA LYS C 40 1.91 -46.03 21.35
C LYS C 40 1.46 -44.59 21.53
N PRO C 41 0.14 -44.35 21.53
CA PRO C 41 -0.36 -42.97 21.65
C PRO C 41 -0.03 -42.37 23.02
N VAL C 42 0.65 -41.24 23.03
CA VAL C 42 1.10 -40.63 24.29
C VAL C 42 0.84 -39.13 24.38
N LYS C 43 0.10 -38.72 25.41
CA LYS C 43 -0.06 -37.30 25.74
C LYS C 43 1.30 -36.72 26.09
N LEU C 44 1.56 -35.54 25.56
CA LEU C 44 2.78 -34.89 25.86
C LEU C 44 2.56 -33.77 26.86
N ALA C 45 1.65 -32.87 26.55
CA ALA C 45 1.28 -31.81 27.46
C ALA C 45 0.11 -31.00 26.98
N SER C 46 -0.48 -30.17 27.84
CA SER C 46 -1.63 -29.32 27.50
C SER C 46 -1.61 -27.86 27.96
N HIS C 47 -0.81 -27.02 27.33
CA HIS C 47 -0.67 -25.64 27.74
C HIS C 47 -1.46 -24.73 26.81
N ARG C 48 -2.25 -23.83 27.39
CA ARG C 48 -3.14 -22.94 26.62
C ARG C 48 -4.02 -23.72 25.66
N GLU C 49 -3.99 -23.33 24.39
CA GLU C 49 -4.80 -24.00 23.37
C GLU C 49 -4.07 -25.21 22.79
N PHE C 50 -2.81 -25.39 23.16
CA PHE C 50 -1.97 -26.39 22.52
C PHE C 50 -1.93 -27.70 23.29
N THR C 51 -2.44 -28.76 22.66
CA THR C 51 -2.34 -30.10 23.23
C THR C 51 -1.48 -30.96 22.31
N SER C 52 -0.23 -31.14 22.69
CA SER C 52 0.73 -31.87 21.88
C SER C 52 0.73 -33.36 22.19
N TRP C 53 0.71 -34.17 21.14
CA TRP C 53 0.79 -35.62 21.30
C TRP C 53 2.00 -36.18 20.58
N ARG C 54 2.55 -37.27 21.11
CA ARG C 54 3.63 -37.98 20.45
C ARG C 54 3.14 -39.37 20.07
N ALA C 55 3.51 -39.81 18.87
CA ALA C 55 3.06 -41.10 18.37
C ALA C 55 4.11 -41.73 17.47
N GLU C 56 3.88 -42.99 17.11
CA GLU C 56 4.80 -43.70 16.22
C GLU C 56 4.12 -44.15 14.93
N LEU C 57 4.70 -43.72 13.81
CA LEU C 57 4.20 -44.09 12.49
C LEU C 57 5.25 -44.95 11.81
N ASP C 58 4.84 -46.14 11.36
CA ASP C 58 5.78 -47.18 10.92
C ASP C 58 6.72 -47.59 12.05
N GLY C 59 6.34 -47.24 13.29
CA GLY C 59 7.21 -47.44 14.43
C GLY C 59 8.14 -46.26 14.60
N LYS C 60 8.01 -45.27 13.73
CA LYS C 60 8.84 -44.07 13.78
C LYS C 60 8.06 -42.90 14.36
N ALA C 61 8.73 -42.10 15.20
CA ALA C 61 8.07 -41.04 15.95
C ALA C 61 7.48 -39.93 15.11
N VAL C 62 6.23 -39.56 15.42
CA VAL C 62 5.53 -38.46 14.75
C VAL C 62 4.73 -37.67 15.79
N ILE C 63 4.57 -36.37 15.58
CA ILE C 63 3.91 -35.50 16.54
C ILE C 63 2.58 -34.96 16.02
N VAL C 64 1.65 -34.68 16.94
CA VAL C 64 0.39 -34.03 16.59
C VAL C 64 0.12 -32.88 17.58
N CYS C 65 0.06 -31.66 17.06
CA CYS C 65 -0.11 -30.49 17.92
C CYS C 65 -1.30 -29.62 17.52
N SER C 66 -1.85 -28.88 18.48
CA SER C 66 -2.99 -28.01 18.22
C SER C 66 -2.52 -26.62 17.81
N THR C 67 -3.24 -26.02 16.86
CA THR C 67 -2.92 -24.67 16.42
C THR C 67 -3.91 -23.68 17.01
N GLY C 68 -5.17 -24.11 17.11
CA GLY C 68 -6.22 -23.23 17.56
C GLY C 68 -6.77 -22.42 16.39
N ILE C 69 -7.38 -21.28 16.69
CA ILE C 69 -7.94 -20.43 15.66
C ILE C 69 -6.99 -19.27 15.30
N GLY C 70 -6.71 -19.14 14.01
CA GLY C 70 -5.97 -17.99 13.51
C GLY C 70 -4.49 -18.20 13.33
N GLY C 71 -3.96 -17.50 12.32
CA GLY C 71 -2.53 -17.45 12.07
C GLY C 71 -1.64 -17.12 13.27
N PRO C 72 -1.97 -16.04 14.00
CA PRO C 72 -1.19 -15.66 15.18
C PRO C 72 -0.93 -16.82 16.13
N SER C 73 -1.98 -17.52 16.54
CA SER C 73 -1.83 -18.67 17.42
C SER C 73 -1.15 -19.83 16.70
N THR C 74 -1.38 -19.92 15.40
CA THR C 74 -0.80 -20.98 14.58
C THR C 74 0.69 -20.77 14.40
N SER C 75 1.08 -19.51 14.26
CA SER C 75 2.46 -19.14 14.03
C SER C 75 3.39 -19.62 15.14
N ILE C 76 2.94 -19.46 16.38
CA ILE C 76 3.75 -19.81 17.55
C ILE C 76 4.06 -21.30 17.59
N ALA C 77 3.04 -22.12 17.35
CA ALA C 77 3.19 -23.57 17.36
C ALA C 77 4.27 -24.01 16.39
N VAL C 78 4.03 -23.78 15.10
CA VAL C 78 4.96 -24.13 14.04
C VAL C 78 6.37 -23.62 14.33
N GLU C 79 6.46 -22.39 14.82
CA GLU C 79 7.74 -21.81 15.17
C GLU C 79 8.41 -22.55 16.32
N GLU C 80 7.68 -22.78 17.40
CA GLU C 80 8.26 -23.42 18.57
C GLU C 80 8.44 -24.91 18.35
N LEU C 81 7.76 -25.44 17.34
CA LEU C 81 7.98 -26.81 16.91
C LEU C 81 9.27 -26.92 16.10
N ALA C 82 9.69 -25.79 15.54
CA ALA C 82 10.84 -25.76 14.64
C ALA C 82 12.20 -25.94 15.32
N GLN C 83 12.33 -25.40 16.52
CA GLN C 83 13.57 -25.56 17.28
C GLN C 83 13.76 -27.01 17.69
N LEU C 84 12.64 -27.74 17.76
CA LEU C 84 12.65 -29.12 18.23
C LEU C 84 13.06 -30.10 17.13
N GLY C 85 13.10 -29.64 15.89
CA GLY C 85 13.57 -30.47 14.79
C GLY C 85 12.51 -30.84 13.76
N ILE C 86 11.27 -30.41 14.00
CA ILE C 86 10.19 -30.65 13.05
C ILE C 86 10.32 -29.72 11.85
N ARG C 87 10.32 -30.29 10.65
CA ARG C 87 10.46 -29.50 9.43
C ARG C 87 9.30 -29.72 8.46
N THR C 88 8.35 -30.56 8.87
CA THR C 88 7.19 -30.83 8.02
C THR C 88 5.90 -30.75 8.82
N PHE C 89 4.98 -29.92 8.35
CA PHE C 89 3.74 -29.66 9.07
C PHE C 89 2.52 -29.89 8.18
N LEU C 90 1.67 -30.83 8.59
CA LEU C 90 0.47 -31.15 7.82
C LEU C 90 -0.76 -30.67 8.57
N ARG C 91 -1.45 -29.69 8.00
CA ARG C 91 -2.59 -29.08 8.66
C ARG C 91 -3.91 -29.64 8.16
N ILE C 92 -4.77 -30.02 9.10
CA ILE C 92 -6.09 -30.55 8.79
C ILE C 92 -7.16 -29.80 9.58
N GLY C 93 -8.26 -29.45 8.90
CA GLY C 93 -9.34 -28.74 9.57
C GLY C 93 -10.62 -28.73 8.76
N THR C 94 -11.55 -27.90 9.19
CA THR C 94 -12.82 -27.72 8.47
C THR C 94 -12.77 -26.41 7.69
N THR C 95 -13.28 -26.45 6.46
CA THR C 95 -13.21 -25.29 5.60
C THR C 95 -14.54 -24.96 4.94
N GLY C 96 -14.60 -23.79 4.31
CA GLY C 96 -15.80 -23.35 3.63
C GLY C 96 -15.58 -23.15 2.15
N ALA C 97 -16.06 -24.06 1.35
CA ALA C 97 -15.93 -23.98 -0.06
C ALA C 97 -16.75 -22.83 -0.59
N ILE C 98 -16.28 -22.21 -1.66
CA ILE C 98 -17.06 -21.22 -2.36
C ILE C 98 -17.46 -21.52 -3.80
N GLN C 99 -17.06 -22.67 -4.32
CA GLN C 99 -17.42 -23.13 -5.66
C GLN C 99 -18.58 -24.08 -5.65
N PRO C 100 -19.57 -23.86 -6.48
CA PRO C 100 -20.80 -24.63 -6.43
C PRO C 100 -20.58 -26.11 -6.66
N HIS C 101 -19.65 -26.44 -7.50
CA HIS C 101 -19.39 -27.83 -7.91
C HIS C 101 -18.81 -28.67 -6.76
N ILE C 102 -18.31 -28.00 -5.72
CA ILE C 102 -17.79 -28.70 -4.56
C ILE C 102 -18.84 -28.77 -3.47
N ASN C 103 -19.24 -29.99 -3.13
CA ASN C 103 -20.31 -30.19 -2.16
C ASN C 103 -19.82 -30.97 -0.94
N VAL C 104 -20.57 -30.89 0.16
CA VAL C 104 -20.16 -31.46 1.44
C VAL C 104 -19.74 -32.93 1.33
N GLY C 105 -18.67 -33.29 2.03
CA GLY C 105 -18.11 -34.62 1.93
C GLY C 105 -16.86 -34.61 1.06
N ASP C 106 -16.72 -33.56 0.26
CA ASP C 106 -15.53 -33.39 -0.57
C ASP C 106 -14.42 -32.74 0.24
N VAL C 107 -13.23 -33.33 0.21
CA VAL C 107 -12.09 -32.76 0.90
C VAL C 107 -11.23 -31.96 -0.07
N LEU C 108 -10.69 -30.85 0.40
CA LEU C 108 -9.93 -29.95 -0.48
C LEU C 108 -8.47 -29.81 -0.07
N VAL C 109 -7.59 -30.13 -0.99
CA VAL C 109 -6.16 -29.94 -0.80
C VAL C 109 -5.76 -28.59 -1.41
N THR C 110 -5.00 -27.81 -0.67
CA THR C 110 -4.62 -26.48 -1.11
C THR C 110 -3.16 -26.40 -1.54
N THR C 111 -2.94 -25.94 -2.77
CA THR C 111 -1.60 -25.76 -3.30
C THR C 111 -0.99 -24.47 -2.79
N ALA C 112 -1.75 -23.39 -2.89
CA ALA C 112 -1.33 -22.08 -2.41
C ALA C 112 -2.54 -21.26 -1.98
N SER C 113 -2.33 -20.28 -1.11
CA SER C 113 -3.45 -19.57 -0.50
C SER C 113 -3.46 -18.06 -0.73
N VAL C 114 -4.66 -17.54 -0.99
CA VAL C 114 -4.88 -16.10 -1.05
C VAL C 114 -4.67 -15.51 0.34
N ARG C 115 -3.63 -14.73 0.50
CA ARG C 115 -3.29 -14.29 1.81
C ARG C 115 -4.08 -13.11 2.32
N LEU C 116 -5.22 -13.41 2.89
CA LEU C 116 -6.08 -12.45 3.48
C LEU C 116 -5.71 -12.36 4.96
N ASP C 117 -4.54 -12.88 5.30
CA ASP C 117 -4.05 -12.94 6.67
C ASP C 117 -3.23 -11.70 7.03
N GLY C 118 -2.75 -11.67 8.26
CA GLY C 118 -1.80 -10.66 8.60
C GLY C 118 -0.49 -11.21 9.06
N ALA C 119 -0.56 -12.41 9.60
CA ALA C 119 0.55 -13.08 10.22
C ALA C 119 1.66 -13.40 9.25
N SER C 120 1.28 -13.70 8.03
CA SER C 120 2.20 -14.09 6.96
C SER C 120 3.16 -12.98 6.62
N LEU C 121 2.64 -11.78 6.71
CA LEU C 121 3.33 -10.57 6.33
C LEU C 121 4.57 -10.35 7.20
N HIS C 122 4.63 -11.09 8.30
CA HIS C 122 5.74 -10.99 9.24
C HIS C 122 6.93 -11.83 8.80
N PHE C 123 6.71 -12.66 7.79
CA PHE C 123 7.76 -13.55 7.31
C PHE C 123 8.25 -13.14 5.93
N ALA C 124 7.33 -12.65 5.11
CA ALA C 124 7.67 -12.28 3.74
C ALA C 124 6.62 -11.31 3.20
N PRO C 125 6.97 -10.54 2.20
CA PRO C 125 6.16 -9.44 1.70
C PRO C 125 4.91 -9.94 1.02
N MET C 126 4.00 -9.06 0.67
CA MET C 126 2.77 -9.45 0.00
C MET C 126 3.05 -10.03 -1.38
N GLU C 127 4.20 -9.69 -1.93
CA GLU C 127 4.64 -10.23 -3.21
C GLU C 127 4.94 -11.72 -3.10
N PHE C 128 5.43 -12.14 -1.94
CA PHE C 128 5.80 -13.53 -1.71
C PHE C 128 4.58 -14.43 -1.58
N PRO C 129 4.56 -15.52 -2.36
CA PRO C 129 3.40 -16.43 -2.41
C PRO C 129 3.31 -17.33 -1.18
N ALA C 130 2.07 -17.64 -0.77
CA ALA C 130 1.84 -18.60 0.30
C ALA C 130 1.60 -19.97 -0.31
N VAL C 131 2.67 -20.65 -0.67
CA VAL C 131 2.58 -21.91 -1.41
C VAL C 131 3.04 -23.09 -0.57
N ALA C 132 2.45 -24.25 -0.82
CA ALA C 132 2.83 -25.48 -0.15
C ALA C 132 3.97 -26.18 -0.89
N ASP C 133 4.69 -27.04 -0.17
CA ASP C 133 5.77 -27.81 -0.78
C ASP C 133 5.22 -28.79 -1.80
N PHE C 134 5.90 -28.91 -2.93
CA PHE C 134 5.48 -29.84 -3.99
C PHE C 134 5.38 -31.27 -3.48
N ALA C 135 6.51 -31.81 -3.04
CA ALA C 135 6.56 -33.18 -2.51
C ALA C 135 5.57 -33.42 -1.39
N CYS C 136 5.30 -32.37 -0.60
CA CYS C 136 4.33 -32.46 0.48
C CYS C 136 2.92 -32.41 -0.08
N THR C 137 2.73 -31.67 -1.17
CA THR C 137 1.41 -31.50 -1.76
C THR C 137 0.97 -32.71 -2.59
N THR C 138 1.89 -33.30 -3.36
CA THR C 138 1.56 -34.49 -4.12
C THR C 138 1.00 -35.53 -3.18
N ALA C 139 1.69 -35.69 -2.04
CA ALA C 139 1.34 -36.69 -1.04
C ALA C 139 -0.07 -36.54 -0.51
N LEU C 140 -0.48 -35.29 -0.24
CA LEU C 140 -1.79 -35.01 0.32
C LEU C 140 -2.91 -35.60 -0.53
N VAL C 141 -2.86 -35.34 -1.84
CA VAL C 141 -3.85 -35.87 -2.75
C VAL C 141 -3.54 -37.34 -3.07
N GLU C 142 -2.25 -37.68 -2.99
CA GLU C 142 -1.78 -39.06 -3.20
C GLU C 142 -2.38 -40.01 -2.17
N ALA C 143 -2.75 -39.49 -1.02
CA ALA C 143 -3.38 -40.28 0.02
C ALA C 143 -4.90 -40.12 -0.01
N ALA C 144 -5.35 -38.91 -0.30
CA ALA C 144 -6.78 -38.60 -0.36
C ALA C 144 -7.49 -39.44 -1.40
N LYS C 145 -6.81 -39.71 -2.51
CA LYS C 145 -7.33 -40.55 -3.57
C LYS C 145 -7.37 -42.01 -3.14
N SER C 146 -6.31 -42.44 -2.45
CA SER C 146 -6.18 -43.82 -1.99
C SER C 146 -7.37 -44.20 -1.13
N ILE C 147 -7.79 -43.24 -0.30
CA ILE C 147 -8.92 -43.42 0.59
C ILE C 147 -10.20 -43.52 -0.24
N GLY C 148 -10.19 -42.88 -1.41
CA GLY C 148 -11.35 -42.90 -2.30
C GLY C 148 -12.23 -41.70 -2.06
N ALA C 149 -11.61 -40.60 -1.64
CA ALA C 149 -12.32 -39.38 -1.32
C ALA C 149 -12.53 -38.49 -2.52
N THR C 150 -13.65 -37.76 -2.54
CA THR C 150 -13.89 -36.76 -3.57
C THR C 150 -13.03 -35.54 -3.27
N THR C 151 -12.00 -35.34 -4.09
CA THR C 151 -10.98 -34.33 -3.81
C THR C 151 -10.75 -33.39 -4.98
N HIS C 152 -10.56 -32.11 -4.69
CA HIS C 152 -10.23 -31.12 -5.71
C HIS C 152 -8.90 -30.45 -5.38
N VAL C 153 -8.26 -29.90 -6.40
CA VAL C 153 -6.95 -29.27 -6.24
C VAL C 153 -6.95 -27.84 -6.76
N GLY C 154 -6.54 -26.90 -5.91
CA GLY C 154 -6.52 -25.50 -6.30
C GLY C 154 -6.11 -24.52 -5.21
N VAL C 155 -6.70 -23.33 -5.26
CA VAL C 155 -6.32 -22.22 -4.39
C VAL C 155 -7.40 -21.95 -3.32
N THR C 156 -6.94 -21.63 -2.11
CA THR C 156 -7.84 -21.36 -0.98
C THR C 156 -7.64 -19.95 -0.45
N ALA C 157 -8.74 -19.23 -0.24
CA ALA C 157 -8.66 -17.91 0.37
C ALA C 157 -8.54 -18.05 1.89
N SER C 158 -7.58 -17.36 2.48
CA SER C 158 -7.33 -17.49 3.91
C SER C 158 -7.50 -16.20 4.70
N SER C 159 -8.69 -16.03 5.28
CA SER C 159 -9.02 -14.83 6.04
C SER C 159 -8.35 -14.81 7.41
N ASP C 160 -8.32 -13.64 8.04
CA ASP C 160 -7.80 -13.49 9.39
C ASP C 160 -8.94 -13.49 10.38
N THR C 161 -10.15 -13.27 9.91
CA THR C 161 -11.31 -13.34 10.77
C THR C 161 -12.36 -14.29 10.25
N PHE C 162 -13.14 -14.87 11.13
CA PHE C 162 -14.14 -15.81 10.72
C PHE C 162 -15.19 -15.16 9.88
N TYR C 163 -15.60 -13.96 10.25
CA TYR C 163 -16.83 -13.49 9.71
C TYR C 163 -16.76 -12.47 8.60
N PRO C 164 -16.15 -11.34 8.92
CA PRO C 164 -16.00 -10.24 7.98
C PRO C 164 -15.17 -10.52 6.78
N GLY C 165 -14.07 -11.22 6.98
CA GLY C 165 -13.19 -11.67 5.93
C GLY C 165 -13.73 -12.70 4.98
N GLN C 166 -14.73 -13.41 5.43
CA GLN C 166 -15.36 -14.42 4.65
C GLN C 166 -16.72 -13.95 4.31
N GLU C 167 -16.87 -12.65 4.43
CA GLU C 167 -18.08 -11.98 4.03
C GLU C 167 -19.32 -12.59 4.57
N ARG C 168 -19.35 -12.84 5.87
CA ARG C 168 -20.55 -13.34 6.51
C ARG C 168 -21.47 -12.20 6.78
N TYR C 169 -22.71 -12.29 6.33
CA TYR C 169 -23.60 -11.14 6.36
C TYR C 169 -24.38 -10.89 7.65
N ASP C 170 -24.89 -11.95 8.28
CA ASP C 170 -25.72 -11.75 9.48
C ASP C 170 -24.91 -11.65 10.72
N THR C 171 -24.41 -10.47 10.99
CA THR C 171 -23.56 -10.23 12.12
C THR C 171 -24.12 -9.10 12.91
N TYR C 172 -23.53 -8.86 14.07
CA TYR C 172 -24.04 -7.86 15.00
C TYR C 172 -24.38 -6.50 14.37
N SER C 173 -23.46 -5.96 13.58
CA SER C 173 -23.73 -4.69 12.90
C SER C 173 -24.19 -4.95 11.47
N GLY C 174 -24.09 -6.21 11.05
CA GLY C 174 -24.56 -6.63 9.74
C GLY C 174 -23.82 -5.97 8.59
N ARG C 175 -22.59 -5.55 8.85
CA ARG C 175 -21.80 -4.89 7.81
C ARG C 175 -20.49 -5.61 7.52
N VAL C 176 -20.08 -5.54 6.27
CA VAL C 176 -18.77 -6.05 5.86
C VAL C 176 -17.95 -4.89 5.33
N VAL C 177 -16.67 -4.84 5.70
CA VAL C 177 -15.81 -3.72 5.37
C VAL C 177 -15.73 -3.46 3.86
N ARG C 178 -15.41 -2.21 3.51
CA ARG C 178 -15.29 -1.77 2.12
C ARG C 178 -14.36 -2.67 1.30
N ARG C 179 -13.25 -3.07 1.91
CA ARG C 179 -12.30 -3.95 1.24
C ARG C 179 -12.91 -5.28 0.86
N PHE C 180 -13.76 -5.81 1.75
CA PHE C 180 -14.28 -7.16 1.60
C PHE C 180 -15.71 -7.25 1.07
N LYS C 181 -16.27 -6.11 0.66
CA LYS C 181 -17.62 -6.10 0.11
C LYS C 181 -17.67 -6.76 -1.28
N GLY C 182 -18.08 -8.03 -1.30
CA GLY C 182 -18.22 -8.75 -2.56
C GLY C 182 -16.98 -9.51 -2.97
N SER C 183 -16.13 -9.84 -1.99
CA SER C 183 -14.88 -10.50 -2.28
C SER C 183 -15.08 -11.98 -2.61
N MET C 184 -16.06 -12.61 -1.96
CA MET C 184 -16.36 -14.02 -2.19
C MET C 184 -16.69 -14.25 -3.66
N GLU C 185 -17.44 -13.32 -4.24
CA GLU C 185 -17.79 -13.37 -5.65
C GLU C 185 -16.55 -13.26 -6.52
N GLU C 186 -15.58 -12.47 -6.06
CA GLU C 186 -14.33 -12.30 -6.78
C GLU C 186 -13.56 -13.61 -6.79
N TRP C 187 -13.39 -14.20 -5.61
CA TRP C 187 -12.62 -15.44 -5.49
C TRP C 187 -13.29 -16.59 -6.22
N GLN C 188 -14.62 -16.67 -6.12
CA GLN C 188 -15.40 -17.71 -6.79
C GLN C 188 -15.19 -17.64 -8.29
N ALA C 189 -15.24 -16.44 -8.84
CA ALA C 189 -15.02 -16.25 -10.27
C ALA C 189 -13.53 -16.37 -10.62
N MET C 190 -12.68 -16.30 -9.59
CA MET C 190 -11.25 -16.38 -9.79
C MET C 190 -10.76 -17.82 -9.72
N GLY C 191 -11.61 -18.70 -9.24
CA GLY C 191 -11.29 -20.12 -9.19
C GLY C 191 -10.82 -20.61 -7.82
N VAL C 192 -11.09 -19.84 -6.78
CA VAL C 192 -10.71 -20.20 -5.43
C VAL C 192 -11.65 -21.25 -4.87
N MET C 193 -11.10 -22.27 -4.22
CA MET C 193 -11.89 -23.41 -3.74
C MET C 193 -12.57 -23.22 -2.39
N ASN C 194 -11.83 -22.75 -1.40
CA ASN C 194 -12.37 -22.73 -0.04
C ASN C 194 -11.92 -21.56 0.85
N TYR C 195 -12.45 -21.56 2.08
CA TYR C 195 -12.17 -20.54 3.07
C TYR C 195 -11.59 -21.17 4.31
N GLU C 196 -10.53 -20.56 4.80
CA GLU C 196 -9.79 -21.04 5.95
C GLU C 196 -9.02 -19.91 6.64
N MET C 197 -8.74 -20.04 7.92
CA MET C 197 -8.02 -18.99 8.62
C MET C 197 -6.54 -19.24 8.88
N GLU C 198 -6.05 -20.43 8.63
CA GLU C 198 -4.68 -20.70 9.01
C GLU C 198 -3.62 -21.05 7.94
N SER C 199 -4.02 -21.41 6.74
CA SER C 199 -3.05 -21.95 5.82
C SER C 199 -1.99 -21.02 5.35
N ALA C 200 -2.45 -19.86 4.94
CA ALA C 200 -1.61 -18.85 4.30
C ALA C 200 -0.40 -18.49 5.15
N THR C 201 -0.62 -18.35 6.44
CA THR C 201 0.46 -18.05 7.38
C THR C 201 1.38 -19.25 7.49
N LEU C 202 0.80 -20.43 7.65
CA LEU C 202 1.57 -21.68 7.69
C LEU C 202 2.31 -21.88 6.37
N LEU C 203 1.61 -21.63 5.27
CA LEU C 203 2.18 -21.79 3.94
C LEU C 203 3.33 -20.83 3.72
N THR C 204 3.11 -19.57 4.07
CA THR C 204 4.10 -18.52 3.83
C THR C 204 5.38 -18.74 4.61
N MET C 205 5.25 -18.98 5.92
CA MET C 205 6.44 -19.15 6.75
C MET C 205 7.31 -20.31 6.28
N CYS C 206 6.75 -21.52 6.26
CA CYS C 206 7.48 -22.72 5.88
C CYS C 206 8.13 -22.60 4.50
N ALA C 207 7.45 -21.91 3.59
CA ALA C 207 8.00 -21.66 2.26
C ALA C 207 9.15 -20.66 2.34
N SER C 208 9.09 -19.76 3.30
CA SER C 208 10.10 -18.73 3.46
C SER C 208 11.08 -19.06 4.58
N GLN C 209 10.75 -20.05 5.41
CA GLN C 209 11.64 -20.51 6.47
C GLN C 209 12.42 -21.73 6.02
N GLY C 210 12.10 -22.23 4.83
CA GLY C 210 12.77 -23.39 4.28
C GLY C 210 12.27 -24.69 4.90
N LEU C 211 10.95 -24.76 5.07
CA LEU C 211 10.34 -25.95 5.67
C LEU C 211 9.36 -26.61 4.70
N ARG C 212 8.83 -27.76 5.11
CA ARG C 212 7.84 -28.48 4.32
C ARG C 212 6.46 -28.26 4.90
N ALA C 213 5.48 -27.92 4.06
CA ALA C 213 4.14 -27.61 4.53
C ALA C 213 3.05 -28.20 3.65
N GLY C 214 2.04 -28.78 4.27
CA GLY C 214 0.92 -29.36 3.56
C GLY C 214 -0.41 -28.89 4.09
N MET C 215 -1.40 -28.81 3.21
CA MET C 215 -2.74 -28.36 3.60
C MET C 215 -3.84 -29.22 2.97
N VAL C 216 -4.57 -29.91 3.84
CA VAL C 216 -5.72 -30.69 3.42
C VAL C 216 -6.86 -30.46 4.41
N ALA C 217 -8.07 -30.27 3.91
CA ALA C 217 -9.20 -29.98 4.78
C ALA C 217 -10.50 -30.58 4.27
N GLY C 218 -11.39 -30.91 5.18
CA GLY C 218 -12.69 -31.44 4.83
C GLY C 218 -13.74 -30.34 4.78
N VAL C 219 -14.60 -30.38 3.78
CA VAL C 219 -15.66 -29.40 3.65
C VAL C 219 -16.89 -29.82 4.43
N ILE C 220 -17.22 -29.04 5.46
CA ILE C 220 -18.44 -29.26 6.21
C ILE C 220 -19.50 -28.28 5.72
N VAL C 221 -19.04 -27.23 5.05
CA VAL C 221 -19.92 -26.19 4.54
C VAL C 221 -19.36 -25.55 3.28
N ASN C 222 -20.22 -25.32 2.29
CA ASN C 222 -19.88 -24.53 1.13
C ASN C 222 -20.58 -23.18 1.28
N ARG C 223 -19.88 -22.10 0.96
CA ARG C 223 -20.46 -20.77 1.11
C ARG C 223 -21.57 -20.37 0.16
N THR C 224 -21.44 -20.69 -1.11
CA THR C 224 -22.51 -20.45 -2.07
C THR C 224 -23.70 -21.31 -1.67
N GLN C 225 -23.36 -22.41 -1.02
CA GLN C 225 -24.32 -23.32 -0.49
C GLN C 225 -25.15 -22.62 0.52
N GLN C 226 -26.47 -22.66 0.43
CA GLN C 226 -27.27 -21.93 1.42
C GLN C 226 -27.24 -22.62 2.80
N GLU C 227 -26.63 -23.81 2.82
CA GLU C 227 -26.56 -24.70 3.99
C GLU C 227 -25.48 -24.44 5.06
N ILE C 228 -25.65 -25.07 6.22
CA ILE C 228 -24.74 -24.96 7.37
C ILE C 228 -24.47 -26.38 7.89
N PRO C 229 -23.18 -26.72 8.16
CA PRO C 229 -22.75 -28.11 8.41
C PRO C 229 -23.67 -28.93 9.30
N ASN C 230 -24.07 -30.10 8.82
CA ASN C 230 -24.91 -30.99 9.57
C ASN C 230 -24.26 -32.29 10.02
N ALA C 231 -24.07 -32.43 11.33
CA ALA C 231 -23.60 -33.67 11.90
C ALA C 231 -24.62 -34.75 11.58
N GLU C 232 -24.17 -35.98 11.34
CA GLU C 232 -22.83 -36.42 11.55
C GLU C 232 -22.01 -36.50 10.22
N THR C 233 -22.71 -36.24 9.11
CA THR C 233 -22.10 -36.25 7.78
C THR C 233 -20.85 -35.39 7.73
N MET C 234 -20.90 -34.24 8.42
CA MET C 234 -19.71 -33.43 8.57
C MET C 234 -18.68 -34.16 9.42
N LYS C 235 -19.08 -34.57 10.62
CA LYS C 235 -18.21 -35.22 11.59
C LYS C 235 -17.70 -36.59 11.13
N GLN C 236 -18.54 -37.32 10.41
CA GLN C 236 -18.11 -38.57 9.78
C GLN C 236 -17.00 -38.34 8.79
N THR C 237 -17.11 -37.25 8.04
CA THR C 237 -16.14 -36.93 7.01
C THR C 237 -14.82 -36.45 7.61
N GLU C 238 -14.87 -36.04 8.87
CA GLU C 238 -13.67 -35.60 9.55
C GLU C 238 -12.65 -36.70 9.75
N SER C 239 -13.11 -37.87 10.14
CA SER C 239 -12.28 -39.07 10.23
C SER C 239 -11.85 -39.49 8.84
N HIS C 240 -12.74 -39.31 7.88
CA HIS C 240 -12.46 -39.56 6.48
C HIS C 240 -11.30 -38.68 6.02
N ALA C 241 -11.22 -37.49 6.60
CA ALA C 241 -10.13 -36.56 6.33
C ALA C 241 -8.95 -36.83 7.26
N VAL C 242 -9.24 -37.30 8.46
CA VAL C 242 -8.20 -37.70 9.41
C VAL C 242 -7.41 -38.86 8.82
N LYS C 243 -8.13 -39.89 8.37
CA LYS C 243 -7.50 -41.04 7.73
C LYS C 243 -6.64 -40.61 6.54
N ILE C 244 -7.10 -39.60 5.81
CA ILE C 244 -6.33 -39.07 4.69
C ILE C 244 -5.00 -38.47 5.16
N VAL C 245 -5.08 -37.48 6.05
CA VAL C 245 -3.88 -36.79 6.52
C VAL C 245 -2.97 -37.74 7.31
N VAL C 246 -3.57 -38.74 7.96
CA VAL C 246 -2.78 -39.75 8.66
C VAL C 246 -2.04 -40.62 7.66
N GLU C 247 -2.75 -41.07 6.63
CA GLU C 247 -2.14 -41.84 5.56
C GLU C 247 -1.13 -40.98 4.81
N ALA C 248 -1.46 -39.70 4.66
CA ALA C 248 -0.56 -38.75 4.01
C ALA C 248 0.72 -38.58 4.81
N ALA C 249 0.61 -38.72 6.12
CA ALA C 249 1.74 -38.57 7.02
C ALA C 249 2.72 -39.73 6.85
N ARG C 250 2.21 -40.93 6.60
CA ARG C 250 3.04 -42.11 6.51
C ARG C 250 4.07 -41.99 5.39
N ARG C 251 3.64 -41.44 4.26
CA ARG C 251 4.51 -41.30 3.11
C ARG C 251 5.68 -40.37 3.39
N LEU C 252 5.38 -39.23 3.99
CA LEU C 252 6.40 -38.26 4.33
C LEU C 252 7.13 -38.68 5.60
N LEU C 253 6.43 -39.43 6.45
CA LEU C 253 6.98 -39.95 7.70
C LEU C 253 7.60 -38.88 8.59
N SER D 4 -27.59 -23.08 20.92
CA SER D 4 -26.21 -22.72 20.60
C SER D 4 -26.14 -21.76 19.41
N ASP D 5 -26.45 -20.50 19.65
CA ASP D 5 -26.44 -19.48 18.61
C ASP D 5 -25.02 -19.29 18.08
N VAL D 6 -24.05 -19.30 19.00
CA VAL D 6 -22.66 -19.14 18.64
C VAL D 6 -22.09 -20.45 18.10
N PHE D 7 -21.08 -20.35 17.24
CA PHE D 7 -20.49 -21.52 16.62
C PHE D 7 -19.20 -21.91 17.32
N HIS D 8 -18.50 -20.92 17.86
CA HIS D 8 -17.17 -21.14 18.42
C HIS D 8 -17.14 -21.10 19.94
N LEU D 9 -17.91 -20.18 20.53
CA LEU D 9 -17.94 -20.04 21.98
C LEU D 9 -18.57 -21.25 22.66
N GLY D 10 -19.64 -21.78 22.07
CA GLY D 10 -20.41 -22.85 22.68
C GLY D 10 -21.17 -22.35 23.89
N LEU D 11 -22.00 -21.33 23.68
CA LEU D 11 -22.70 -20.68 24.78
C LEU D 11 -23.94 -19.93 24.30
N THR D 12 -24.65 -19.33 25.24
CA THR D 12 -25.79 -18.48 24.96
C THR D 12 -25.95 -17.45 26.07
N LYS D 13 -26.90 -16.53 25.89
CA LYS D 13 -27.15 -15.52 26.90
C LYS D 13 -27.59 -16.25 28.16
N ASN D 14 -28.38 -17.30 27.95
CA ASN D 14 -28.95 -18.05 29.07
C ASN D 14 -27.89 -18.31 30.14
N ASP D 15 -26.66 -18.50 29.73
CA ASP D 15 -25.56 -18.70 30.65
C ASP D 15 -24.89 -17.41 31.01
N LEU D 16 -25.33 -16.31 30.43
CA LEU D 16 -24.63 -15.04 30.61
C LEU D 16 -24.61 -14.39 32.02
N GLN D 17 -25.74 -14.25 32.69
CA GLN D 17 -27.06 -14.19 32.11
C GLN D 17 -27.58 -12.80 32.45
N GLY D 18 -28.01 -12.05 31.44
CA GLY D 18 -28.42 -10.67 31.61
C GLY D 18 -27.25 -9.72 31.77
N ALA D 19 -26.06 -10.18 31.37
CA ALA D 19 -24.86 -9.37 31.47
C ALA D 19 -24.73 -8.43 30.27
N GLN D 20 -24.27 -7.21 30.53
CA GLN D 20 -24.03 -6.24 29.47
C GLN D 20 -22.55 -5.84 29.45
N LEU D 21 -21.75 -6.58 30.22
CA LEU D 21 -20.31 -6.37 30.24
C LEU D 21 -19.60 -7.71 30.12
N ALA D 22 -18.45 -7.71 29.44
CA ALA D 22 -17.66 -8.93 29.29
C ALA D 22 -16.17 -8.67 29.52
N ILE D 23 -15.61 -9.32 30.52
CA ILE D 23 -14.17 -9.27 30.76
C ILE D 23 -13.52 -10.36 29.93
N VAL D 24 -12.55 -9.99 29.11
CA VAL D 24 -12.00 -10.93 28.14
C VAL D 24 -10.48 -11.06 28.14
N PRO D 25 -9.93 -11.86 29.07
CA PRO D 25 -8.50 -12.16 29.07
C PRO D 25 -8.12 -13.07 27.91
N GLY D 26 -6.84 -13.38 27.78
CA GLY D 26 -6.36 -14.19 26.67
C GLY D 26 -5.74 -15.52 27.08
N ASP D 27 -6.12 -16.01 28.26
CA ASP D 27 -5.61 -17.29 28.74
C ASP D 27 -6.75 -18.12 29.31
N PRO D 28 -7.02 -19.27 28.69
CA PRO D 28 -8.11 -20.17 29.07
C PRO D 28 -8.03 -20.64 30.53
N GLU D 29 -6.82 -20.74 31.07
CA GLU D 29 -6.64 -21.26 32.43
C GLU D 29 -6.98 -20.23 33.49
N ARG D 30 -6.68 -18.96 33.22
CA ARG D 30 -6.74 -17.93 34.23
C ARG D 30 -8.16 -17.41 34.49
N VAL D 31 -9.09 -17.75 33.61
CA VAL D 31 -10.47 -17.27 33.70
C VAL D 31 -11.12 -17.47 35.06
N GLU D 32 -10.96 -18.67 35.61
CA GLU D 32 -11.55 -18.98 36.91
C GLU D 32 -10.97 -18.11 38.01
N LYS D 33 -9.66 -17.90 37.98
CA LYS D 33 -8.98 -17.10 38.98
C LYS D 33 -9.47 -15.66 38.97
N ILE D 34 -9.95 -15.22 37.81
CA ILE D 34 -10.54 -13.90 37.68
C ILE D 34 -11.93 -13.92 38.30
N ALA D 35 -12.64 -15.03 38.08
CA ALA D 35 -13.99 -15.18 38.58
C ALA D 35 -14.00 -15.43 40.09
N ALA D 36 -12.84 -15.82 40.62
CA ALA D 36 -12.69 -16.08 42.05
C ALA D 36 -12.76 -14.79 42.85
N LEU D 37 -12.71 -13.66 42.16
CA LEU D 37 -12.82 -12.35 42.79
C LEU D 37 -14.22 -11.80 42.53
N MET D 38 -15.04 -12.59 41.86
CA MET D 38 -16.36 -12.16 41.43
C MET D 38 -17.46 -12.95 42.15
N ASP D 39 -18.53 -12.29 42.52
CA ASP D 39 -19.58 -12.94 43.26
C ASP D 39 -20.30 -13.98 42.43
N LYS D 40 -20.70 -15.09 43.05
CA LYS D 40 -21.47 -16.16 42.41
C LYS D 40 -20.85 -16.79 41.15
N PRO D 41 -19.56 -17.13 41.21
CA PRO D 41 -18.85 -17.58 40.02
C PRO D 41 -19.31 -18.92 39.54
N VAL D 42 -19.73 -18.96 38.31
CA VAL D 42 -20.31 -20.17 37.72
C VAL D 42 -19.61 -20.51 36.40
N LYS D 43 -19.04 -21.72 36.33
CA LYS D 43 -18.42 -22.19 35.10
C LYS D 43 -19.48 -22.46 34.05
N LEU D 44 -19.17 -22.18 32.79
CA LEU D 44 -20.13 -22.33 31.70
C LEU D 44 -19.69 -23.37 30.66
N ALA D 45 -18.60 -23.09 29.94
CA ALA D 45 -18.10 -24.01 28.93
C ALA D 45 -16.65 -23.71 28.53
N SER D 46 -15.95 -24.74 28.05
CA SER D 46 -14.56 -24.59 27.62
C SER D 46 -14.31 -25.25 26.26
N HIS D 47 -14.31 -24.45 25.20
CA HIS D 47 -14.08 -24.94 23.85
C HIS D 47 -12.97 -24.17 23.13
N ARG D 48 -11.92 -24.90 22.74
CA ARG D 48 -10.76 -24.31 22.07
C ARG D 48 -10.16 -23.13 22.83
N GLU D 49 -10.08 -21.97 22.20
CA GLU D 49 -9.55 -20.78 22.87
C GLU D 49 -10.45 -20.34 24.02
N PHE D 50 -11.75 -20.48 23.82
CA PHE D 50 -12.74 -19.89 24.70
C PHE D 50 -12.93 -20.64 26.02
N THR D 51 -13.03 -19.86 27.09
CA THR D 51 -13.29 -20.39 28.42
C THR D 51 -14.17 -19.40 29.17
N SER D 52 -15.43 -19.75 29.35
CA SER D 52 -16.42 -18.80 29.85
C SER D 52 -16.93 -19.14 31.26
N TRP D 53 -16.95 -18.13 32.11
CA TRP D 53 -17.49 -18.26 33.46
C TRP D 53 -18.60 -17.21 33.67
N ARG D 54 -19.58 -17.53 34.51
CA ARG D 54 -20.58 -16.54 34.88
C ARG D 54 -20.42 -16.12 36.33
N ALA D 55 -20.49 -14.82 36.58
CA ALA D 55 -20.38 -14.29 37.92
C ALA D 55 -20.96 -12.88 37.98
N GLU D 56 -20.87 -12.26 39.15
CA GLU D 56 -21.42 -10.92 39.33
C GLU D 56 -20.51 -10.03 40.15
N LEU D 57 -20.57 -8.72 39.89
CA LEU D 57 -19.80 -7.76 40.65
C LEU D 57 -20.68 -6.59 41.06
N ASP D 58 -20.74 -6.34 42.37
CA ASP D 58 -21.58 -5.28 42.93
C ASP D 58 -23.05 -5.42 42.54
N GLY D 59 -23.50 -6.66 42.38
CA GLY D 59 -24.89 -6.93 42.10
C GLY D 59 -25.22 -7.11 40.63
N LYS D 60 -24.36 -6.61 39.76
CA LYS D 60 -24.61 -6.71 38.32
C LYS D 60 -23.77 -7.79 37.63
N ALA D 61 -24.37 -8.43 36.62
CA ALA D 61 -23.74 -9.56 35.94
C ALA D 61 -22.51 -9.16 35.12
N VAL D 62 -21.49 -10.00 35.18
CA VAL D 62 -20.23 -9.77 34.47
C VAL D 62 -19.81 -11.07 33.77
N ILE D 63 -19.30 -10.96 32.54
CA ILE D 63 -18.85 -12.12 31.79
C ILE D 63 -17.33 -12.19 31.69
N VAL D 64 -16.75 -13.31 32.10
CA VAL D 64 -15.32 -13.52 31.95
C VAL D 64 -15.04 -14.67 31.00
N CYS D 65 -14.67 -14.34 29.76
CA CYS D 65 -14.39 -15.35 28.76
C CYS D 65 -13.03 -15.10 28.10
N SER D 66 -12.27 -16.17 27.91
CA SER D 66 -10.93 -16.06 27.32
C SER D 66 -10.98 -16.01 25.80
N THR D 67 -10.25 -15.07 25.22
CA THR D 67 -10.17 -14.94 23.77
C THR D 67 -9.10 -15.87 23.21
N GLY D 68 -8.09 -16.15 24.02
CA GLY D 68 -6.99 -17.00 23.60
C GLY D 68 -5.86 -16.18 23.00
N ILE D 69 -5.13 -16.76 22.06
CA ILE D 69 -4.03 -16.08 21.41
C ILE D 69 -4.38 -15.63 20.01
N GLY D 70 -4.25 -14.33 19.76
CA GLY D 70 -4.42 -13.79 18.42
C GLY D 70 -5.68 -13.00 18.19
N GLY D 71 -5.58 -12.02 17.29
CA GLY D 71 -6.71 -11.26 16.82
C GLY D 71 -7.89 -12.08 16.31
N PRO D 72 -7.59 -13.04 15.48
CA PRO D 72 -8.65 -13.82 14.88
C PRO D 72 -9.40 -14.51 15.99
N SER D 73 -8.69 -15.05 16.95
CA SER D 73 -9.33 -15.67 18.09
C SER D 73 -10.13 -14.69 18.92
N THR D 74 -9.59 -13.47 19.06
CA THR D 74 -10.28 -12.35 19.69
C THR D 74 -11.51 -11.88 18.92
N SER D 75 -11.39 -11.82 17.62
CA SER D 75 -12.43 -11.26 16.79
C SER D 75 -13.75 -11.97 16.82
N ILE D 76 -13.68 -13.28 16.74
CA ILE D 76 -14.87 -14.12 16.79
C ILE D 76 -15.55 -14.00 18.16
N ALA D 77 -14.75 -13.99 19.21
CA ALA D 77 -15.26 -13.84 20.56
C ALA D 77 -16.07 -12.56 20.68
N VAL D 78 -15.52 -11.45 20.18
CA VAL D 78 -16.19 -10.16 20.25
C VAL D 78 -17.52 -10.18 19.53
N GLU D 79 -17.51 -10.66 18.27
CA GLU D 79 -18.73 -10.73 17.48
C GLU D 79 -19.80 -11.56 18.18
N GLU D 80 -19.40 -12.72 18.68
CA GLU D 80 -20.34 -13.65 19.30
C GLU D 80 -20.80 -13.21 20.70
N LEU D 81 -19.92 -12.56 21.44
CA LEU D 81 -20.31 -12.03 22.75
C LEU D 81 -21.25 -10.85 22.58
N ALA D 82 -20.91 -9.94 21.66
CA ALA D 82 -21.74 -8.78 21.38
C ALA D 82 -23.06 -9.20 20.76
N GLN D 83 -23.07 -10.32 20.07
CA GLN D 83 -24.31 -10.88 19.56
C GLN D 83 -25.19 -11.22 20.78
N LEU D 84 -24.53 -11.60 21.87
CA LEU D 84 -25.20 -12.05 23.08
C LEU D 84 -26.06 -11.02 23.79
N GLY D 85 -25.65 -9.77 24.07
CA GLY D 85 -24.41 -9.17 23.69
C GLY D 85 -23.79 -8.17 24.63
N ILE D 86 -22.46 -8.22 24.73
CA ILE D 86 -21.72 -7.22 25.48
C ILE D 86 -21.58 -5.92 24.70
N ARG D 87 -21.63 -4.81 25.43
CA ARG D 87 -21.33 -3.53 24.88
C ARG D 87 -19.95 -3.17 25.31
N THR D 88 -19.51 -3.73 26.44
CA THR D 88 -18.21 -3.37 26.99
C THR D 88 -17.28 -4.58 27.03
N PHE D 89 -16.08 -4.40 26.52
CA PHE D 89 -15.16 -5.48 26.54
C PHE D 89 -13.91 -5.07 27.27
N LEU D 90 -13.54 -5.86 28.26
CA LEU D 90 -12.36 -5.58 29.06
C LEU D 90 -11.37 -6.73 28.98
N ARG D 91 -10.18 -6.44 28.45
CA ARG D 91 -9.16 -7.46 28.29
C ARG D 91 -8.05 -7.31 29.32
N ILE D 92 -7.70 -8.41 29.99
CA ILE D 92 -6.55 -8.45 30.90
C ILE D 92 -5.48 -9.39 30.32
N GLY D 93 -4.20 -9.07 30.52
CA GLY D 93 -3.15 -9.69 29.79
C GLY D 93 -1.81 -9.64 30.42
N THR D 94 -0.86 -10.22 29.73
CA THR D 94 0.53 -10.12 30.10
C THR D 94 1.31 -9.60 28.90
N THR D 95 2.28 -8.76 29.12
CA THR D 95 3.04 -8.16 28.03
C THR D 95 4.54 -8.09 28.28
N GLY D 96 5.28 -7.77 27.22
CA GLY D 96 6.72 -7.57 27.29
C GLY D 96 7.06 -6.12 27.04
N ALA D 97 7.66 -5.48 28.05
CA ALA D 97 7.98 -4.06 27.96
C ALA D 97 9.20 -3.80 27.12
N ILE D 98 9.18 -2.67 26.40
CA ILE D 98 10.28 -2.28 25.54
C ILE D 98 10.95 -1.03 26.12
N GLN D 99 10.33 -0.47 27.16
CA GLN D 99 10.86 0.72 27.81
C GLN D 99 11.60 0.36 29.09
N PRO D 100 12.91 0.64 29.14
CA PRO D 100 13.68 0.41 30.37
C PRO D 100 13.22 1.35 31.48
N HIS D 101 12.62 2.47 31.09
CA HIS D 101 12.10 3.44 32.05
C HIS D 101 10.91 2.85 32.79
N ILE D 102 10.31 1.82 32.21
CA ILE D 102 9.29 1.01 32.87
C ILE D 102 9.99 -0.12 33.62
N ASN D 103 9.62 -0.32 34.88
CA ASN D 103 10.22 -1.36 35.71
C ASN D 103 9.37 -2.62 35.72
N VAL D 104 10.02 -3.76 35.96
CA VAL D 104 9.33 -5.05 35.99
C VAL D 104 8.38 -5.16 37.17
N GLY D 105 7.16 -5.65 36.91
CA GLY D 105 6.18 -5.82 37.97
C GLY D 105 5.11 -4.76 37.95
N ASP D 106 5.22 -3.83 37.02
CA ASP D 106 4.24 -2.75 36.89
C ASP D 106 3.04 -3.20 36.07
N VAL D 107 2.07 -2.31 35.91
CA VAL D 107 0.86 -2.61 35.15
C VAL D 107 0.68 -1.59 34.01
N LEU D 108 0.22 -2.08 32.86
CA LEU D 108 0.08 -1.24 31.68
C LEU D 108 -1.37 -1.11 31.22
N VAL D 109 -1.81 0.13 31.07
CA VAL D 109 -3.12 0.42 30.50
C VAL D 109 -2.94 1.06 29.14
N THR D 110 -3.51 0.43 28.11
CA THR D 110 -3.33 0.88 26.74
C THR D 110 -4.47 1.78 26.27
N THR D 111 -4.11 2.96 25.78
CA THR D 111 -5.08 3.87 25.20
C THR D 111 -5.30 3.56 23.73
N ALA D 112 -4.21 3.21 23.04
CA ALA D 112 -4.28 2.89 21.62
C ALA D 112 -3.21 1.88 21.20
N SER D 113 -3.48 1.11 20.15
CA SER D 113 -2.56 0.08 19.72
C SER D 113 -2.15 0.21 18.25
N VAL D 114 -0.85 0.09 18.00
CA VAL D 114 -0.33 0.10 16.63
C VAL D 114 -0.81 -1.15 15.91
N ARG D 115 -1.57 -0.99 14.85
CA ARG D 115 -2.22 -2.12 14.26
C ARG D 115 -1.23 -2.84 13.39
N LEU D 116 -0.49 -3.73 14.00
CA LEU D 116 0.41 -4.65 13.31
C LEU D 116 -0.25 -5.99 13.09
N ASP D 117 -1.57 -6.03 13.26
CA ASP D 117 -2.34 -7.24 13.01
C ASP D 117 -3.04 -7.13 11.66
N GLY D 118 -3.64 -8.23 11.22
CA GLY D 118 -4.40 -8.24 9.99
C GLY D 118 -5.89 -8.24 10.23
N ALA D 119 -6.29 -8.65 11.43
CA ALA D 119 -7.70 -8.78 11.77
C ALA D 119 -8.41 -7.44 11.82
N SER D 120 -7.68 -6.40 12.20
CA SER D 120 -8.24 -5.05 12.31
C SER D 120 -8.74 -4.54 10.97
N LEU D 121 -8.07 -4.97 9.90
CA LEU D 121 -8.41 -4.53 8.55
C LEU D 121 -9.78 -5.06 8.11
N HIS D 122 -10.27 -6.06 8.83
CA HIS D 122 -11.56 -6.68 8.51
C HIS D 122 -12.70 -5.84 9.07
N PHE D 123 -12.37 -4.92 9.96
CA PHE D 123 -13.38 -4.12 10.64
C PHE D 123 -13.16 -2.63 10.42
N ALA D 124 -11.96 -2.27 9.99
CA ALA D 124 -11.63 -0.88 9.76
C ALA D 124 -10.42 -0.74 8.85
N PRO D 125 -10.45 0.27 7.95
CA PRO D 125 -9.28 0.60 7.14
C PRO D 125 -8.12 1.01 8.04
N MET D 126 -6.90 0.89 7.55
CA MET D 126 -5.70 1.18 8.34
C MET D 126 -5.70 2.60 8.92
N GLU D 127 -6.44 3.49 8.27
CA GLU D 127 -6.51 4.89 8.71
C GLU D 127 -7.27 5.03 10.03
N PHE D 128 -8.28 4.21 10.22
CA PHE D 128 -9.07 4.23 11.44
C PHE D 128 -8.23 3.78 12.63
N PRO D 129 -8.14 4.64 13.66
CA PRO D 129 -7.28 4.36 14.81
C PRO D 129 -7.83 3.26 15.70
N ALA D 130 -6.94 2.56 16.40
CA ALA D 130 -7.33 1.56 17.37
C ALA D 130 -7.27 2.16 18.77
N VAL D 131 -8.34 2.82 19.19
CA VAL D 131 -8.34 3.51 20.47
C VAL D 131 -9.37 2.92 21.44
N ALA D 132 -9.01 2.90 22.72
CA ALA D 132 -9.92 2.45 23.76
C ALA D 132 -10.90 3.57 24.11
N ASP D 133 -12.11 3.19 24.50
CA ASP D 133 -13.13 4.15 24.90
C ASP D 133 -12.66 4.95 26.10
N PHE D 134 -13.06 6.21 26.17
CA PHE D 134 -12.60 7.11 27.22
C PHE D 134 -13.02 6.63 28.62
N ALA D 135 -14.24 6.14 28.73
CA ALA D 135 -14.77 5.72 30.02
C ALA D 135 -14.07 4.48 30.52
N CYS D 136 -13.95 3.48 29.65
CA CYS D 136 -13.30 2.22 30.01
C CYS D 136 -11.82 2.44 30.35
N THR D 137 -11.21 3.40 29.66
CA THR D 137 -9.78 3.66 29.84
C THR D 137 -9.51 4.39 31.16
N THR D 138 -10.39 5.31 31.52
CA THR D 138 -10.22 6.11 32.73
C THR D 138 -10.32 5.28 34.00
N ALA D 139 -11.26 4.34 34.02
CA ALA D 139 -11.45 3.49 35.18
C ALA D 139 -10.26 2.58 35.39
N LEU D 140 -9.67 2.11 34.29
CA LEU D 140 -8.45 1.32 34.35
C LEU D 140 -7.34 2.15 34.99
N VAL D 141 -7.26 3.41 34.59
CA VAL D 141 -6.30 4.33 35.18
C VAL D 141 -6.60 4.50 36.66
N GLU D 142 -7.86 4.78 36.98
CA GLU D 142 -8.28 4.94 38.37
C GLU D 142 -8.06 3.69 39.21
N ALA D 143 -8.36 2.52 38.63
CA ALA D 143 -8.24 1.26 39.35
C ALA D 143 -6.79 0.95 39.72
N ALA D 144 -5.88 1.16 38.77
CA ALA D 144 -4.47 0.92 39.02
C ALA D 144 -3.95 1.87 40.10
N LYS D 145 -4.50 3.07 40.15
CA LYS D 145 -4.23 3.99 41.24
C LYS D 145 -4.88 3.46 42.50
N SER D 146 -6.13 3.02 42.36
CA SER D 146 -6.93 2.59 43.50
C SER D 146 -6.35 1.37 44.22
N ILE D 147 -5.62 0.53 43.47
CA ILE D 147 -5.00 -0.64 44.06
C ILE D 147 -3.56 -0.31 44.46
N GLY D 148 -2.99 0.69 43.81
CA GLY D 148 -1.67 1.17 44.16
C GLY D 148 -0.56 0.60 43.30
N ALA D 149 -0.92 0.05 42.16
CA ALA D 149 0.07 -0.49 41.23
C ALA D 149 0.71 0.64 40.44
N THR D 150 1.98 0.46 40.08
CA THR D 150 2.68 1.45 39.27
C THR D 150 2.06 1.48 37.88
N THR D 151 1.40 2.58 37.55
CA THR D 151 0.65 2.68 36.30
C THR D 151 1.43 3.39 35.21
N HIS D 152 1.38 2.83 34.01
CA HIS D 152 1.91 3.49 32.82
C HIS D 152 0.85 3.39 31.73
N VAL D 153 0.41 4.52 31.23
CA VAL D 153 -0.60 4.52 30.21
C VAL D 153 -0.08 5.14 28.93
N GLY D 154 -0.57 4.62 27.82
CA GLY D 154 0.03 4.88 26.54
C GLY D 154 -0.49 4.04 25.42
N VAL D 155 0.42 3.80 24.47
CA VAL D 155 0.20 3.03 23.27
C VAL D 155 1.06 1.78 23.28
N THR D 156 0.46 0.67 22.90
CA THR D 156 1.10 -0.64 22.89
C THR D 156 1.06 -1.28 21.51
N ALA D 157 2.23 -1.62 20.98
CA ALA D 157 2.32 -2.24 19.66
C ALA D 157 1.67 -3.63 19.66
N SER D 158 0.76 -3.83 18.71
CA SER D 158 -0.01 -5.07 18.64
C SER D 158 0.37 -5.92 17.43
N SER D 159 1.39 -6.75 17.59
CA SER D 159 1.86 -7.61 16.51
C SER D 159 0.94 -8.80 16.27
N ASP D 160 1.10 -9.43 15.12
CA ASP D 160 0.32 -10.62 14.77
C ASP D 160 1.16 -11.88 14.96
N THR D 161 2.46 -11.70 15.21
CA THR D 161 3.33 -12.82 15.51
C THR D 161 4.15 -12.56 16.78
N PHE D 162 4.54 -13.64 17.45
CA PHE D 162 5.26 -13.53 18.72
C PHE D 162 6.74 -13.23 18.50
N TYR D 163 7.33 -13.84 17.47
CA TYR D 163 8.77 -13.73 17.27
C TYR D 163 9.21 -12.68 16.24
N PRO D 164 8.76 -12.78 14.98
CA PRO D 164 9.28 -11.79 14.04
C PRO D 164 8.55 -10.45 14.12
N GLY D 165 7.29 -10.46 14.54
CA GLY D 165 6.50 -9.25 14.61
C GLY D 165 6.89 -8.37 15.77
N GLN D 166 7.54 -8.95 16.77
CA GLN D 166 8.01 -8.22 17.93
C GLN D 166 9.52 -8.12 17.88
N GLU D 167 10.06 -8.31 16.68
CA GLU D 167 11.49 -8.20 16.39
C GLU D 167 12.37 -9.12 17.25
N ARG D 168 12.13 -10.42 17.18
CA ARG D 168 13.00 -11.40 17.80
C ARG D 168 13.75 -12.16 16.72
N TYR D 169 15.04 -11.92 16.59
CA TYR D 169 15.81 -12.64 15.60
C TYR D 169 16.02 -14.10 16.01
N ASP D 170 15.47 -14.47 17.16
CA ASP D 170 15.60 -15.83 17.67
C ASP D 170 14.67 -16.80 17.02
N THR D 171 14.21 -16.45 15.82
CA THR D 171 13.45 -17.35 14.97
C THR D 171 14.35 -18.49 14.58
N TYR D 172 13.77 -19.67 14.37
CA TYR D 172 14.54 -20.82 13.95
C TYR D 172 15.42 -20.50 12.74
N SER D 173 14.88 -19.70 11.83
CA SER D 173 15.64 -19.23 10.67
C SER D 173 16.66 -18.20 11.12
N GLY D 174 16.25 -17.31 12.02
CA GLY D 174 17.14 -16.28 12.53
C GLY D 174 17.11 -15.00 11.73
N ARG D 175 16.00 -14.77 11.04
CA ARG D 175 15.86 -13.62 10.17
C ARG D 175 14.60 -12.83 10.48
N VAL D 176 14.54 -11.60 9.99
CA VAL D 176 13.37 -10.76 10.16
C VAL D 176 13.02 -10.08 8.83
N VAL D 177 11.72 -10.08 8.50
CA VAL D 177 11.23 -9.45 7.28
C VAL D 177 11.65 -7.98 7.23
N ARG D 178 11.77 -7.41 6.05
CA ARG D 178 12.27 -6.05 5.90
C ARG D 178 11.34 -5.06 6.57
N ARG D 179 10.07 -5.30 6.50
CA ARG D 179 9.10 -4.38 7.06
C ARG D 179 9.22 -4.25 8.56
N PHE D 180 9.72 -5.28 9.19
CA PHE D 180 9.89 -5.25 10.65
C PHE D 180 11.35 -5.16 11.09
N LYS D 181 12.26 -5.14 10.12
CA LYS D 181 13.68 -5.01 10.45
C LYS D 181 13.98 -3.63 11.04
N GLY D 182 14.37 -3.61 12.31
CA GLY D 182 14.64 -2.37 13.00
C GLY D 182 13.38 -1.67 13.47
N SER D 183 12.28 -2.41 13.52
CA SER D 183 11.01 -1.84 13.92
C SER D 183 10.90 -1.61 15.42
N MET D 184 11.52 -2.50 16.20
CA MET D 184 11.41 -2.44 17.66
C MET D 184 12.07 -1.20 18.26
N GLU D 185 13.28 -0.88 17.81
CA GLU D 185 13.97 0.31 18.30
C GLU D 185 13.29 1.55 17.72
N GLU D 186 12.49 1.34 16.69
CA GLU D 186 11.74 2.41 16.04
C GLU D 186 10.50 2.78 16.84
N TRP D 187 9.99 1.83 17.62
CA TRP D 187 8.76 2.04 18.38
C TRP D 187 8.96 2.68 19.76
N GLN D 188 10.01 2.26 20.46
CA GLN D 188 10.25 2.74 21.83
C GLN D 188 10.55 4.24 21.86
N ALA D 189 11.24 4.72 20.83
CA ALA D 189 11.58 6.14 20.74
C ALA D 189 10.32 6.93 20.41
N MET D 190 9.39 6.27 19.72
CA MET D 190 8.10 6.87 19.41
C MET D 190 7.21 6.87 20.65
N GLY D 191 7.62 6.14 21.67
CA GLY D 191 6.91 6.14 22.94
C GLY D 191 6.07 4.90 23.18
N VAL D 192 6.27 3.87 22.38
CA VAL D 192 5.55 2.62 22.56
C VAL D 192 6.04 1.92 23.81
N MET D 193 5.11 1.62 24.72
CA MET D 193 5.45 1.06 26.02
C MET D 193 5.83 -0.42 25.96
N ASN D 194 5.02 -1.20 25.25
CA ASN D 194 5.19 -2.65 25.27
C ASN D 194 4.73 -3.35 24.00
N TYR D 195 4.73 -4.67 24.05
CA TYR D 195 4.27 -5.51 22.95
C TYR D 195 3.10 -6.38 23.41
N GLU D 196 1.99 -6.30 22.68
CA GLU D 196 0.87 -7.19 22.93
C GLU D 196 0.38 -7.77 21.61
N MET D 197 -0.66 -8.60 21.64
CA MET D 197 -1.09 -9.30 20.42
C MET D 197 -2.57 -9.20 20.02
N GLU D 198 -3.43 -8.74 20.92
CA GLU D 198 -4.87 -8.82 20.65
C GLU D 198 -5.67 -7.52 20.71
N SER D 199 -5.11 -6.48 21.33
CA SER D 199 -5.86 -5.25 21.59
C SER D 199 -6.35 -4.57 20.31
N ALA D 200 -5.44 -4.37 19.36
CA ALA D 200 -5.77 -3.68 18.11
C ALA D 200 -7.00 -4.28 17.43
N THR D 201 -7.10 -5.61 17.46
CA THR D 201 -8.26 -6.30 16.93
C THR D 201 -9.49 -5.92 17.72
N LEU D 202 -9.38 -6.01 19.05
CA LEU D 202 -10.48 -5.63 19.92
C LEU D 202 -10.78 -4.14 19.84
N LEU D 203 -9.72 -3.33 19.84
CA LEU D 203 -9.85 -1.87 19.84
C LEU D 203 -10.61 -1.35 18.62
N THR D 204 -10.15 -1.66 17.44
CA THR D 204 -10.82 -1.17 16.25
C THR D 204 -12.24 -1.64 16.01
N MET D 205 -12.46 -2.94 16.08
CA MET D 205 -13.78 -3.52 15.84
C MET D 205 -14.80 -3.04 16.80
N CYS D 206 -14.41 -2.88 18.04
CA CYS D 206 -15.30 -2.26 19.01
C CYS D 206 -15.57 -0.79 18.75
N ALA D 207 -14.53 -0.04 18.42
CA ALA D 207 -14.62 1.33 17.94
C ALA D 207 -15.28 1.40 16.60
N SER D 208 -14.96 0.40 15.80
CA SER D 208 -15.62 0.13 14.54
C SER D 208 -17.04 -0.39 14.56
N GLN D 209 -17.35 -1.28 15.48
CA GLN D 209 -18.68 -1.90 15.53
C GLN D 209 -19.70 -1.20 16.40
N GLY D 210 -19.28 -0.21 17.16
CA GLY D 210 -20.19 0.39 18.11
C GLY D 210 -20.07 0.10 19.58
N LEU D 211 -18.93 -0.36 20.06
CA LEU D 211 -18.83 -0.82 21.45
C LEU D 211 -17.68 -0.29 22.31
N ARG D 212 -17.90 -0.22 23.62
CA ARG D 212 -16.89 0.31 24.54
C ARG D 212 -15.83 -0.76 24.80
N ALA D 213 -14.57 -0.35 24.87
CA ALA D 213 -13.48 -1.28 25.05
C ALA D 213 -12.35 -0.69 25.90
N GLY D 214 -11.83 -1.49 26.82
CA GLY D 214 -10.71 -1.09 27.66
C GLY D 214 -9.62 -2.14 27.63
N MET D 215 -8.38 -1.71 27.84
CA MET D 215 -7.25 -2.62 27.81
C MET D 215 -6.28 -2.40 28.96
N VAL D 216 -5.99 -3.49 29.67
CA VAL D 216 -4.99 -3.47 30.73
C VAL D 216 -4.22 -4.78 30.69
N ALA D 217 -2.94 -4.74 31.02
CA ALA D 217 -2.11 -5.94 30.99
C ALA D 217 -0.95 -5.85 31.98
N GLY D 218 -0.53 -7.00 32.49
CA GLY D 218 0.57 -7.06 33.42
C GLY D 218 1.91 -7.18 32.72
N VAL D 219 2.92 -6.48 33.24
CA VAL D 219 4.24 -6.58 32.64
C VAL D 219 4.86 -7.93 33.01
N ILE D 220 5.44 -8.62 32.04
CA ILE D 220 6.18 -9.81 32.35
C ILE D 220 7.66 -9.66 32.23
N VAL D 221 8.12 -9.10 31.14
CA VAL D 221 9.53 -8.98 30.99
C VAL D 221 9.92 -7.78 30.15
N ASN D 222 11.13 -7.31 30.33
CA ASN D 222 11.63 -6.16 29.57
C ASN D 222 12.57 -6.62 28.46
N ARG D 223 12.37 -6.08 27.27
CA ARG D 223 13.24 -6.36 26.13
C ARG D 223 14.64 -5.85 26.40
N THR D 224 14.73 -4.67 27.02
CA THR D 224 16.01 -4.03 27.27
C THR D 224 16.66 -4.50 28.56
N GLN D 225 15.87 -4.58 29.63
CA GLN D 225 16.40 -5.00 30.91
C GLN D 225 16.72 -6.50 30.88
N GLN D 226 17.97 -6.83 31.21
CA GLN D 226 18.45 -8.20 31.13
C GLN D 226 18.05 -9.05 32.34
N GLU D 227 17.14 -8.52 33.16
CA GLU D 227 16.67 -9.23 34.34
C GLU D 227 15.36 -9.94 34.04
N ILE D 228 15.38 -11.27 34.08
CA ILE D 228 14.20 -12.08 33.76
C ILE D 228 13.35 -12.29 35.01
N PRO D 229 12.01 -12.18 34.85
CA PRO D 229 11.06 -12.45 35.94
C PRO D 229 11.37 -13.75 36.66
N ASN D 230 11.34 -13.69 37.98
CA ASN D 230 11.68 -14.84 38.82
C ASN D 230 10.62 -15.94 38.73
N ALA D 231 11.07 -17.19 38.76
CA ALA D 231 10.18 -18.34 38.73
C ALA D 231 9.83 -18.79 40.14
N GLU D 232 8.54 -19.05 40.40
CA GLU D 232 7.51 -18.99 39.36
C GLU D 232 6.41 -17.99 39.70
N THR D 233 6.52 -17.33 40.85
CA THR D 233 5.48 -16.43 41.34
C THR D 233 5.85 -14.96 41.24
N MET D 234 6.59 -14.59 40.19
CA MET D 234 6.73 -13.20 39.82
C MET D 234 5.54 -12.89 38.92
N LYS D 235 4.77 -13.93 38.63
CA LYS D 235 3.53 -13.80 37.87
C LYS D 235 2.37 -13.42 38.78
N GLN D 236 2.69 -12.90 39.97
CA GLN D 236 1.68 -12.29 40.82
C GLN D 236 1.31 -10.93 40.25
N THR D 237 2.14 -10.47 39.31
CA THR D 237 1.91 -9.22 38.61
C THR D 237 0.59 -9.30 37.84
N GLU D 238 0.29 -10.48 37.32
CA GLU D 238 -1.01 -10.67 36.67
C GLU D 238 -2.11 -10.57 37.71
N SER D 239 -1.89 -11.13 38.89
CA SER D 239 -2.88 -11.09 39.97
C SER D 239 -3.03 -9.66 40.45
N HIS D 240 -1.93 -8.91 40.44
CA HIS D 240 -1.97 -7.50 40.77
C HIS D 240 -2.79 -6.75 39.77
N ALA D 241 -2.64 -7.11 38.51
CA ALA D 241 -3.41 -6.51 37.43
C ALA D 241 -4.84 -7.02 37.46
N VAL D 242 -5.04 -8.24 37.96
CA VAL D 242 -6.37 -8.81 38.09
C VAL D 242 -7.20 -8.02 39.10
N LYS D 243 -6.54 -7.53 40.14
CA LYS D 243 -7.19 -6.66 41.12
C LYS D 243 -7.72 -5.43 40.40
N ILE D 244 -6.99 -5.01 39.37
CA ILE D 244 -7.30 -3.80 38.64
C ILE D 244 -8.46 -3.98 37.66
N VAL D 245 -8.48 -5.12 36.96
CA VAL D 245 -9.52 -5.36 35.96
C VAL D 245 -10.92 -5.44 36.58
N VAL D 246 -11.01 -6.04 37.76
CA VAL D 246 -12.30 -6.14 38.45
C VAL D 246 -12.71 -4.80 39.05
N GLU D 247 -11.74 -4.06 39.58
CA GLU D 247 -12.00 -2.77 40.20
C GLU D 247 -12.46 -1.76 39.16
N ALA D 248 -11.87 -1.85 37.97
CA ALA D 248 -12.28 -1.00 36.86
C ALA D 248 -13.67 -1.42 36.41
N ALA D 249 -13.94 -2.72 36.43
CA ALA D 249 -15.26 -3.24 36.10
C ALA D 249 -16.26 -2.84 37.17
N ARG D 250 -15.77 -2.69 38.39
CA ARG D 250 -16.61 -2.35 39.54
C ARG D 250 -17.15 -0.92 39.41
N ARG D 251 -16.51 -0.12 38.57
CA ARG D 251 -16.89 1.27 38.41
C ARG D 251 -17.56 1.49 37.06
N LEU D 252 -17.43 0.49 36.20
CA LEU D 252 -17.81 0.58 34.82
C LEU D 252 -19.15 0.01 34.52
N LEU D 253 -20.00 -0.03 35.51
CA LEU D 253 -21.26 -0.69 35.33
C LEU D 253 -22.26 -0.24 36.36
N SER E 4 15.22 35.99 17.41
CA SER E 4 14.33 34.87 17.16
C SER E 4 15.09 33.58 16.89
N ASP E 5 14.47 32.45 17.21
CA ASP E 5 15.09 31.14 16.99
C ASP E 5 14.53 30.45 15.75
N VAL E 6 13.21 30.47 15.61
CA VAL E 6 12.53 29.79 14.51
C VAL E 6 12.44 30.66 13.26
N PHE E 7 11.75 30.10 12.28
CA PHE E 7 11.61 30.74 11.00
C PHE E 7 10.26 31.26 10.64
N HIS E 8 9.26 30.45 10.86
CA HIS E 8 7.88 30.75 10.47
C HIS E 8 7.16 31.62 11.50
N LEU E 9 7.26 31.22 12.77
CA LEU E 9 6.69 32.02 13.86
C LEU E 9 7.51 33.28 14.09
N GLY E 10 8.81 33.18 13.87
CA GLY E 10 9.72 34.31 14.06
C GLY E 10 9.75 34.80 15.49
N LEU E 11 9.85 33.86 16.43
CA LEU E 11 9.83 34.20 17.84
C LEU E 11 11.05 33.65 18.58
N THR E 12 11.20 34.03 19.83
CA THR E 12 12.25 33.48 20.67
C THR E 12 11.64 32.92 21.96
N LYS E 13 12.39 32.09 22.64
CA LYS E 13 11.93 31.37 23.80
C LYS E 13 11.54 32.29 24.91
N ASN E 14 12.26 33.39 25.05
CA ASN E 14 12.03 34.38 26.08
C ASN E 14 10.60 34.90 26.03
N ASP E 15 10.04 34.96 24.83
CA ASP E 15 8.68 35.42 24.62
C ASP E 15 7.65 34.53 25.30
N LEU E 16 8.03 33.28 25.58
CA LEU E 16 7.16 32.37 26.30
C LEU E 16 7.19 32.67 27.79
N GLN E 17 8.33 33.21 28.24
CA GLN E 17 8.58 33.44 29.66
C GLN E 17 8.43 32.15 30.46
N GLY E 18 8.96 31.06 29.90
CA GLY E 18 8.95 29.77 30.56
C GLY E 18 7.66 28.99 30.34
N ALA E 19 6.90 29.38 29.32
CA ALA E 19 5.65 28.71 29.02
C ALA E 19 5.89 27.40 28.24
N GLN E 20 5.27 26.33 28.71
CA GLN E 20 5.40 25.03 28.06
C GLN E 20 4.05 24.52 27.59
N LEU E 21 3.06 25.41 27.57
CA LEU E 21 1.71 25.07 27.15
C LEU E 21 1.25 25.98 26.01
N ALA E 22 0.64 25.38 24.99
CA ALA E 22 0.16 26.15 23.84
C ALA E 22 -1.22 25.73 23.36
N ILE E 23 -2.05 26.72 23.07
CA ILE E 23 -3.37 26.48 22.50
C ILE E 23 -3.31 26.74 20.99
N VAL E 24 -3.86 25.82 20.20
CA VAL E 24 -3.73 25.92 18.74
C VAL E 24 -5.06 25.92 17.98
N PRO E 25 -5.57 27.12 17.65
CA PRO E 25 -6.74 27.27 16.79
C PRO E 25 -6.33 27.37 15.33
N GLY E 26 -7.32 27.47 14.43
CA GLY E 26 -7.05 27.66 13.03
C GLY E 26 -7.14 29.12 12.63
N ASP E 27 -8.20 29.79 13.08
CA ASP E 27 -8.45 31.17 12.74
C ASP E 27 -7.61 32.12 13.60
N PRO E 28 -6.75 32.92 12.95
CA PRO E 28 -5.86 33.86 13.63
C PRO E 28 -6.61 34.97 14.37
N GLU E 29 -7.78 35.36 13.86
CA GLU E 29 -8.56 36.42 14.48
C GLU E 29 -9.18 35.95 15.79
N ARG E 30 -9.31 34.64 15.94
CA ARG E 30 -9.88 34.06 17.15
C ARG E 30 -8.87 34.09 18.27
N VAL E 31 -7.59 34.02 17.91
CA VAL E 31 -6.49 33.96 18.88
C VAL E 31 -6.58 35.05 19.94
N GLU E 32 -6.81 36.28 19.49
CA GLU E 32 -6.93 37.40 20.42
C GLU E 32 -8.24 37.33 21.20
N LYS E 33 -9.24 36.65 20.64
CA LYS E 33 -10.51 36.44 21.33
C LYS E 33 -10.38 35.38 22.41
N ILE E 34 -9.54 34.39 22.15
CA ILE E 34 -9.25 33.33 23.12
C ILE E 34 -8.47 33.91 24.30
N ALA E 35 -7.47 34.73 23.98
CA ALA E 35 -6.62 35.33 25.00
C ALA E 35 -7.36 36.41 25.79
N ALA E 36 -8.62 36.64 25.44
CA ALA E 36 -9.48 37.54 26.21
C ALA E 36 -10.05 36.77 27.40
N LEU E 37 -9.86 35.46 27.40
CA LEU E 37 -10.26 34.62 28.51
C LEU E 37 -9.09 34.39 29.45
N MET E 38 -7.88 34.65 28.95
CA MET E 38 -6.72 34.71 29.81
C MET E 38 -6.39 36.17 30.07
N ASP E 39 -5.41 36.41 30.94
CA ASP E 39 -5.13 37.77 31.37
C ASP E 39 -3.77 38.27 30.92
N LYS E 40 -3.60 39.58 31.01
CA LYS E 40 -2.38 40.25 30.65
C LYS E 40 -1.88 39.88 29.26
N PRO E 41 -2.79 39.84 28.30
CA PRO E 41 -2.43 39.29 27.00
C PRO E 41 -1.43 40.16 26.25
N VAL E 42 -0.35 39.56 25.79
CA VAL E 42 0.67 40.27 25.02
C VAL E 42 0.84 39.68 23.62
N LYS E 43 0.62 40.50 22.59
CA LYS E 43 0.81 40.05 21.22
C LYS E 43 2.30 39.85 20.92
N LEU E 44 2.62 38.73 20.27
CA LEU E 44 4.01 38.42 19.94
C LEU E 44 4.37 38.72 18.50
N ALA E 45 3.59 38.17 17.57
CA ALA E 45 3.83 38.38 16.14
C ALA E 45 2.67 37.82 15.31
N SER E 46 2.51 38.34 14.10
CA SER E 46 1.58 37.77 13.13
C SER E 46 2.29 37.55 11.81
N HIS E 47 3.26 36.62 11.83
CA HIS E 47 3.97 36.25 10.63
C HIS E 47 3.21 35.12 9.95
N ARG E 48 2.74 35.37 8.73
CA ARG E 48 1.89 34.44 8.00
C ARG E 48 0.59 34.15 8.73
N GLU E 49 0.22 32.87 8.74
CA GLU E 49 -0.90 32.37 9.55
C GLU E 49 -0.62 32.44 11.04
N PHE E 50 0.63 32.13 11.40
CA PHE E 50 1.00 31.72 12.72
C PHE E 50 0.91 32.83 13.76
N THR E 51 -0.29 33.23 14.15
CA THR E 51 -0.40 34.35 15.06
C THR E 51 -0.46 33.92 16.51
N SER E 52 0.61 34.22 17.24
CA SER E 52 0.74 33.84 18.63
C SER E 52 0.54 35.01 19.58
N TRP E 53 0.35 34.71 20.86
CA TRP E 53 0.06 35.73 21.85
C TRP E 53 0.57 35.28 23.23
N ARG E 54 0.96 36.24 24.06
CA ARG E 54 1.52 35.94 25.38
C ARG E 54 0.54 36.25 26.51
N ALA E 55 0.18 35.22 27.27
CA ALA E 55 -0.76 35.38 28.37
C ALA E 55 -0.34 34.58 29.60
N GLU E 56 -0.99 34.85 30.73
CA GLU E 56 -0.70 34.16 31.98
C GLU E 56 -1.97 33.66 32.65
N LEU E 57 -1.91 32.43 33.17
CA LEU E 57 -3.03 31.90 33.94
C LEU E 57 -2.51 31.15 35.17
N ASP E 58 -3.10 31.44 36.32
CA ASP E 58 -2.66 30.89 37.60
C ASP E 58 -1.19 31.17 37.89
N GLY E 59 -0.74 32.37 37.54
CA GLY E 59 0.63 32.79 37.80
C GLY E 59 1.62 32.35 36.74
N LYS E 60 1.29 31.28 36.02
CA LYS E 60 2.19 30.74 35.00
C LYS E 60 1.85 31.22 33.59
N ALA E 61 2.87 31.33 32.75
CA ALA E 61 2.71 31.85 31.39
C ALA E 61 2.03 30.86 30.46
N VAL E 62 1.09 31.36 29.67
CA VAL E 62 0.32 30.53 28.74
C VAL E 62 0.39 31.12 27.33
N ILE E 63 0.57 30.26 26.34
CA ILE E 63 0.68 30.71 24.95
C ILE E 63 -0.48 30.21 24.09
N VAL E 64 -1.05 31.06 23.28
CA VAL E 64 -2.05 30.64 22.33
C VAL E 64 -1.62 31.05 20.92
N CYS E 65 -1.24 30.08 20.10
CA CYS E 65 -0.76 30.25 18.72
C CYS E 65 -1.66 29.63 17.67
N SER E 66 -1.87 30.37 16.61
CA SER E 66 -2.68 29.92 15.48
C SER E 66 -1.90 29.00 14.58
N THR E 67 -2.60 28.06 13.98
CA THR E 67 -2.03 27.20 12.99
C THR E 67 -2.58 27.38 11.60
N GLY E 68 -3.90 27.43 11.48
CA GLY E 68 -4.55 27.46 10.20
C GLY E 68 -5.04 26.12 9.72
N ILE E 69 -5.88 26.10 8.71
CA ILE E 69 -6.39 24.85 8.21
C ILE E 69 -5.33 23.97 7.60
N GLY E 70 -5.30 22.70 7.95
CA GLY E 70 -4.42 21.71 7.38
C GLY E 70 -3.29 21.26 8.28
N GLY E 71 -3.03 19.96 8.26
CA GLY E 71 -1.90 19.37 8.96
C GLY E 71 -0.55 20.04 8.78
N PRO E 72 -0.15 20.31 7.52
CA PRO E 72 1.10 21.03 7.25
C PRO E 72 1.25 22.29 8.09
N SER E 73 0.23 23.13 8.09
CA SER E 73 0.23 24.35 8.89
C SER E 73 0.38 24.00 10.36
N THR E 74 -0.42 23.02 10.79
CA THR E 74 -0.37 22.53 12.16
C THR E 74 1.02 22.01 12.49
N SER E 75 1.54 21.15 11.62
CA SER E 75 2.84 20.51 11.82
C SER E 75 3.94 21.53 12.07
N ILE E 76 3.94 22.61 11.30
CA ILE E 76 4.96 23.64 11.43
C ILE E 76 4.95 24.30 12.81
N ALA E 77 3.79 24.87 13.18
CA ALA E 77 3.66 25.58 14.45
C ALA E 77 3.89 24.66 15.65
N VAL E 78 3.24 23.49 15.62
CA VAL E 78 3.35 22.53 16.72
C VAL E 78 4.79 22.06 16.88
N GLU E 79 5.47 21.83 15.75
CA GLU E 79 6.90 21.54 15.80
C GLU E 79 7.63 22.74 16.38
N GLU E 80 7.35 23.92 15.82
CA GLU E 80 8.06 25.13 16.20
C GLU E 80 7.81 25.58 17.64
N LEU E 81 6.60 25.35 18.14
CA LEU E 81 6.28 25.66 19.52
C LEU E 81 7.09 24.78 20.47
N ALA E 82 7.42 23.57 20.01
CA ALA E 82 8.07 22.56 20.85
C ALA E 82 9.51 22.91 21.24
N GLN E 83 10.33 23.30 20.27
CA GLN E 83 11.73 23.64 20.57
C GLN E 83 11.80 24.87 21.45
N LEU E 84 10.74 25.65 21.43
CA LEU E 84 10.65 26.86 22.21
C LEU E 84 10.72 26.78 23.74
N GLY E 85 10.03 25.88 24.45
CA GLY E 85 9.17 24.91 23.90
C GLY E 85 8.10 24.31 24.78
N ILE E 86 6.90 24.44 24.27
CA ILE E 86 5.75 23.76 24.72
C ILE E 86 5.99 22.26 24.64
N ARG E 87 5.41 21.53 25.56
CA ARG E 87 5.37 20.07 25.61
C ARG E 87 3.94 19.55 25.67
N THR E 88 2.97 20.47 25.79
CA THR E 88 1.57 20.11 25.82
C THR E 88 0.76 20.96 24.85
N PHE E 89 -0.05 20.31 24.03
CA PHE E 89 -0.78 21.01 22.98
C PHE E 89 -2.28 20.74 23.01
N LEU E 90 -3.06 21.80 23.10
CA LEU E 90 -4.51 21.69 23.06
C LEU E 90 -5.06 22.46 21.88
N ARG E 91 -5.88 21.79 21.06
CA ARG E 91 -6.40 22.42 19.86
C ARG E 91 -7.89 22.72 19.95
N ILE E 92 -8.24 23.96 19.67
CA ILE E 92 -9.64 24.35 19.54
C ILE E 92 -9.95 24.61 18.07
N GLY E 93 -11.12 24.16 17.62
CA GLY E 93 -11.48 24.28 16.22
C GLY E 93 -12.95 24.46 15.96
N THR E 94 -13.29 24.43 14.67
CA THR E 94 -14.66 24.57 14.21
C THR E 94 -14.96 23.44 13.23
N THR E 95 -15.93 22.61 13.55
CA THR E 95 -16.14 21.37 12.81
C THR E 95 -17.59 21.09 12.42
N GLY E 96 -17.76 20.14 11.52
CA GLY E 96 -19.07 19.66 11.13
C GLY E 96 -19.18 18.15 11.36
N ALA E 97 -20.21 17.75 12.09
CA ALA E 97 -20.39 16.35 12.43
C ALA E 97 -21.15 15.60 11.34
N ILE E 98 -21.05 14.28 11.37
CA ILE E 98 -21.75 13.45 10.39
C ILE E 98 -22.88 12.65 11.03
N GLN E 99 -22.98 12.74 12.36
CA GLN E 99 -24.01 12.00 13.08
C GLN E 99 -25.17 12.90 13.51
N PRO E 100 -26.41 12.48 13.19
CA PRO E 100 -27.65 13.24 13.37
C PRO E 100 -27.90 13.75 14.79
N HIS E 101 -27.63 12.94 15.81
CA HIS E 101 -27.93 13.32 17.19
C HIS E 101 -27.11 14.52 17.63
N ILE E 102 -25.98 14.74 16.95
CA ILE E 102 -25.17 15.91 17.19
C ILE E 102 -25.82 17.11 16.51
N ASN E 103 -26.33 18.05 17.31
CA ASN E 103 -27.00 19.23 16.79
C ASN E 103 -26.10 20.46 16.81
N VAL E 104 -26.64 21.59 16.35
CA VAL E 104 -25.88 22.84 16.34
C VAL E 104 -25.65 23.33 17.76
N GLY E 105 -24.41 23.65 18.09
CA GLY E 105 -24.07 24.16 19.41
C GLY E 105 -23.46 23.12 20.32
N ASP E 106 -22.83 22.10 19.72
CA ASP E 106 -22.25 21.01 20.49
C ASP E 106 -20.73 21.13 20.63
N VAL E 107 -20.24 20.72 21.81
CA VAL E 107 -18.81 20.72 22.07
C VAL E 107 -18.26 19.31 21.87
N LEU E 108 -17.22 19.19 21.07
CA LEU E 108 -16.70 17.87 20.70
C LEU E 108 -15.28 17.62 21.17
N VAL E 109 -15.09 16.48 21.82
CA VAL E 109 -13.76 16.05 22.26
C VAL E 109 -13.44 14.70 21.61
N THR E 110 -12.20 14.56 21.13
CA THR E 110 -11.81 13.36 20.40
C THR E 110 -10.70 12.60 21.11
N THR E 111 -10.89 11.29 21.23
CA THR E 111 -9.88 10.42 21.84
C THR E 111 -8.78 10.11 20.83
N ALA E 112 -9.17 9.79 19.61
CA ALA E 112 -8.23 9.53 18.54
C ALA E 112 -8.83 9.98 17.20
N SER E 113 -8.03 9.93 16.15
CA SER E 113 -8.47 10.44 14.86
C SER E 113 -8.14 9.54 13.67
N VAL E 114 -9.04 9.50 12.69
CA VAL E 114 -8.83 8.75 11.47
C VAL E 114 -7.81 9.47 10.57
N ARG E 115 -6.74 8.78 10.22
CA ARG E 115 -5.68 9.38 9.42
C ARG E 115 -6.04 9.42 7.93
N LEU E 116 -7.02 10.25 7.58
CA LEU E 116 -7.36 10.46 6.18
C LEU E 116 -6.46 11.54 5.60
N ASP E 117 -5.39 11.85 6.33
CA ASP E 117 -4.43 12.86 5.90
C ASP E 117 -3.11 12.23 5.45
N GLY E 118 -2.18 13.08 5.04
CA GLY E 118 -0.88 12.61 4.60
C GLY E 118 0.26 13.19 5.41
N ALA E 119 -0.03 14.28 6.12
CA ALA E 119 0.97 14.94 6.94
C ALA E 119 1.36 14.08 8.14
N SER E 120 0.40 13.28 8.63
CA SER E 120 0.62 12.41 9.77
C SER E 120 1.67 11.34 9.47
N LEU E 121 1.76 10.97 8.20
CA LEU E 121 2.63 9.89 7.76
C LEU E 121 4.11 10.24 7.87
N HIS E 122 4.39 11.51 8.12
CA HIS E 122 5.77 11.97 8.24
C HIS E 122 6.34 11.73 9.63
N PHE E 123 5.47 11.38 10.57
CA PHE E 123 5.90 11.11 11.93
C PHE E 123 5.76 9.64 12.29
N ALA E 124 4.85 8.95 11.59
CA ALA E 124 4.58 7.55 11.89
C ALA E 124 3.90 6.85 10.73
N PRO E 125 4.14 5.54 10.59
CA PRO E 125 3.47 4.73 9.57
C PRO E 125 1.96 4.72 9.77
N MET E 126 1.22 4.22 8.78
CA MET E 126 -0.24 4.24 8.83
C MET E 126 -0.79 3.33 9.93
N GLU E 127 0.07 2.50 10.50
CA GLU E 127 -0.33 1.60 11.57
C GLU E 127 -0.43 2.30 12.92
N PHE E 128 0.51 3.20 13.18
CA PHE E 128 0.55 3.93 14.44
C PHE E 128 -0.66 4.85 14.57
N PRO E 129 -1.46 4.66 15.62
CA PRO E 129 -2.70 5.40 15.83
C PRO E 129 -2.46 6.86 16.21
N ALA E 130 -3.32 7.74 15.74
CA ALA E 130 -3.28 9.15 16.13
C ALA E 130 -4.20 9.37 17.33
N VAL E 131 -3.68 9.10 18.52
CA VAL E 131 -4.47 9.14 19.73
C VAL E 131 -4.14 10.37 20.59
N ALA E 132 -5.18 11.00 21.15
CA ALA E 132 -4.99 12.12 22.05
C ALA E 132 -4.52 11.63 23.41
N ASP E 133 -3.59 12.37 24.02
CA ASP E 133 -3.04 12.02 25.31
C ASP E 133 -4.11 11.99 26.39
N PHE E 134 -4.02 11.03 27.31
CA PHE E 134 -5.01 10.85 28.37
C PHE E 134 -5.14 12.07 29.27
N ALA E 135 -4.01 12.56 29.78
CA ALA E 135 -4.00 13.71 30.67
C ALA E 135 -4.66 14.92 30.00
N CYS E 136 -4.51 15.01 28.69
CA CYS E 136 -5.14 16.08 27.91
C CYS E 136 -6.60 15.75 27.64
N THR E 137 -6.89 14.47 27.48
CA THR E 137 -8.25 14.04 27.17
C THR E 137 -9.17 14.18 28.38
N THR E 138 -8.72 13.67 29.53
CA THR E 138 -9.55 13.65 30.72
C THR E 138 -9.90 15.06 31.22
N ALA E 139 -8.95 15.98 31.11
CA ALA E 139 -9.15 17.34 31.57
C ALA E 139 -10.27 18.02 30.78
N LEU E 140 -10.32 17.73 29.49
CA LEU E 140 -11.36 18.26 28.62
C LEU E 140 -12.72 17.72 29.03
N VAL E 141 -12.79 16.41 29.26
CA VAL E 141 -14.03 15.77 29.68
C VAL E 141 -14.45 16.29 31.05
N GLU E 142 -13.49 16.42 31.96
CA GLU E 142 -13.77 16.95 33.29
C GLU E 142 -14.23 18.41 33.21
N ALA E 143 -13.81 19.10 32.15
CA ALA E 143 -14.20 20.49 31.95
C ALA E 143 -15.49 20.60 31.15
N ALA E 144 -15.73 19.63 30.28
CA ALA E 144 -16.95 19.62 29.47
C ALA E 144 -18.18 19.34 30.31
N LYS E 145 -17.99 18.60 31.39
CA LYS E 145 -19.11 18.21 32.26
C LYS E 145 -19.50 19.32 33.23
N SER E 146 -18.54 20.15 33.60
CA SER E 146 -18.76 21.15 34.63
C SER E 146 -19.68 22.29 34.21
N ILE E 147 -19.39 22.90 33.07
CA ILE E 147 -20.13 24.09 32.62
C ILE E 147 -21.43 23.72 31.91
N GLY E 148 -21.87 22.47 32.08
CA GLY E 148 -23.13 22.01 31.53
C GLY E 148 -23.20 22.02 30.03
N ALA E 149 -22.06 21.77 29.38
CA ALA E 149 -22.00 21.78 27.92
C ALA E 149 -22.32 20.40 27.35
N THR E 150 -22.91 20.39 26.15
CA THR E 150 -23.20 19.14 25.46
C THR E 150 -21.91 18.50 24.97
N THR E 151 -21.58 17.34 25.53
CA THR E 151 -20.31 16.69 25.27
C THR E 151 -20.43 15.41 24.45
N HIS E 152 -19.48 15.20 23.54
CA HIS E 152 -19.41 13.98 22.74
C HIS E 152 -17.97 13.48 22.71
N VAL E 153 -17.75 12.23 23.09
CA VAL E 153 -16.42 11.65 23.19
C VAL E 153 -16.24 10.49 22.24
N GLY E 154 -15.13 10.42 21.53
CA GLY E 154 -15.04 9.45 20.47
C GLY E 154 -13.94 9.53 19.42
N VAL E 155 -14.28 9.01 18.26
CA VAL E 155 -13.40 8.98 17.13
C VAL E 155 -13.88 9.93 16.06
N THR E 156 -12.93 10.63 15.46
CA THR E 156 -13.24 11.62 14.44
C THR E 156 -12.35 11.45 13.23
N ALA E 157 -12.91 11.70 12.05
CA ALA E 157 -12.16 11.64 10.81
C ALA E 157 -11.37 12.92 10.57
N SER E 158 -10.18 12.78 9.98
CA SER E 158 -9.33 13.92 9.67
C SER E 158 -8.93 13.90 8.21
N SER E 159 -9.66 14.63 7.37
CA SER E 159 -9.39 14.66 5.94
C SER E 159 -8.28 15.62 5.55
N ASP E 160 -7.57 15.29 4.48
CA ASP E 160 -6.55 16.17 3.92
C ASP E 160 -7.23 17.31 3.18
N THR E 161 -8.35 17.01 2.54
CA THR E 161 -9.06 17.99 1.74
C THR E 161 -10.44 18.27 2.31
N PHE E 162 -10.91 19.50 2.08
CA PHE E 162 -12.21 19.93 2.60
C PHE E 162 -13.35 19.41 1.75
N TYR E 163 -13.25 19.60 0.43
CA TYR E 163 -14.37 19.29 -0.46
C TYR E 163 -14.43 17.84 -0.95
N PRO E 164 -13.32 17.29 -1.47
CA PRO E 164 -13.44 15.89 -1.89
C PRO E 164 -13.41 14.92 -0.72
N GLY E 165 -12.49 15.14 0.22
CA GLY E 165 -12.27 14.21 1.32
C GLY E 165 -13.46 13.99 2.23
N GLN E 166 -14.22 15.05 2.47
CA GLN E 166 -15.37 14.98 3.36
C GLN E 166 -16.63 14.65 2.56
N GLU E 167 -16.41 14.26 1.31
CA GLU E 167 -17.46 13.79 0.41
C GLU E 167 -18.52 14.86 0.13
N ARG E 168 -18.08 16.01 -0.38
CA ARG E 168 -18.99 17.05 -0.83
C ARG E 168 -18.98 17.04 -2.36
N TYR E 169 -20.09 16.62 -2.96
CA TYR E 169 -20.14 16.46 -4.41
C TYR E 169 -20.46 17.75 -5.13
N ASP E 170 -20.94 18.74 -4.38
CA ASP E 170 -21.36 20.00 -4.96
C ASP E 170 -20.14 20.89 -5.21
N THR E 171 -19.45 20.61 -6.30
CA THR E 171 -18.16 21.14 -6.59
C THR E 171 -18.04 21.35 -8.05
N TYR E 172 -16.90 21.85 -8.48
CA TYR E 172 -16.71 22.19 -9.88
C TYR E 172 -16.84 20.96 -10.77
N SER E 173 -16.07 19.93 -10.46
CA SER E 173 -16.04 18.72 -11.26
C SER E 173 -17.35 17.95 -11.16
N GLY E 174 -17.85 17.80 -9.94
CA GLY E 174 -19.05 17.02 -9.71
C GLY E 174 -18.75 15.54 -9.63
N ARG E 175 -17.51 15.22 -9.28
CA ARG E 175 -17.12 13.83 -9.10
C ARG E 175 -16.17 13.69 -7.91
N VAL E 176 -16.23 12.53 -7.26
CA VAL E 176 -15.30 12.21 -6.18
C VAL E 176 -14.57 10.91 -6.49
N VAL E 177 -13.26 10.93 -6.29
CA VAL E 177 -12.40 9.78 -6.60
C VAL E 177 -12.89 8.51 -5.90
N ARG E 178 -12.55 7.36 -6.49
CA ARG E 178 -12.98 6.05 -6.02
C ARG E 178 -12.81 5.83 -4.52
N ARG E 179 -11.62 6.17 -4.01
CA ARG E 179 -11.29 5.98 -2.60
C ARG E 179 -12.28 6.67 -1.66
N PHE E 180 -12.77 7.84 -2.08
CA PHE E 180 -13.68 8.61 -1.23
C PHE E 180 -15.12 8.57 -1.71
N LYS E 181 -15.36 7.94 -2.85
CA LYS E 181 -16.72 7.77 -3.35
C LYS E 181 -17.43 6.70 -2.53
N GLY E 182 -18.18 7.15 -1.51
CA GLY E 182 -18.86 6.24 -0.60
C GLY E 182 -18.11 6.09 0.71
N SER E 183 -17.25 7.05 1.02
CA SER E 183 -16.41 6.98 2.21
C SER E 183 -17.15 7.39 3.48
N MET E 184 -17.95 8.44 3.39
CA MET E 184 -18.71 8.92 4.54
C MET E 184 -19.83 7.94 4.88
N GLU E 185 -20.16 7.08 3.92
CA GLU E 185 -21.13 6.01 4.17
C GLU E 185 -20.55 5.06 5.21
N GLU E 186 -19.25 4.83 5.11
CA GLU E 186 -18.55 3.96 6.04
C GLU E 186 -18.44 4.61 7.41
N TRP E 187 -17.80 5.77 7.48
CA TRP E 187 -17.57 6.48 8.73
C TRP E 187 -18.86 6.66 9.53
N GLN E 188 -19.97 6.83 8.82
CA GLN E 188 -21.28 7.00 9.43
C GLN E 188 -21.62 5.80 10.30
N ALA E 189 -21.35 4.61 9.77
CA ALA E 189 -21.68 3.37 10.47
C ALA E 189 -20.61 2.97 11.48
N MET E 190 -19.43 3.57 11.35
CA MET E 190 -18.32 3.27 12.26
C MET E 190 -18.55 3.91 13.62
N GLY E 191 -19.33 4.99 13.63
CA GLY E 191 -19.57 5.74 14.86
C GLY E 191 -18.64 6.92 14.93
N VAL E 192 -18.00 7.27 13.83
CA VAL E 192 -17.13 8.42 13.82
C VAL E 192 -17.91 9.68 14.10
N MET E 193 -17.38 10.53 14.95
CA MET E 193 -18.12 11.72 15.27
C MET E 193 -18.28 12.85 14.24
N ASN E 194 -17.16 13.43 13.86
CA ASN E 194 -17.18 14.71 13.16
C ASN E 194 -16.07 14.89 12.14
N TYR E 195 -16.29 15.83 11.23
CA TYR E 195 -15.32 16.11 10.19
C TYR E 195 -14.45 17.31 10.55
N GLU E 196 -13.15 17.09 10.60
CA GLU E 196 -12.20 18.18 10.80
C GLU E 196 -10.95 17.87 9.97
N MET E 197 -9.97 18.77 9.97
CA MET E 197 -8.81 18.61 9.09
C MET E 197 -7.45 18.56 9.78
N GLU E 198 -7.39 18.93 11.05
CA GLU E 198 -6.11 19.06 11.72
C GLU E 198 -5.81 18.11 12.86
N SER E 199 -6.81 17.34 13.31
CA SER E 199 -6.64 16.47 14.49
C SER E 199 -5.66 15.29 14.42
N ALA E 200 -5.69 14.53 13.32
CA ALA E 200 -4.87 13.33 13.19
C ALA E 200 -3.37 13.62 13.17
N THR E 201 -3.03 14.68 12.45
CA THR E 201 -1.67 15.16 12.23
C THR E 201 -1.06 15.58 13.55
N LEU E 202 -1.77 16.46 14.25
CA LEU E 202 -1.33 16.98 15.54
C LEU E 202 -1.12 15.86 16.54
N LEU E 203 -2.04 14.91 16.57
CA LEU E 203 -1.99 13.82 17.52
C LEU E 203 -0.81 12.89 17.23
N THR E 204 -0.59 12.61 15.96
CA THR E 204 0.48 11.73 15.54
C THR E 204 1.86 12.28 15.90
N MET E 205 2.09 13.55 15.56
CA MET E 205 3.38 14.16 15.82
C MET E 205 3.66 14.34 17.30
N CYS E 206 2.60 14.30 18.11
CA CYS E 206 2.75 14.43 19.55
C CYS E 206 2.88 13.07 20.23
N ALA E 207 2.06 12.12 19.82
CA ALA E 207 2.07 10.78 20.40
C ALA E 207 3.33 10.00 20.02
N SER E 208 3.93 10.38 18.90
CA SER E 208 5.11 9.69 18.40
C SER E 208 6.41 10.39 18.77
N GLN E 209 6.31 11.62 19.27
CA GLN E 209 7.49 12.35 19.70
C GLN E 209 7.55 12.48 21.21
N GLY E 210 6.56 11.92 21.89
CA GLY E 210 6.51 11.94 23.34
C GLY E 210 5.94 13.24 23.87
N LEU E 211 4.85 13.69 23.29
CA LEU E 211 4.21 14.95 23.71
C LEU E 211 2.76 14.73 24.08
N ARG E 212 2.20 15.67 24.84
CA ARG E 212 0.80 15.60 25.26
C ARG E 212 -0.06 16.44 24.34
N ALA E 213 -1.14 15.84 23.84
CA ALA E 213 -2.01 16.51 22.87
C ALA E 213 -3.49 16.38 23.21
N GLY E 214 -4.18 17.52 23.25
CA GLY E 214 -5.61 17.55 23.49
C GLY E 214 -6.35 18.09 22.28
N MET E 215 -7.63 17.75 22.17
CA MET E 215 -8.44 18.19 21.04
C MET E 215 -9.87 18.50 21.40
N VAL E 216 -10.31 19.70 21.05
CA VAL E 216 -11.69 20.12 21.29
C VAL E 216 -12.16 20.98 20.12
N ALA E 217 -13.42 20.82 19.72
CA ALA E 217 -13.96 21.59 18.62
C ALA E 217 -15.44 21.91 18.82
N GLY E 218 -15.93 22.89 18.08
CA GLY E 218 -17.32 23.30 18.17
C GLY E 218 -18.10 23.01 16.91
N VAL E 219 -19.37 22.66 17.09
CA VAL E 219 -20.23 22.34 15.95
C VAL E 219 -20.89 23.60 15.38
N ILE E 220 -20.68 23.84 14.09
CA ILE E 220 -21.35 24.94 13.41
C ILE E 220 -22.31 24.43 12.33
N VAL E 221 -22.15 23.18 11.92
CA VAL E 221 -23.00 22.63 10.86
C VAL E 221 -23.04 21.10 10.94
N ASN E 222 -24.12 20.51 10.45
CA ASN E 222 -24.23 19.07 10.33
C ASN E 222 -24.14 18.64 8.87
N ARG E 223 -23.34 17.62 8.60
CA ARG E 223 -23.14 17.12 7.24
C ARG E 223 -24.40 16.46 6.68
N THR E 224 -25.05 15.64 7.51
CA THR E 224 -26.24 14.92 7.08
C THR E 224 -27.44 15.85 6.97
N GLN E 225 -27.63 16.69 7.99
CA GLN E 225 -28.76 17.60 8.03
C GLN E 225 -28.71 18.56 6.85
N GLN E 226 -29.81 18.59 6.08
CA GLN E 226 -29.91 19.27 4.80
C GLN E 226 -29.31 20.69 4.76
N GLU E 227 -29.49 21.43 5.84
CA GLU E 227 -29.22 22.86 5.83
C GLU E 227 -27.90 23.24 6.52
N ILE E 228 -27.06 23.96 5.79
CA ILE E 228 -25.97 24.67 6.46
C ILE E 228 -26.70 25.77 7.22
N PRO E 229 -26.48 25.85 8.52
CA PRO E 229 -27.26 26.72 9.38
C PRO E 229 -26.87 28.16 9.13
N ASN E 230 -27.70 29.05 9.62
CA ASN E 230 -27.45 30.47 9.51
C ASN E 230 -26.04 30.86 9.95
N ALA E 231 -25.38 31.62 9.08
CA ALA E 231 -23.92 31.73 9.00
C ALA E 231 -23.26 31.98 10.34
N GLU E 232 -23.48 33.16 10.87
CA GLU E 232 -23.05 33.45 12.20
C GLU E 232 -24.22 34.06 12.94
N THR E 233 -24.57 33.48 14.05
CA THR E 233 -25.34 34.10 15.11
C THR E 233 -24.84 33.60 16.44
N MET E 234 -25.18 32.34 16.71
CA MET E 234 -25.06 31.71 18.00
C MET E 234 -23.71 31.11 18.26
N LYS E 235 -22.77 31.15 17.37
CA LYS E 235 -21.69 30.27 17.67
C LYS E 235 -20.81 30.90 18.67
N GLN E 236 -21.44 31.41 19.71
CA GLN E 236 -20.83 31.76 20.97
C GLN E 236 -20.35 30.42 21.51
N THR E 237 -20.93 29.37 20.94
CA THR E 237 -20.61 28.00 21.31
C THR E 237 -19.11 27.87 21.38
N GLU E 238 -18.41 28.56 20.48
CA GLU E 238 -16.98 28.71 20.60
C GLU E 238 -16.63 29.00 22.04
N SER E 239 -17.33 29.96 22.65
CA SER E 239 -17.09 30.26 24.07
C SER E 239 -17.16 28.98 24.89
N HIS E 240 -18.23 28.19 24.74
CA HIS E 240 -18.29 26.85 25.35
C HIS E 240 -17.01 26.10 25.01
N ALA E 241 -16.72 26.04 23.72
CA ALA E 241 -15.57 25.33 23.21
C ALA E 241 -14.28 25.96 23.70
N VAL E 242 -14.24 27.28 23.81
CA VAL E 242 -13.04 27.92 24.33
C VAL E 242 -13.04 27.91 25.86
N LYS E 243 -14.21 28.06 26.48
CA LYS E 243 -14.27 27.99 27.94
C LYS E 243 -13.82 26.64 28.44
N ILE E 244 -14.32 25.60 27.79
CA ILE E 244 -13.99 24.23 28.14
C ILE E 244 -12.48 23.97 28.04
N VAL E 245 -11.86 24.46 26.98
CA VAL E 245 -10.43 24.24 26.81
C VAL E 245 -9.61 25.09 27.79
N VAL E 246 -10.13 26.27 28.13
CA VAL E 246 -9.47 27.13 29.11
C VAL E 246 -9.45 26.45 30.48
N GLU E 247 -10.59 26.00 30.95
CA GLU E 247 -10.57 25.32 32.21
C GLU E 247 -9.74 24.06 32.16
N ALA E 248 -9.77 23.35 31.05
CA ALA E 248 -8.94 22.16 30.91
C ALA E 248 -7.46 22.52 30.91
N ALA E 249 -7.11 23.63 30.26
CA ALA E 249 -5.72 24.05 30.14
C ALA E 249 -5.12 24.42 31.48
N ARG E 250 -5.91 25.04 32.34
CA ARG E 250 -5.42 25.47 33.63
C ARG E 250 -4.83 24.33 34.43
N ARG E 251 -5.43 23.16 34.32
CA ARG E 251 -5.01 22.00 35.08
C ARG E 251 -3.64 21.44 34.80
N LEU E 252 -3.28 21.29 33.55
CA LEU E 252 -1.98 20.74 33.25
C LEU E 252 -0.86 21.62 33.73
N LEU E 253 -1.06 22.92 33.60
CA LEU E 253 0.01 23.85 33.87
C LEU E 253 1.06 23.30 34.75
N SER F 4 -22.20 34.62 1.93
CA SER F 4 -21.40 34.70 0.71
C SER F 4 -21.70 33.52 -0.21
N ASP F 5 -21.05 33.51 -1.38
CA ASP F 5 -21.18 32.41 -2.31
C ASP F 5 -20.46 31.17 -1.76
N VAL F 6 -19.29 31.39 -1.19
CA VAL F 6 -18.50 30.32 -0.59
C VAL F 6 -18.24 30.62 0.89
N PHE F 7 -17.91 29.59 1.64
CA PHE F 7 -17.80 29.70 3.09
C PHE F 7 -16.43 30.13 3.58
N HIS F 8 -15.38 29.82 2.82
CA HIS F 8 -14.02 30.17 3.19
C HIS F 8 -13.40 31.41 2.57
N LEU F 9 -13.55 31.62 1.28
CA LEU F 9 -12.97 32.78 0.60
C LEU F 9 -13.70 34.08 0.91
N GLY F 10 -15.01 34.09 0.70
CA GLY F 10 -15.80 35.29 0.88
C GLY F 10 -15.84 36.13 -0.39
N LEU F 11 -15.41 35.53 -1.50
CA LEU F 11 -15.46 36.19 -2.80
C LEU F 11 -16.84 36.04 -3.42
N THR F 12 -17.17 36.90 -4.37
CA THR F 12 -18.41 36.78 -5.11
C THR F 12 -18.13 36.78 -6.62
N LYS F 13 -19.16 36.54 -7.41
CA LYS F 13 -19.00 36.51 -8.86
C LYS F 13 -18.60 37.87 -9.41
N ASN F 14 -19.00 38.93 -8.72
CA ASN F 14 -18.64 40.29 -9.12
C ASN F 14 -17.17 40.56 -8.87
N ASP F 15 -16.63 39.94 -7.82
CA ASP F 15 -15.23 40.12 -7.44
C ASP F 15 -14.29 39.67 -8.55
N LEU F 16 -14.68 38.61 -9.24
CA LEU F 16 -13.87 38.06 -10.33
C LEU F 16 -13.76 39.01 -11.50
N GLN F 17 -14.91 39.54 -11.91
CA GLN F 17 -15.04 40.34 -13.13
C GLN F 17 -14.76 39.49 -14.36
N GLY F 18 -15.23 38.26 -14.34
CA GLY F 18 -15.01 37.35 -15.45
C GLY F 18 -13.57 36.90 -15.54
N ALA F 19 -12.83 37.08 -14.45
CA ALA F 19 -11.45 36.61 -14.39
C ALA F 19 -11.39 35.10 -14.48
N GLN F 20 -10.45 34.59 -15.27
CA GLN F 20 -10.29 33.17 -15.44
C GLN F 20 -8.87 32.75 -15.12
N LEU F 21 -8.09 33.71 -14.63
CA LEU F 21 -6.72 33.45 -14.21
C LEU F 21 -6.51 33.95 -12.80
N ALA F 22 -5.82 33.17 -11.99
CA ALA F 22 -5.52 33.54 -10.62
C ALA F 22 -4.10 33.17 -10.22
N ILE F 23 -3.38 34.13 -9.65
CA ILE F 23 -2.06 33.87 -9.13
C ILE F 23 -2.17 33.38 -7.70
N VAL F 24 -1.42 32.34 -7.37
CA VAL F 24 -1.55 31.71 -6.05
C VAL F 24 -0.24 31.60 -5.29
N PRO F 25 0.09 32.64 -4.51
CA PRO F 25 1.26 32.61 -3.63
C PRO F 25 0.91 31.96 -2.31
N GLY F 26 1.88 31.88 -1.40
CA GLY F 26 1.65 31.25 -0.10
C GLY F 26 1.54 32.24 1.03
N ASP F 27 2.00 33.46 0.79
CA ASP F 27 1.97 34.49 1.84
C ASP F 27 0.81 35.46 1.64
N PRO F 28 -0.04 35.59 2.66
CA PRO F 28 -1.14 36.57 2.66
C PRO F 28 -0.62 38.00 2.52
N GLU F 29 0.59 38.24 3.01
CA GLU F 29 1.17 39.57 3.00
C GLU F 29 1.85 39.94 1.68
N ARG F 30 1.96 38.97 0.76
CA ARG F 30 2.62 39.22 -0.52
C ARG F 30 1.64 39.28 -1.68
N VAL F 31 0.35 39.18 -1.37
CA VAL F 31 -0.69 39.24 -2.39
C VAL F 31 -0.76 40.63 -3.00
N GLU F 32 -0.73 41.65 -2.15
CA GLU F 32 -0.70 43.03 -2.62
C GLU F 32 0.65 43.32 -3.26
N LYS F 33 1.67 42.59 -2.82
CA LYS F 33 3.02 42.77 -3.36
C LYS F 33 3.09 42.30 -4.81
N ILE F 34 2.22 41.36 -5.17
CA ILE F 34 2.16 40.88 -6.54
C ILE F 34 1.50 41.92 -7.45
N ALA F 35 0.49 42.60 -6.92
CA ALA F 35 -0.22 43.62 -7.67
C ALA F 35 0.62 44.88 -7.89
N ALA F 36 1.86 44.85 -7.41
CA ALA F 36 2.77 45.98 -7.56
C ALA F 36 3.20 46.17 -9.02
N LEU F 37 3.08 45.11 -9.82
CA LEU F 37 3.44 45.19 -11.23
C LEU F 37 2.18 45.16 -12.07
N MET F 38 1.06 44.81 -11.42
CA MET F 38 -0.26 44.79 -12.07
C MET F 38 -0.92 46.14 -11.98
N ASP F 39 -2.07 46.31 -12.59
CA ASP F 39 -2.68 47.62 -12.75
C ASP F 39 -3.91 47.82 -11.83
N LYS F 40 -4.12 48.97 -11.12
CA LYS F 40 -5.37 49.06 -10.35
C LYS F 40 -5.70 48.03 -9.27
N PRO F 41 -4.92 47.82 -8.25
CA PRO F 41 -5.34 46.90 -7.20
C PRO F 41 -6.58 47.33 -6.43
N VAL F 42 -7.46 46.40 -6.10
CA VAL F 42 -8.59 46.63 -5.20
C VAL F 42 -8.90 45.39 -4.33
N LYS F 43 -8.93 45.53 -3.02
CA LYS F 43 -9.20 44.38 -2.17
C LYS F 43 -10.67 43.98 -2.06
N LEU F 44 -10.93 42.68 -2.16
CA LEU F 44 -12.29 42.12 -2.18
C LEU F 44 -12.68 41.31 -0.95
N ALA F 45 -11.82 40.40 -0.51
CA ALA F 45 -12.05 39.71 0.73
C ALA F 45 -10.74 39.26 1.30
N SER F 46 -10.51 39.46 2.59
CA SER F 46 -9.27 38.97 3.18
C SER F 46 -9.62 38.22 4.43
N HIS F 47 -10.28 37.09 4.27
CA HIS F 47 -10.72 36.28 5.39
C HIS F 47 -9.73 35.15 5.66
N ARG F 48 -9.37 34.99 6.92
CA ARG F 48 -8.48 33.91 7.37
C ARG F 48 -7.14 33.94 6.65
N GLU F 49 -6.78 32.82 6.03
CA GLU F 49 -5.48 32.67 5.41
C GLU F 49 -5.43 33.35 4.04
N PHE F 50 -6.60 33.51 3.43
CA PHE F 50 -6.68 34.01 2.06
C PHE F 50 -6.89 35.52 1.99
N THR F 51 -5.96 36.21 1.36
CA THR F 51 -6.13 37.62 1.05
C THR F 51 -6.15 37.79 -0.46
N SER F 52 -7.18 38.45 -0.98
CA SER F 52 -7.34 38.59 -2.42
C SER F 52 -7.37 40.06 -2.86
N TRP F 53 -6.71 40.33 -3.97
CA TRP F 53 -6.71 41.66 -4.56
C TRP F 53 -7.09 41.60 -6.02
N ARG F 54 -8.24 42.18 -6.37
CA ARG F 54 -8.66 42.24 -7.76
C ARG F 54 -7.81 43.25 -8.51
N ALA F 55 -7.34 42.86 -9.69
CA ALA F 55 -6.58 43.76 -10.54
C ALA F 55 -6.87 43.45 -12.00
N GLU F 56 -6.26 44.22 -12.90
CA GLU F 56 -6.42 44.00 -14.33
C GLU F 56 -5.06 43.89 -15.01
N LEU F 57 -4.97 43.01 -15.99
CA LEU F 57 -3.76 42.90 -16.79
C LEU F 57 -4.15 42.99 -18.27
N ASP F 58 -3.66 44.04 -18.93
CA ASP F 58 -4.01 44.34 -20.31
C ASP F 58 -5.52 44.53 -20.50
N GLY F 59 -6.17 45.08 -19.48
CA GLY F 59 -7.58 45.38 -19.55
C GLY F 59 -8.48 44.20 -19.26
N LYS F 60 -7.89 43.10 -18.83
CA LYS F 60 -8.66 41.90 -18.52
C LYS F 60 -8.51 41.50 -17.06
N ALA F 61 -9.60 41.02 -16.47
CA ALA F 61 -9.66 40.73 -15.05
C ALA F 61 -8.71 39.62 -14.59
N VAL F 62 -7.96 39.90 -13.54
CA VAL F 62 -7.03 38.93 -12.94
C VAL F 62 -7.16 39.00 -11.41
N ILE F 63 -7.00 37.86 -10.75
CA ILE F 63 -7.04 37.82 -9.29
C ILE F 63 -5.76 37.21 -8.73
N VAL F 64 -5.34 37.66 -7.55
CA VAL F 64 -4.26 37.02 -6.83
C VAL F 64 -4.75 36.63 -5.44
N CYS F 65 -4.67 35.33 -5.14
CA CYS F 65 -5.13 34.84 -3.85
C CYS F 65 -4.11 33.90 -3.21
N SER F 66 -3.78 34.15 -1.95
CA SER F 66 -2.82 33.33 -1.23
C SER F 66 -3.39 31.95 -0.94
N THR F 67 -2.57 30.92 -1.11
CA THR F 67 -2.99 29.56 -0.79
C THR F 67 -2.82 29.28 0.70
N GLY F 68 -1.92 30.04 1.33
CA GLY F 68 -1.53 29.75 2.69
C GLY F 68 -0.47 28.68 2.68
N ILE F 69 -0.29 28.00 3.81
CA ILE F 69 0.74 26.97 3.89
C ILE F 69 0.16 25.57 3.93
N GLY F 70 0.55 24.75 2.96
CA GLY F 70 0.13 23.37 2.93
C GLY F 70 -0.83 23.05 1.80
N GLY F 71 -0.80 21.79 1.37
CA GLY F 71 -1.72 21.27 0.37
C GLY F 71 -3.20 21.47 0.69
N PRO F 72 -3.65 21.00 1.87
CA PRO F 72 -5.03 21.17 2.32
C PRO F 72 -5.59 22.57 2.10
N SER F 73 -4.89 23.58 2.62
CA SER F 73 -5.32 24.97 2.50
C SER F 73 -5.28 25.45 1.05
N THR F 74 -4.32 24.93 0.29
CA THR F 74 -4.17 25.28 -1.11
C THR F 74 -5.35 24.75 -1.92
N SER F 75 -5.71 23.50 -1.66
CA SER F 75 -6.83 22.86 -2.32
C SER F 75 -8.11 23.67 -2.13
N ILE F 76 -8.25 24.24 -0.93
CA ILE F 76 -9.41 25.07 -0.61
C ILE F 76 -9.46 26.29 -1.53
N ALA F 77 -8.33 26.97 -1.66
CA ALA F 77 -8.24 28.15 -2.51
C ALA F 77 -8.59 27.79 -3.94
N VAL F 78 -7.82 26.90 -4.53
CA VAL F 78 -7.96 26.53 -5.93
C VAL F 78 -9.36 26.06 -6.30
N GLU F 79 -9.93 25.19 -5.47
CA GLU F 79 -11.27 24.66 -5.74
C GLU F 79 -12.32 25.76 -5.80
N GLU F 80 -12.37 26.54 -4.75
CA GLU F 80 -13.29 27.64 -4.64
C GLU F 80 -13.05 28.75 -5.67
N LEU F 81 -11.80 29.06 -5.96
CA LEU F 81 -11.51 30.04 -6.97
C LEU F 81 -12.08 29.52 -8.26
N ALA F 82 -11.89 28.26 -8.54
CA ALA F 82 -12.41 27.63 -9.72
C ALA F 82 -13.91 27.65 -9.79
N GLN F 83 -14.56 27.54 -8.65
CA GLN F 83 -16.01 27.53 -8.57
C GLN F 83 -16.49 28.88 -8.99
N LEU F 84 -15.67 29.87 -8.71
CA LEU F 84 -15.90 31.25 -9.09
C LEU F 84 -15.87 31.36 -10.58
N GLY F 85 -14.92 30.66 -11.19
CA GLY F 85 -14.83 30.63 -12.64
C GLY F 85 -13.42 30.82 -13.14
N ILE F 86 -12.45 30.25 -12.43
CA ILE F 86 -11.05 30.35 -12.83
C ILE F 86 -10.51 28.99 -13.22
N ARG F 87 -9.85 28.94 -14.38
CA ARG F 87 -9.27 27.71 -14.82
C ARG F 87 -7.77 27.74 -14.87
N THR F 88 -7.17 28.88 -14.59
CA THR F 88 -5.71 28.95 -14.65
C THR F 88 -5.13 29.37 -13.30
N PHE F 89 -4.08 28.66 -12.87
CA PHE F 89 -3.50 28.90 -11.56
C PHE F 89 -1.97 28.88 -11.61
N LEU F 90 -1.37 30.02 -11.28
CA LEU F 90 0.09 30.13 -11.28
C LEU F 90 0.61 30.33 -9.87
N ARG F 91 1.33 29.33 -9.36
CA ARG F 91 1.87 29.44 -8.00
C ARG F 91 3.30 29.97 -7.97
N ILE F 92 3.51 30.97 -7.12
CA ILE F 92 4.84 31.52 -6.88
C ILE F 92 5.20 31.41 -5.40
N GLY F 93 6.44 31.03 -5.13
CA GLY F 93 6.92 30.96 -3.76
C GLY F 93 8.41 30.74 -3.69
N THR F 94 8.89 30.33 -2.53
CA THR F 94 10.31 30.05 -2.34
C THR F 94 10.52 28.57 -2.04
N THR F 95 11.71 28.08 -2.34
CA THR F 95 11.99 26.65 -2.22
C THR F 95 13.38 26.37 -1.67
N GLY F 96 13.66 25.09 -1.45
CA GLY F 96 14.97 24.65 -1.00
C GLY F 96 15.66 23.79 -2.03
N ALA F 97 16.79 24.26 -2.53
CA ALA F 97 17.49 23.58 -3.62
C ALA F 97 18.26 22.36 -3.16
N ILE F 98 18.44 21.41 -4.09
CA ILE F 98 19.12 20.15 -3.78
C ILE F 98 20.38 20.01 -4.64
N GLN F 99 20.51 20.86 -5.65
CA GLN F 99 21.61 20.75 -6.59
C GLN F 99 22.66 21.84 -6.40
N PRO F 100 23.94 21.45 -6.37
CA PRO F 100 25.07 22.37 -6.18
C PRO F 100 25.21 23.37 -7.32
N HIS F 101 24.79 22.99 -8.52
CA HIS F 101 24.89 23.89 -9.67
C HIS F 101 23.83 24.99 -9.58
N ILE F 102 22.81 24.75 -8.77
CA ILE F 102 21.80 25.77 -8.51
C ILE F 102 22.26 26.67 -7.37
N ASN F 103 22.24 27.97 -7.61
CA ASN F 103 22.66 28.93 -6.59
C ASN F 103 21.47 29.65 -5.98
N VAL F 104 21.73 30.44 -4.94
CA VAL F 104 20.70 31.29 -4.36
C VAL F 104 20.52 32.52 -5.25
N GLY F 105 19.28 32.77 -5.64
CA GLY F 105 19.00 33.85 -6.56
C GLY F 105 18.53 33.33 -7.90
N ASP F 106 18.49 32.01 -8.02
CA ASP F 106 18.05 31.37 -9.25
C ASP F 106 16.64 30.83 -9.11
N VAL F 107 15.86 30.96 -10.19
CA VAL F 107 14.46 30.54 -10.18
C VAL F 107 14.29 29.14 -10.77
N LEU F 108 13.56 28.30 -10.05
CA LEU F 108 13.31 26.94 -10.51
C LEU F 108 11.87 26.78 -10.96
N VAL F 109 11.68 26.07 -12.06
CA VAL F 109 10.35 25.80 -12.59
C VAL F 109 10.08 24.30 -12.56
N THR F 110 8.86 23.94 -12.18
CA THR F 110 8.51 22.55 -11.96
C THR F 110 7.77 21.92 -13.13
N THR F 111 8.33 20.84 -13.68
CA THR F 111 7.65 20.04 -14.69
C THR F 111 6.61 19.15 -14.02
N ALA F 112 7.02 18.50 -12.94
CA ALA F 112 6.14 17.61 -12.20
C ALA F 112 6.55 17.48 -10.74
N SER F 113 5.61 17.06 -9.90
CA SER F 113 5.83 16.99 -8.46
C SER F 113 5.90 15.57 -7.91
N VAL F 114 6.91 15.30 -7.11
CA VAL F 114 6.97 14.07 -6.33
C VAL F 114 5.94 14.17 -5.22
N ARG F 115 4.87 13.39 -5.32
CA ARG F 115 3.73 13.59 -4.42
C ARG F 115 3.95 12.91 -3.09
N LEU F 116 4.64 13.62 -2.19
CA LEU F 116 4.82 13.13 -0.84
C LEU F 116 3.59 13.42 0.00
N ASP F 117 2.80 14.39 -0.46
CA ASP F 117 1.60 14.80 0.24
C ASP F 117 0.50 13.75 0.16
N GLY F 118 -0.65 14.04 0.77
CA GLY F 118 -1.77 13.12 0.75
C GLY F 118 -3.06 13.75 0.24
N ALA F 119 -3.05 15.08 0.11
CA ALA F 119 -4.23 15.80 -0.38
C ALA F 119 -4.44 15.52 -1.85
N SER F 120 -3.37 15.18 -2.55
CA SER F 120 -3.43 14.88 -3.97
C SER F 120 -4.22 13.60 -4.22
N LEU F 121 -4.18 12.69 -3.26
CA LEU F 121 -4.88 11.41 -3.36
C LEU F 121 -6.39 11.59 -3.37
N HIS F 122 -6.85 12.75 -2.93
CA HIS F 122 -8.28 13.05 -2.89
C HIS F 122 -8.79 13.45 -4.27
N PHE F 123 -7.86 13.69 -5.20
CA PHE F 123 -8.23 14.07 -6.56
C PHE F 123 -7.89 12.97 -7.54
N ALA F 124 -6.76 12.31 -7.30
CA ALA F 124 -6.31 11.21 -8.15
C ALA F 124 -5.41 10.29 -7.35
N PRO F 125 -5.53 8.97 -7.58
CA PRO F 125 -4.71 7.97 -6.88
C PRO F 125 -3.23 8.16 -7.18
N MET F 126 -2.39 7.52 -6.37
CA MET F 126 -0.94 7.67 -6.44
C MET F 126 -0.38 7.45 -7.85
N GLU F 127 -0.98 6.52 -8.58
CA GLU F 127 -0.51 6.17 -9.92
C GLU F 127 -0.52 7.34 -10.88
N PHE F 128 -1.48 8.25 -10.70
CA PHE F 128 -1.58 9.43 -11.55
C PHE F 128 -0.44 10.40 -11.26
N PRO F 129 0.20 10.92 -12.33
CA PRO F 129 1.35 11.82 -12.18
C PRO F 129 0.92 13.25 -11.84
N ALA F 130 1.79 13.99 -11.18
CA ALA F 130 1.49 15.37 -10.81
C ALA F 130 2.15 16.35 -11.77
N VAL F 131 1.52 16.57 -12.92
CA VAL F 131 2.12 17.38 -13.98
C VAL F 131 1.51 18.78 -14.07
N ALA F 132 2.32 19.76 -14.44
CA ALA F 132 1.84 21.11 -14.71
C ALA F 132 1.55 21.27 -16.20
N ASP F 133 0.62 22.17 -16.52
CA ASP F 133 0.22 22.39 -17.91
C ASP F 133 1.37 22.86 -18.78
N PHE F 134 1.49 22.25 -19.95
CA PHE F 134 2.58 22.57 -20.87
C PHE F 134 2.46 23.99 -21.40
N ALA F 135 1.22 24.42 -21.65
CA ALA F 135 0.97 25.79 -22.08
C ALA F 135 1.41 26.76 -20.99
N CYS F 136 1.14 26.41 -19.74
CA CYS F 136 1.60 27.20 -18.60
C CYS F 136 3.11 27.07 -18.44
N THR F 137 3.60 25.84 -18.58
CA THR F 137 5.02 25.57 -18.40
C THR F 137 5.87 26.30 -19.44
N THR F 138 5.40 26.30 -20.68
CA THR F 138 6.09 27.02 -21.75
C THR F 138 6.23 28.49 -21.38
N ALA F 139 5.13 29.10 -20.97
CA ALA F 139 5.13 30.49 -20.56
C ALA F 139 6.11 30.74 -19.43
N LEU F 140 6.08 29.87 -18.42
CA LEU F 140 6.96 30.00 -17.26
C LEU F 140 8.42 29.99 -17.66
N VAL F 141 8.81 29.04 -18.51
CA VAL F 141 10.18 28.97 -18.99
C VAL F 141 10.44 30.14 -19.93
N GLU F 142 9.44 30.50 -20.72
CA GLU F 142 9.57 31.63 -21.64
C GLU F 142 9.27 32.97 -20.97
N ALA F 143 9.19 32.97 -19.65
CA ALA F 143 9.09 34.22 -18.89
C ALA F 143 10.38 34.43 -18.12
N ALA F 144 10.94 33.34 -17.61
CA ALA F 144 12.19 33.39 -16.88
C ALA F 144 13.34 33.75 -17.81
N LYS F 145 13.20 33.40 -19.08
CA LYS F 145 14.18 33.79 -20.08
C LYS F 145 13.83 35.16 -20.64
N SER F 146 12.55 35.50 -20.60
CA SER F 146 12.11 36.84 -21.00
C SER F 146 12.66 37.86 -20.02
N ILE F 147 12.79 37.44 -18.76
CA ILE F 147 13.54 38.19 -17.78
C ILE F 147 15.02 37.93 -18.03
N GLY F 148 15.35 36.66 -18.24
CA GLY F 148 16.70 36.26 -18.56
C GLY F 148 17.53 35.94 -17.34
N ALA F 149 16.86 35.57 -16.26
CA ALA F 149 17.56 35.14 -15.05
C ALA F 149 17.99 33.69 -15.22
N THR F 150 19.00 33.29 -14.44
CA THR F 150 19.48 31.93 -14.45
C THR F 150 18.34 31.00 -14.05
N THR F 151 17.94 30.13 -14.96
CA THR F 151 16.75 29.31 -14.75
C THR F 151 16.97 27.84 -15.12
N HIS F 152 16.41 26.94 -14.32
CA HIS F 152 16.54 25.51 -14.57
C HIS F 152 15.20 24.80 -14.41
N VAL F 153 14.95 23.83 -15.29
CA VAL F 153 13.67 23.13 -15.33
C VAL F 153 13.84 21.66 -14.92
N GLY F 154 12.89 21.15 -14.15
CA GLY F 154 12.95 19.77 -13.71
C GLY F 154 11.83 19.34 -12.78
N VAL F 155 12.16 18.43 -11.86
CA VAL F 155 11.19 17.83 -10.96
C VAL F 155 11.30 18.41 -9.54
N THR F 156 10.15 18.54 -8.88
CA THR F 156 10.11 19.07 -7.51
C THR F 156 9.46 18.07 -6.57
N ALA F 157 9.99 17.96 -5.35
CA ALA F 157 9.38 17.10 -4.34
C ALA F 157 8.49 17.91 -3.41
N SER F 158 7.23 17.51 -3.29
CA SER F 158 6.27 18.25 -2.50
C SER F 158 5.87 17.51 -1.22
N SER F 159 6.58 17.83 -0.13
CA SER F 159 6.31 17.22 1.16
C SER F 159 5.02 17.74 1.78
N ASP F 160 4.46 16.97 2.71
CA ASP F 160 3.25 17.38 3.42
C ASP F 160 3.66 18.05 4.73
N THR F 161 4.94 17.93 5.08
CA THR F 161 5.47 18.54 6.29
C THR F 161 6.75 19.29 5.99
N PHE F 162 6.99 20.35 6.75
CA PHE F 162 8.21 21.13 6.63
C PHE F 162 9.50 20.46 7.06
N TYR F 163 9.47 19.74 8.18
CA TYR F 163 10.76 19.32 8.69
C TYR F 163 11.19 17.91 8.35
N PRO F 164 10.36 16.96 8.73
CA PRO F 164 10.58 15.55 8.50
C PRO F 164 10.51 15.14 7.06
N GLY F 165 9.53 15.66 6.37
CA GLY F 165 9.34 15.40 4.95
C GLY F 165 10.46 15.97 4.10
N GLN F 166 11.21 16.92 4.66
CA GLN F 166 12.33 17.51 3.97
C GLN F 166 13.63 17.13 4.68
N GLU F 167 13.53 16.11 5.53
CA GLU F 167 14.69 15.51 6.21
C GLU F 167 15.51 16.52 7.01
N ARG F 168 14.87 17.15 7.98
CA ARG F 168 15.56 18.11 8.84
C ARG F 168 15.76 17.54 10.23
N TYR F 169 17.01 17.53 10.69
CA TYR F 169 17.38 16.90 11.96
C TYR F 169 17.60 17.90 13.10
N ASP F 170 17.46 19.19 12.79
CA ASP F 170 17.66 20.23 13.79
C ASP F 170 16.45 20.36 14.72
N THR F 171 15.43 19.56 14.43
CA THR F 171 14.16 19.60 15.16
C THR F 171 14.26 19.10 16.59
N TYR F 172 13.17 19.29 17.33
CA TYR F 172 13.08 18.91 18.73
C TYR F 172 13.37 17.42 18.96
N SER F 173 12.91 16.58 18.05
CA SER F 173 13.18 15.15 18.14
C SER F 173 14.56 14.83 17.59
N GLY F 174 14.79 15.18 16.33
CA GLY F 174 16.05 14.89 15.68
C GLY F 174 16.04 13.51 15.06
N ARG F 175 14.85 12.92 14.96
CA ARG F 175 14.68 11.61 14.35
C ARG F 175 13.72 11.69 13.18
N VAL F 176 13.77 10.71 12.29
CA VAL F 176 12.95 10.71 11.08
C VAL F 176 12.56 9.28 10.70
N VAL F 177 11.35 9.15 10.20
CA VAL F 177 10.82 7.88 9.86
C VAL F 177 11.62 7.24 8.74
N ARG F 178 11.58 5.91 8.68
CA ARG F 178 12.48 5.16 7.82
C ARG F 178 12.28 5.56 6.38
N ARG F 179 11.02 5.75 6.00
CA ARG F 179 10.70 6.12 4.67
C ARG F 179 11.42 7.39 4.32
N PHE F 180 11.55 8.31 5.24
CA PHE F 180 12.19 9.59 4.99
C PHE F 180 13.63 9.62 5.50
N LYS F 181 14.05 8.58 6.21
CA LYS F 181 15.41 8.51 6.72
C LYS F 181 16.40 8.19 5.61
N GLY F 182 17.11 9.22 5.15
CA GLY F 182 18.05 9.06 4.05
C GLY F 182 17.36 9.18 2.71
N SER F 183 16.13 9.69 2.73
CA SER F 183 15.35 9.84 1.51
C SER F 183 15.85 11.00 0.66
N MET F 184 16.31 12.06 1.34
CA MET F 184 16.81 13.23 0.62
C MET F 184 18.06 12.86 -0.18
N GLU F 185 18.88 11.97 0.38
CA GLU F 185 20.02 11.44 -0.34
C GLU F 185 19.54 10.58 -1.50
N GLU F 186 18.44 9.85 -1.28
CA GLU F 186 17.84 9.06 -2.34
C GLU F 186 17.28 10.00 -3.41
N TRP F 187 16.78 11.16 -2.98
CA TRP F 187 16.25 12.14 -3.91
C TRP F 187 17.32 12.84 -4.73
N GLN F 188 18.57 12.74 -4.29
CA GLN F 188 19.69 13.38 -4.99
C GLN F 188 19.84 12.82 -6.40
N ALA F 189 19.91 11.50 -6.49
CA ALA F 189 20.12 10.85 -7.78
C ALA F 189 18.86 10.88 -8.64
N MET F 190 17.69 10.97 -8.00
CA MET F 190 16.43 11.05 -8.72
C MET F 190 16.34 12.35 -9.54
N GLY F 191 17.14 13.34 -9.15
CA GLY F 191 17.25 14.57 -9.91
C GLY F 191 16.27 15.67 -9.52
N VAL F 192 15.78 15.62 -8.29
CA VAL F 192 14.87 16.64 -7.79
C VAL F 192 15.61 17.94 -7.50
N MET F 193 15.09 19.05 -8.02
CA MET F 193 15.72 20.35 -7.83
C MET F 193 15.39 20.96 -6.48
N ASN F 194 14.11 20.96 -6.14
CA ASN F 194 13.65 21.77 -5.02
C ASN F 194 12.62 21.10 -4.12
N TYR F 195 12.45 21.68 -2.94
CA TYR F 195 11.42 21.26 -1.99
C TYR F 195 10.41 22.39 -1.78
N GLU F 196 9.14 22.09 -1.95
CA GLU F 196 8.09 23.04 -1.58
C GLU F 196 6.88 22.27 -1.13
N MET F 197 5.88 22.94 -0.65
CA MET F 197 4.83 22.27 0.04
C MET F 197 3.45 22.41 -0.57
N GLU F 198 3.33 23.05 -1.71
CA GLU F 198 1.99 23.18 -2.25
C GLU F 198 1.73 22.59 -3.66
N SER F 199 2.76 22.26 -4.40
CA SER F 199 2.55 21.88 -5.79
C SER F 199 1.78 20.60 -6.07
N ALA F 200 2.12 19.53 -5.36
CA ALA F 200 1.55 18.20 -5.61
C ALA F 200 0.03 18.19 -5.57
N THR F 201 -0.54 18.90 -4.60
CA THR F 201 -1.99 19.01 -4.51
C THR F 201 -2.52 19.90 -5.62
N LEU F 202 -1.81 21.00 -5.87
CA LEU F 202 -2.18 21.96 -6.91
C LEU F 202 -2.18 21.32 -8.30
N LEU F 203 -1.11 20.60 -8.62
CA LEU F 203 -0.96 20.06 -9.97
C LEU F 203 -1.87 18.87 -10.23
N THR F 204 -2.08 18.04 -9.22
CA THR F 204 -2.92 16.86 -9.37
C THR F 204 -4.39 17.25 -9.44
N MET F 205 -4.78 18.25 -8.68
CA MET F 205 -6.18 18.70 -8.68
C MET F 205 -6.53 19.40 -9.98
N CYS F 206 -5.54 19.98 -10.64
CA CYS F 206 -5.78 20.68 -11.89
C CYS F 206 -5.70 19.74 -13.09
N ALA F 207 -4.75 18.83 -13.06
CA ALA F 207 -4.59 17.86 -14.14
C ALA F 207 -5.74 16.85 -14.17
N SER F 208 -6.35 16.63 -13.03
CA SER F 208 -7.41 15.63 -12.91
C SER F 208 -8.81 16.23 -12.97
N GLN F 209 -8.89 17.53 -13.24
CA GLN F 209 -10.18 18.20 -13.35
C GLN F 209 -10.26 19.01 -14.64
N GLY F 210 -9.26 18.83 -15.50
CA GLY F 210 -9.21 19.55 -16.77
C GLY F 210 -8.88 21.01 -16.57
N LEU F 211 -7.96 21.28 -15.63
CA LEU F 211 -7.56 22.64 -15.33
C LEU F 211 -6.09 22.86 -15.64
N ARG F 212 -5.76 24.06 -16.08
CA ARG F 212 -4.38 24.40 -16.41
C ARG F 212 -3.76 25.16 -15.24
N ALA F 213 -2.55 24.76 -14.86
CA ALA F 213 -1.87 25.39 -13.74
C ALA F 213 -0.36 25.38 -13.95
N GLY F 214 0.29 26.45 -13.50
CA GLY F 214 1.73 26.57 -13.61
C GLY F 214 2.39 26.68 -12.26
N MET F 215 3.67 26.34 -12.23
CA MET F 215 4.43 26.35 -10.99
C MET F 215 5.79 26.99 -11.19
N VAL F 216 6.11 27.97 -10.35
CA VAL F 216 7.38 28.67 -10.43
C VAL F 216 7.85 29.06 -9.03
N ALA F 217 9.16 29.00 -8.80
CA ALA F 217 9.71 29.31 -7.48
C ALA F 217 11.16 29.75 -7.51
N GLY F 218 11.51 30.68 -6.63
CA GLY F 218 12.88 31.11 -6.46
C GLY F 218 13.54 30.35 -5.31
N VAL F 219 14.83 30.57 -5.12
CA VAL F 219 15.58 29.86 -4.08
C VAL F 219 16.19 30.81 -3.06
N ILE F 220 15.85 30.60 -1.79
CA ILE F 220 16.44 31.36 -0.70
C ILE F 220 17.44 30.50 0.07
N VAL F 221 17.49 29.22 -0.26
CA VAL F 221 18.37 28.29 0.43
C VAL F 221 18.59 27.02 -0.38
N ASN F 222 19.84 26.54 -0.37
CA ASN F 222 20.18 25.25 -0.98
C ASN F 222 20.49 24.28 0.15
N ARG F 223 19.81 23.14 0.16
CA ARG F 223 19.95 22.16 1.23
C ARG F 223 21.40 21.72 1.42
N THR F 224 22.11 21.56 0.31
CA THR F 224 23.52 21.20 0.36
C THR F 224 24.34 22.36 0.90
N GLN F 225 23.95 23.57 0.51
CA GLN F 225 24.64 24.77 0.95
C GLN F 225 24.37 25.02 2.42
N GLN F 226 25.44 25.21 3.17
CA GLN F 226 25.36 25.46 4.60
C GLN F 226 25.42 26.95 4.87
N GLU F 227 24.97 27.74 3.91
CA GLU F 227 25.09 29.19 4.04
C GLU F 227 23.77 29.94 4.23
N ILE F 228 23.84 30.97 5.07
CA ILE F 228 22.74 31.89 5.33
C ILE F 228 22.71 32.93 4.21
N PRO F 229 21.53 33.23 3.71
CA PRO F 229 21.35 34.21 2.67
C PRO F 229 21.74 35.62 3.09
N ASN F 230 22.17 36.41 2.13
CA ASN F 230 22.59 37.78 2.40
C ASN F 230 21.40 38.56 2.83
N ALA F 231 21.64 39.57 3.63
CA ALA F 231 20.65 40.01 4.57
C ALA F 231 19.47 40.71 3.92
N GLU F 232 18.39 39.95 3.89
CA GLU F 232 17.03 40.42 3.84
C GLU F 232 16.80 41.56 2.88
N THR F 233 17.62 41.64 1.83
CA THR F 233 17.29 42.50 0.70
C THR F 233 17.56 41.78 -0.62
N MET F 234 18.33 40.69 -0.56
CA MET F 234 18.74 39.97 -1.75
C MET F 234 17.66 39.00 -2.22
N HIS F 240 12.12 39.04 -9.09
CA HIS F 240 12.32 38.26 -10.32
C HIS F 240 11.23 37.21 -10.42
N ALA F 241 11.04 36.48 -9.33
CA ALA F 241 10.05 35.42 -9.26
C ALA F 241 8.63 35.97 -9.38
N VAL F 242 8.42 37.20 -8.92
CA VAL F 242 7.10 37.83 -9.01
C VAL F 242 6.87 38.45 -10.38
N LYS F 243 7.87 39.16 -10.89
CA LYS F 243 7.79 39.79 -12.20
C LYS F 243 7.56 38.74 -13.29
N ILE F 244 8.17 37.58 -13.13
CA ILE F 244 8.00 36.48 -14.05
C ILE F 244 6.54 36.05 -14.10
N VAL F 245 5.95 35.88 -12.91
CA VAL F 245 4.58 35.41 -12.79
C VAL F 245 3.58 36.25 -13.57
N VAL F 246 3.64 37.57 -13.41
CA VAL F 246 2.78 38.46 -14.15
C VAL F 246 3.06 38.33 -15.65
N GLU F 247 4.33 38.22 -16.01
CA GLU F 247 4.74 38.02 -17.39
C GLU F 247 4.26 36.66 -17.88
N ALA F 248 4.39 35.64 -17.03
CA ALA F 248 3.92 34.32 -17.35
C ALA F 248 2.40 34.31 -17.45
N ALA F 249 1.76 35.12 -16.61
CA ALA F 249 0.31 35.25 -16.64
C ALA F 249 -0.13 35.99 -17.90
N ARG F 250 0.69 36.94 -18.33
CA ARG F 250 0.38 37.75 -19.50
C ARG F 250 0.23 36.89 -20.76
N ARG F 251 1.11 35.90 -20.91
CA ARG F 251 1.16 35.07 -22.09
C ARG F 251 -0.16 34.34 -22.36
N LEU F 252 -0.64 33.60 -21.37
CA LEU F 252 -1.86 32.83 -21.55
C LEU F 252 -3.11 33.68 -21.36
N LEU F 253 -2.91 34.92 -20.93
CA LEU F 253 -4.02 35.84 -20.70
C LEU F 253 -4.74 36.17 -22.01
O5' THM G . 3.84 0.79 -28.88
C5' THM G . 3.07 -0.35 -28.98
C4' THM G . 2.39 -0.61 -27.70
O4' THM G . 1.12 -0.06 -27.70
C3' THM G . 2.25 -2.07 -27.46
O3' THM G . 3.03 -2.45 -26.39
C2' THM G . 0.83 -2.28 -27.15
C1' THM G . 0.31 -0.89 -26.94
N1 THM G . -1.07 -0.75 -27.30
C2 THM G . -2.04 -0.48 -26.28
O2 THM G . -1.67 -0.37 -25.13
N3 THM G . -3.41 -0.36 -26.61
C4 THM G . -3.81 -0.50 -27.93
O4 THM G . -5.00 -0.38 -28.20
C5 THM G . -2.83 -0.79 -28.99
C5M THM G . -3.25 -0.93 -30.40
C6 THM G . -1.49 -0.90 -28.67
C1 IPA H . 16.00 25.51 -31.74
C2 IPA H . 17.19 25.48 -30.78
C3 IPA H . 18.31 24.60 -31.33
O2 IPA H . 16.79 25.00 -29.53
C1 EDO I . 11.76 -9.09 -37.79
O1 EDO I . 11.90 -8.39 -36.55
C2 EDO I . 12.26 -10.51 -37.61
O2 EDO I . 11.16 -11.42 -37.54
O5' THM J . 17.51 -12.24 -21.54
C5' THM J . 16.46 -12.92 -22.09
C4' THM J . 15.63 -13.58 -21.03
O4' THM J . 16.45 -14.21 -20.09
C3' THM J . 14.76 -12.60 -20.31
O3' THM J . 13.51 -13.14 -20.15
C2' THM J . 15.39 -12.44 -19.00
C1' THM J . 16.11 -13.75 -18.83
N1 THM J . 17.29 -13.60 -18.01
C2 THM J . 17.14 -13.54 -16.59
O2 THM J . 16.02 -13.63 -16.09
N3 THM J . 18.28 -13.39 -15.75
C4 THM J . 19.55 -13.29 -16.34
O4 THM J . 20.54 -13.17 -15.63
C5 THM J . 19.71 -13.35 -17.80
C5M THM J . 21.05 -13.24 -18.39
C6 THM J . 18.60 -13.50 -18.60
C1 EDO K . -11.41 -27.75 -11.13
O1 EDO K . -12.70 -27.31 -10.69
C2 EDO K . -10.54 -28.08 -9.94
O2 EDO K . -9.25 -28.48 -10.38
O5' THM L . 0.55 -16.25 25.38
C5' THM L . 1.16 -15.16 25.94
C4' THM L . 0.30 -13.98 25.74
O4' THM L . 0.93 -12.82 26.19
C3' THM L . 0.02 -13.82 24.30
O3' THM L . -1.22 -13.25 24.14
C2' THM L . 1.07 -12.92 23.84
C1' THM L . 1.41 -12.13 25.08
N1 THM L . 2.83 -11.90 25.22
C2 THM L . 3.46 -10.90 24.41
O2 THM L . 2.78 -10.26 23.61
N3 THM L . 4.85 -10.66 24.53
C4 THM L . 5.61 -11.40 25.44
O4 THM L . 6.81 -11.19 25.54
C5 THM L . 4.97 -12.44 26.28
C5M THM L . 5.77 -13.20 27.24
C6 THM L . 3.61 -12.66 26.16
C1 PEG M . 13.21 -8.40 43.05
O1 PEG M . 13.95 -9.52 42.72
C2 PEG M . 11.75 -8.68 42.95
O2 PEG M . 11.05 -8.09 43.98
C3 PEG M . 11.09 -6.73 44.17
C4 PEG M . 9.79 -6.09 43.81
O4 PEG M . 9.96 -4.74 43.60
O5' THM N . -10.13 23.39 12.29
C5' THM N . -11.49 23.12 12.02
C4' THM N . -11.59 22.40 10.69
O4' THM N . -12.89 21.98 10.50
C3' THM N . -11.43 23.34 9.54
O3' THM N . -10.09 23.37 9.12
C2' THM N . -12.33 22.75 8.48
C1' THM N . -12.93 21.59 9.18
N1 THM N . -14.29 21.51 8.85
C2 THM N . -14.76 20.39 8.21
O2 THM N . -13.98 19.51 7.95
N3 THM N . -16.03 20.30 7.87
C4 THM N . -16.85 21.26 8.16
O4 THM N . -18.04 21.21 7.87
C5 THM N . -16.35 22.43 8.83
C5M THM N . -17.31 23.53 9.15
C6 THM N . -15.03 22.50 9.16
O1 PG4 O . 7.88 9.26 29.73
C1 PG4 O . 6.70 9.03 29.03
C2 PG4 O . 6.04 10.32 28.68
O2 PG4 O . 4.86 10.10 28.01
C3 PG4 O . 4.10 11.14 27.54
C4 PG4 O . 2.95 10.53 26.83
O3 PG4 O . 3.31 9.24 26.50
C5 PG4 O . 2.38 8.24 26.52
C6 PG4 O . 1.87 7.93 25.15
O4 PG4 O . 0.83 8.80 24.89
C7 PG4 O . -0.07 8.53 23.89
C8 PG4 O . -1.29 9.35 24.11
O5 PG4 O . -2.42 8.82 23.51
C1 EDO P . -24.79 36.14 9.40
O1 EDO P . -23.40 35.95 9.72
C2 EDO P . -25.06 37.61 9.08
O2 EDO P . -26.41 37.78 8.65
O5' THM Q . 8.15 29.93 4.15
C5' THM Q . 7.46 28.73 4.29
C4' THM Q . 7.13 28.14 2.98
O4' THM Q . 8.27 28.03 2.17
C3' THM Q . 6.56 26.78 3.11
O3' THM Q . 5.62 26.59 2.14
C2' THM Q . 7.71 25.89 2.91
C1' THM Q . 8.60 26.69 2.01
N1 THM Q . 10.01 26.48 2.28
C2 THM Q . 10.68 25.37 1.67
O2 THM Q . 10.06 24.63 0.94
N3 THM Q . 12.07 25.15 1.90
C4 THM Q . 12.78 26.03 2.74
O4 THM Q . 13.96 25.85 2.94
C5 THM Q . 12.08 27.18 3.36
C5M THM Q . 12.83 28.09 4.24
C6 THM Q . 10.74 27.38 3.13
K K R . -2.41 26.70 6.12
C1 EDO S . 19.53 19.05 -13.93
O1 EDO S . 20.71 19.36 -13.19
C2 EDO S . 18.52 20.18 -13.76
O2 EDO S . 17.33 19.87 -14.50
#